data_5TV3
#
_entry.id   5TV3
#
_cell.length_a   41.560
_cell.length_b   133.890
_cell.length_c   166.600
_cell.angle_alpha   90.000
_cell.angle_beta   90.300
_cell.angle_gamma   90.000
#
_symmetry.space_group_name_H-M   'P 1 21 1'
#
loop_
_entity.id
_entity.type
_entity.pdbx_description
1 polymer 'Alpha-carbonic anhydrase'
2 non-polymer 'ZINC ION'
3 non-polymer (5Z)-5-{[(4-tert-butylphenyl)sulfonyl]imino}-4-methyl-4,5-dihydro-1,3,4-thiadiazole-2-sulfonamide
4 non-polymer GLYCEROL
5 non-polymer 'CHLORIDE ION'
#
_entity_poly.entity_id   1
_entity_poly.type   'polypeptide(L)'
_entity_poly.pdbx_seq_one_letter_code
;GIDPFTNTKWDYKNKENGPHRWDKLHKDFEVCKSGKSQSPINIEHYYHTQDKADLQFKYAASKPKAVFFTHHTLKASFEP
TNHINYRGHDYVLDNVHFHAPMEFLINNKTRPLSAHFVHKDAKGRLLVLAIGFEEGKENPNLDPILEGIQKKQNFKEVAL
DAFLPKSINYYHFNGSLTAPPCTEGVAWFVIEEPLEVSAKQLAEIKKRMKNSPNQRPVQPDYNTVIIKSSAETR
;
_entity_poly.pdbx_strand_id   A,B,C,D,E,F,G,H
#
# COMPACT_ATOMS: atom_id res chain seq x y z
N LYS A 9 -14.54 -8.62 8.28
CA LYS A 9 -13.43 -8.49 9.21
C LYS A 9 -13.29 -7.06 9.67
N TRP A 10 -13.67 -6.12 8.81
CA TRP A 10 -13.50 -4.71 9.15
C TRP A 10 -14.56 -4.31 10.18
N ASP A 11 -14.11 -3.79 11.29
CA ASP A 11 -15.03 -3.40 12.34
C ASP A 11 -14.46 -2.17 13.02
N TYR A 12 -15.15 -1.68 14.04
CA TYR A 12 -14.78 -0.38 14.58
C TYR A 12 -13.92 -0.53 15.80
N LYS A 13 -13.64 -1.78 16.18
CA LYS A 13 -12.81 -2.09 17.33
C LYS A 13 -11.34 -1.94 16.90
N ASN A 14 -10.61 -1.15 17.68
CA ASN A 14 -9.39 -0.47 17.28
C ASN A 14 -8.28 -1.51 17.38
N LYS A 15 -8.48 -2.67 16.77
CA LYS A 15 -7.44 -3.67 16.74
C LYS A 15 -6.86 -3.62 15.34
N GLU A 16 -6.93 -4.76 14.68
CA GLU A 16 -6.24 -4.98 13.44
C GLU A 16 -7.15 -4.38 12.38
N ASN A 17 -8.41 -4.30 12.76
CA ASN A 17 -9.51 -3.90 11.89
C ASN A 17 -9.99 -2.45 12.00
N GLY A 18 -9.25 -1.60 12.69
CA GLY A 18 -9.71 -0.25 12.94
C GLY A 18 -9.96 0.57 11.67
N PRO A 19 -10.84 1.57 11.79
CA PRO A 19 -11.36 2.32 10.65
C PRO A 19 -10.39 3.14 9.80
N HIS A 20 -9.37 3.79 10.34
CA HIS A 20 -8.50 4.50 9.41
C HIS A 20 -7.61 3.44 8.80
N ARG A 21 -7.45 2.37 9.57
CA ARG A 21 -6.60 1.25 9.20
C ARG A 21 -7.23 0.36 8.15
N TRP A 22 -8.31 0.86 7.56
CA TRP A 22 -9.05 0.12 6.54
C TRP A 22 -8.27 -0.16 5.26
N ASP A 23 -7.37 0.75 4.89
CA ASP A 23 -6.65 0.65 3.64
C ASP A 23 -5.86 -0.65 3.63
N LYS A 24 -5.58 -1.16 4.83
CA LYS A 24 -4.79 -2.36 4.99
C LYS A 24 -5.68 -3.58 5.27
N LEU A 25 -6.90 -3.61 4.71
CA LEU A 25 -7.77 -4.79 4.82
C LEU A 25 -8.00 -5.45 3.45
N HIS A 26 -8.28 -4.60 2.46
CA HIS A 26 -8.30 -4.93 1.05
C HIS A 26 -7.45 -3.78 0.55
N LYS A 27 -6.85 -3.88 -0.61
CA LYS A 27 -6.17 -2.70 -1.12
C LYS A 27 -7.20 -1.97 -1.94
N ASP A 28 -8.41 -2.53 -1.93
CA ASP A 28 -9.60 -1.85 -2.40
C ASP A 28 -9.94 -0.70 -1.45
N PHE A 29 -9.47 -0.77 -0.20
CA PHE A 29 -9.80 0.24 0.81
C PHE A 29 -8.74 1.32 0.88
N GLU A 30 -7.89 1.43 -0.13
CA GLU A 30 -6.79 2.38 -0.08
C GLU A 30 -7.28 3.83 -0.11
N VAL A 31 -8.44 4.06 -0.73
CA VAL A 31 -9.01 5.39 -0.82
C VAL A 31 -9.58 5.85 0.53
N CYS A 32 -9.81 4.89 1.42
CA CYS A 32 -10.26 5.20 2.75
C CYS A 32 -9.23 5.92 3.58
N LYS A 33 -7.99 5.94 3.12
CA LYS A 33 -6.95 6.67 3.83
C LYS A 33 -6.31 7.62 2.84
N SER A 34 -6.23 7.19 1.59
CA SER A 34 -5.57 8.00 0.57
C SER A 34 -6.57 8.98 -0.05
N GLY A 35 -7.85 8.78 0.21
CA GLY A 35 -8.88 9.64 -0.35
C GLY A 35 -8.91 11.05 0.21
N LYS A 36 -9.25 12.01 -0.65
CA LYS A 36 -9.25 13.42 -0.28
C LYS A 36 -10.63 14.00 -0.01
N SER A 37 -11.67 13.31 -0.47
CA SER A 37 -13.04 13.76 -0.28
CA SER A 37 -13.04 13.77 -0.27
C SER A 37 -13.80 12.83 0.66
N GLN A 38 -13.17 12.51 1.79
CA GLN A 38 -13.68 11.44 2.66
C GLN A 38 -14.68 11.86 3.72
N SER A 39 -15.72 11.03 3.86
CA SER A 39 -16.83 11.23 4.76
C SER A 39 -16.73 10.22 5.86
N PRO A 40 -17.18 10.56 7.06
CA PRO A 40 -17.89 11.78 7.47
C PRO A 40 -16.99 12.90 7.94
N ILE A 41 -17.60 14.07 8.08
CA ILE A 41 -16.96 15.30 8.55
C ILE A 41 -17.91 16.18 9.39
N ASN A 42 -17.35 17.23 10.00
CA ASN A 42 -18.10 18.21 10.76
C ASN A 42 -18.73 19.25 9.85
N ILE A 43 -20.05 19.28 9.74
CA ILE A 43 -20.65 20.28 8.88
C ILE A 43 -20.70 21.53 9.70
N GLU A 44 -19.69 22.38 9.49
CA GLU A 44 -19.48 23.60 10.28
C GLU A 44 -19.14 24.86 9.48
N HIS A 45 -18.67 24.71 8.25
CA HIS A 45 -18.47 25.86 7.36
C HIS A 45 -19.25 25.62 6.07
N TYR A 46 -20.12 26.54 5.69
CA TYR A 46 -21.01 26.30 4.54
C TYR A 46 -21.53 27.56 3.88
N TYR A 47 -22.18 27.36 2.75
CA TYR A 47 -22.71 28.46 1.94
C TYR A 47 -24.19 28.47 1.88
N HIS A 48 -24.75 29.62 2.23
CA HIS A 48 -26.16 29.84 2.20
C HIS A 48 -26.52 30.16 0.76
N THR A 49 -27.62 29.60 0.28
CA THR A 49 -28.02 29.76 -1.11
C THR A 49 -29.51 29.64 -1.34
N GLN A 50 -29.88 29.54 -2.61
CA GLN A 50 -31.28 29.51 -2.96
C GLN A 50 -31.76 28.09 -3.27
N ASP A 51 -32.88 28.04 -3.97
CA ASP A 51 -33.52 26.82 -4.39
C ASP A 51 -33.73 27.05 -5.86
N LYS A 52 -33.17 26.20 -6.71
CA LYS A 52 -33.42 26.34 -8.13
C LYS A 52 -34.47 25.30 -8.47
N ALA A 53 -35.02 24.70 -7.41
CA ALA A 53 -36.07 23.67 -7.48
C ALA A 53 -35.47 22.36 -7.98
N ASP A 54 -34.15 22.24 -7.81
CA ASP A 54 -33.33 21.11 -8.25
C ASP A 54 -33.74 19.67 -7.87
N LEU A 55 -33.83 19.36 -6.58
CA LEU A 55 -34.11 18.01 -6.08
C LEU A 55 -35.59 17.72 -5.93
N GLN A 56 -36.07 16.68 -6.61
CA GLN A 56 -37.50 16.41 -6.52
C GLN A 56 -37.84 15.00 -6.08
N PHE A 57 -38.97 14.88 -5.39
CA PHE A 57 -39.38 13.61 -4.84
C PHE A 57 -40.70 13.06 -5.29
N LYS A 58 -40.62 11.89 -5.90
CA LYS A 58 -41.76 11.06 -6.22
C LYS A 58 -41.67 9.74 -5.47
N TYR A 59 -41.51 9.82 -4.16
CA TYR A 59 -41.44 8.64 -3.29
C TYR A 59 -42.85 8.17 -3.00
N ALA A 60 -42.99 6.93 -2.55
CA ALA A 60 -44.28 6.41 -2.13
C ALA A 60 -44.06 5.41 -1.01
N ALA A 61 -45.07 5.20 -0.18
CA ALA A 61 -44.96 4.16 0.83
C ALA A 61 -44.89 2.80 0.12
N SER A 62 -43.81 2.05 0.33
CA SER A 62 -43.59 0.82 -0.43
C SER A 62 -43.13 -0.39 0.40
N LYS A 63 -43.55 -1.59 -0.04
CA LYS A 63 -43.13 -2.83 0.60
C LYS A 63 -41.75 -3.31 0.16
N PRO A 64 -40.86 -3.52 1.13
CA PRO A 64 -39.51 -4.04 0.96
C PRO A 64 -39.46 -5.42 0.32
N LYS A 65 -38.55 -5.57 -0.63
CA LYS A 65 -38.27 -6.86 -1.21
C LYS A 65 -37.58 -7.80 -0.20
N ALA A 66 -36.77 -7.22 0.68
CA ALA A 66 -36.07 -7.97 1.71
C ALA A 66 -35.61 -7.12 2.88
N VAL A 67 -35.56 -7.71 4.06
CA VAL A 67 -34.94 -7.09 5.24
C VAL A 67 -33.91 -8.01 5.86
N PHE A 68 -32.74 -7.48 6.18
CA PHE A 68 -31.67 -8.30 6.73
C PHE A 68 -30.63 -7.41 7.37
N PHE A 69 -29.86 -7.98 8.28
CA PHE A 69 -28.76 -7.27 8.89
C PHE A 69 -27.52 -7.50 8.06
N THR A 70 -26.76 -6.45 7.78
CA THR A 70 -25.52 -6.67 7.04
C THR A 70 -24.39 -5.70 7.31
N HIS A 71 -23.19 -6.25 7.41
CA HIS A 71 -21.96 -5.47 7.57
C HIS A 71 -22.07 -4.42 8.66
N HIS A 72 -22.33 -4.90 9.86
CA HIS A 72 -22.35 -4.12 11.10
C HIS A 72 -23.55 -3.20 11.22
N THR A 73 -24.47 -3.29 10.26
CA THR A 73 -25.69 -2.46 10.24
C THR A 73 -26.94 -3.14 9.71
N LEU A 74 -28.08 -2.54 10.05
CA LEU A 74 -29.35 -3.01 9.57
C LEU A 74 -29.63 -2.37 8.22
N LYS A 75 -30.28 -3.10 7.32
CA LYS A 75 -30.45 -2.64 5.95
C LYS A 75 -31.74 -3.20 5.35
N ALA A 76 -32.45 -2.39 4.57
CA ALA A 76 -33.63 -2.86 3.84
C ALA A 76 -33.54 -2.61 2.33
N SER A 77 -33.85 -3.60 1.51
CA SER A 77 -33.70 -3.48 0.06
C SER A 77 -35.03 -3.14 -0.60
N PHE A 78 -34.99 -2.56 -1.80
CA PHE A 78 -36.22 -2.08 -2.42
C PHE A 78 -36.30 -2.28 -3.91
N GLU A 79 -37.53 -2.47 -4.38
CA GLU A 79 -37.80 -2.54 -5.82
C GLU A 79 -37.50 -1.22 -6.51
N PRO A 80 -37.10 -1.28 -7.80
CA PRO A 80 -36.82 -0.07 -8.58
C PRO A 80 -38.11 0.60 -9.05
N THR A 81 -39.06 0.76 -8.16
CA THR A 81 -40.31 1.37 -8.53
C THR A 81 -40.26 2.76 -7.94
N ASN A 82 -39.30 2.96 -7.04
CA ASN A 82 -39.11 4.24 -6.35
C ASN A 82 -37.84 4.93 -6.81
N HIS A 83 -37.98 6.16 -7.28
CA HIS A 83 -36.88 6.87 -7.92
C HIS A 83 -36.69 8.28 -7.35
N ILE A 84 -35.53 8.88 -7.60
CA ILE A 84 -35.35 10.31 -7.37
C ILE A 84 -34.83 10.94 -8.64
N ASN A 85 -35.45 12.04 -9.04
CA ASN A 85 -35.01 12.77 -10.22
C ASN A 85 -34.34 14.06 -9.79
N TYR A 86 -33.11 14.29 -10.23
CA TYR A 86 -32.40 15.50 -9.84
C TYR A 86 -31.54 16.07 -10.95
N ARG A 87 -31.79 17.31 -11.38
CA ARG A 87 -31.01 17.91 -12.46
C ARG A 87 -31.00 17.08 -13.75
N GLY A 88 -32.03 16.28 -13.94
CA GLY A 88 -32.15 15.51 -15.16
C GLY A 88 -31.42 14.20 -15.00
N HIS A 89 -31.19 13.83 -13.76
CA HIS A 89 -30.44 12.63 -13.44
C HIS A 89 -31.28 11.82 -12.45
N ASP A 90 -31.97 10.79 -12.95
CA ASP A 90 -32.82 9.97 -12.10
C ASP A 90 -32.06 8.86 -11.36
N TYR A 91 -32.25 8.83 -10.03
CA TYR A 91 -31.69 7.80 -9.14
C TYR A 91 -32.73 6.87 -8.51
N VAL A 92 -32.35 5.64 -8.22
CA VAL A 92 -33.29 4.68 -7.63
C VAL A 92 -32.99 4.46 -6.15
N LEU A 93 -33.97 4.59 -5.26
CA LEU A 93 -33.69 4.24 -3.87
C LEU A 93 -33.45 2.75 -3.87
N ASP A 94 -32.26 2.39 -3.43
CA ASP A 94 -31.87 1.00 -3.41
C ASP A 94 -32.14 0.44 -2.01
N ASN A 95 -31.66 1.12 -0.98
CA ASN A 95 -31.85 0.56 0.35
C ASN A 95 -31.82 1.60 1.44
N VAL A 96 -32.15 1.17 2.65
CA VAL A 96 -32.12 2.03 3.83
CA VAL A 96 -32.06 2.05 3.81
C VAL A 96 -31.36 1.34 4.95
N HIS A 97 -30.28 1.94 5.41
CA HIS A 97 -29.53 1.34 6.49
C HIS A 97 -29.25 2.40 7.50
N PHE A 98 -28.77 2.00 8.66
CA PHE A 98 -28.76 2.91 9.79
C PHE A 98 -27.44 3.03 10.46
N HIS A 99 -27.24 4.17 11.10
CA HIS A 99 -26.06 4.42 11.90
C HIS A 99 -26.42 5.11 13.19
N ALA A 100 -25.88 4.59 14.29
CA ALA A 100 -26.09 5.17 15.60
C ALA A 100 -24.77 5.19 16.34
N PRO A 101 -24.22 6.38 16.61
CA PRO A 101 -24.79 7.70 16.28
C PRO A 101 -24.71 8.09 14.82
N MET A 102 -25.30 9.23 14.51
CA MET A 102 -25.19 9.85 13.20
C MET A 102 -23.74 10.18 12.83
N GLU A 103 -23.37 9.89 11.59
CA GLU A 103 -21.98 10.06 11.16
C GLU A 103 -21.60 11.51 10.82
N PHE A 104 -22.46 12.19 10.08
CA PHE A 104 -22.17 13.55 9.71
C PHE A 104 -22.55 14.38 10.89
N LEU A 105 -21.73 15.37 11.15
CA LEU A 105 -21.94 16.20 12.31
C LEU A 105 -22.50 17.51 11.82
N ILE A 106 -23.60 17.93 12.43
CA ILE A 106 -24.28 19.13 11.99
C ILE A 106 -24.00 20.30 12.88
N ASN A 107 -23.15 21.19 12.44
CA ASN A 107 -22.73 22.28 13.30
C ASN A 107 -22.29 21.67 14.63
N ASN A 108 -21.43 20.65 14.56
CA ASN A 108 -20.90 20.05 15.77
C ASN A 108 -22.01 19.49 16.64
N LYS A 109 -23.15 19.21 16.02
CA LYS A 109 -24.27 18.64 16.76
C LYS A 109 -24.31 17.13 16.65
N THR A 110 -24.52 16.52 17.81
CA THR A 110 -24.48 15.08 17.89
C THR A 110 -25.93 14.56 17.97
N ARG A 111 -26.23 13.58 17.12
CA ARG A 111 -27.53 12.90 17.15
C ARG A 111 -27.31 11.47 17.57
N PRO A 112 -28.25 10.90 18.32
CA PRO A 112 -28.06 9.48 18.66
C PRO A 112 -28.34 8.43 17.54
N LEU A 113 -28.72 8.79 16.32
CA LEU A 113 -28.98 7.81 15.25
C LEU A 113 -29.20 8.43 13.86
N SER A 114 -28.79 7.73 12.80
CA SER A 114 -29.17 8.17 11.46
C SER A 114 -29.76 7.03 10.64
N ALA A 115 -30.11 7.36 9.40
CA ALA A 115 -30.64 6.39 8.44
C ALA A 115 -30.22 6.85 7.06
N HIS A 116 -29.78 5.93 6.20
CA HIS A 116 -29.24 6.38 4.92
C HIS A 116 -30.01 5.86 3.74
N PHE A 117 -30.46 6.79 2.92
CA PHE A 117 -31.25 6.50 1.73
C PHE A 117 -30.35 6.48 0.53
N VAL A 118 -30.13 5.28 0.02
CA VAL A 118 -29.12 5.05 -0.99
C VAL A 118 -29.75 5.11 -2.35
N HIS A 119 -29.16 5.88 -3.23
CA HIS A 119 -29.76 5.98 -4.53
C HIS A 119 -28.72 5.74 -5.59
N LYS A 120 -29.21 5.34 -6.75
CA LYS A 120 -28.33 5.02 -7.87
C LYS A 120 -29.00 5.38 -9.17
N ASP A 121 -28.24 6.02 -10.04
CA ASP A 121 -28.70 6.30 -11.38
C ASP A 121 -28.28 5.11 -12.21
N ALA A 122 -28.50 5.17 -13.51
CA ALA A 122 -28.15 4.06 -14.37
C ALA A 122 -26.64 3.87 -14.25
N LYS A 123 -25.94 4.98 -14.00
CA LYS A 123 -24.48 4.97 -13.85
C LYS A 123 -24.02 4.41 -12.52
N GLY A 124 -22.79 4.79 -12.20
CA GLY A 124 -22.18 4.48 -10.93
C GLY A 124 -22.50 5.56 -9.92
N ARG A 125 -23.15 6.64 -10.33
CA ARG A 125 -23.32 7.74 -9.39
C ARG A 125 -24.24 7.43 -8.20
N LEU A 126 -23.82 7.90 -7.03
CA LEU A 126 -24.49 7.64 -5.76
C LEU A 126 -25.15 8.89 -5.20
N LEU A 127 -26.26 8.69 -4.49
CA LEU A 127 -26.94 9.80 -3.86
C LEU A 127 -27.48 9.37 -2.53
N VAL A 128 -26.89 9.89 -1.46
CA VAL A 128 -27.35 9.49 -0.16
C VAL A 128 -28.01 10.65 0.51
N LEU A 129 -29.07 10.30 1.22
CA LEU A 129 -29.99 11.23 1.79
C LEU A 129 -30.05 10.88 3.28
N ALA A 130 -29.46 11.74 4.11
CA ALA A 130 -29.30 11.41 5.53
C ALA A 130 -30.02 12.38 6.45
N ILE A 131 -30.63 11.81 7.48
CA ILE A 131 -31.43 12.56 8.42
C ILE A 131 -31.29 11.96 9.83
N GLY A 132 -31.38 12.78 10.88
CA GLY A 132 -31.09 12.33 12.25
C GLY A 132 -32.21 11.84 13.17
N PHE A 133 -31.83 11.21 14.30
CA PHE A 133 -32.78 10.79 15.33
C PHE A 133 -32.41 11.20 16.76
N GLU A 134 -33.29 11.91 17.46
CA GLU A 134 -33.09 12.23 18.88
C GLU A 134 -34.07 11.56 19.86
N GLU A 135 -33.55 11.30 21.07
CA GLU A 135 -34.28 10.73 22.20
C GLU A 135 -35.68 11.34 22.32
N GLY A 136 -36.67 10.56 22.72
CA GLY A 136 -37.96 11.18 22.90
C GLY A 136 -39.24 10.43 22.68
N LYS A 137 -39.82 10.70 21.52
CA LYS A 137 -41.13 10.23 21.16
C LYS A 137 -41.03 8.94 20.37
N GLU A 138 -42.15 8.25 20.27
CA GLU A 138 -42.13 7.01 19.55
C GLU A 138 -42.09 7.39 18.09
N ASN A 139 -41.28 6.69 17.33
CA ASN A 139 -41.28 6.97 15.93
C ASN A 139 -42.17 6.01 15.19
N PRO A 140 -43.29 6.53 14.72
CA PRO A 140 -44.36 5.79 14.08
C PRO A 140 -43.91 5.21 12.77
N ASN A 141 -42.82 5.75 12.24
CA ASN A 141 -42.28 5.19 11.01
C ASN A 141 -41.37 4.01 11.30
N LEU A 142 -40.85 4.01 12.52
CA LEU A 142 -39.95 2.98 13.01
C LEU A 142 -40.70 1.81 13.59
N ASP A 143 -41.86 2.11 14.13
CA ASP A 143 -42.69 1.10 14.75
C ASP A 143 -42.95 -0.08 13.80
N PRO A 144 -43.18 0.21 12.50
CA PRO A 144 -43.31 -0.89 11.52
C PRO A 144 -42.01 -1.67 11.20
N ILE A 145 -40.89 -1.26 11.77
CA ILE A 145 -39.61 -1.91 11.48
C ILE A 145 -39.08 -2.91 12.52
N LEU A 146 -39.23 -2.60 13.80
CA LEU A 146 -38.74 -3.49 14.83
C LEU A 146 -39.56 -4.77 14.86
N GLU A 147 -40.71 -4.72 14.20
CA GLU A 147 -41.56 -5.87 13.96
C GLU A 147 -41.14 -6.50 12.62
N GLY A 148 -40.26 -5.80 11.90
CA GLY A 148 -39.77 -6.27 10.62
C GLY A 148 -38.58 -7.22 10.70
N ILE A 149 -38.07 -7.45 11.91
CA ILE A 149 -36.90 -8.32 12.12
C ILE A 149 -37.37 -9.71 12.54
N GLN A 150 -38.65 -9.79 12.90
CA GLN A 150 -39.29 -11.03 13.24
C GLN A 150 -39.84 -11.76 12.01
N LYS A 151 -39.70 -11.16 10.82
CA LYS A 151 -40.31 -11.77 9.62
C LYS A 151 -39.56 -11.66 8.28
N LYS A 152 -39.74 -12.66 7.43
CA LYS A 152 -39.21 -12.64 6.07
C LYS A 152 -40.42 -12.40 5.16
N GLN A 153 -40.19 -12.48 3.84
CA GLN A 153 -41.27 -12.46 2.84
C GLN A 153 -42.14 -11.19 2.79
N ASN A 154 -43.32 -11.28 3.38
CA ASN A 154 -44.20 -10.12 3.50
C ASN A 154 -43.79 -9.26 4.71
N PHE A 155 -42.74 -8.46 4.54
CA PHE A 155 -42.22 -7.64 5.65
C PHE A 155 -43.18 -6.48 5.88
N LYS A 156 -43.33 -6.02 7.12
CA LYS A 156 -44.25 -4.91 7.38
C LYS A 156 -43.75 -3.63 6.70
N GLU A 157 -44.71 -2.84 6.20
CA GLU A 157 -44.44 -1.64 5.41
C GLU A 157 -43.70 -0.54 6.15
N VAL A 158 -43.04 0.32 5.39
CA VAL A 158 -42.46 1.51 5.96
C VAL A 158 -43.25 2.68 5.42
N ALA A 159 -43.72 3.54 6.30
CA ALA A 159 -44.37 4.73 5.81
C ALA A 159 -43.22 5.65 5.43
N LEU A 160 -42.57 5.37 4.32
CA LEU A 160 -41.38 6.13 3.93
C LEU A 160 -41.74 7.55 3.49
N ASP A 161 -42.92 7.72 2.90
CA ASP A 161 -43.36 9.06 2.57
C ASP A 161 -43.85 9.72 3.81
N ALA A 162 -43.81 9.00 4.91
CA ALA A 162 -44.25 9.57 6.16
C ALA A 162 -43.04 9.50 7.04
N PHE A 163 -41.91 9.14 6.42
CA PHE A 163 -40.69 9.00 7.18
C PHE A 163 -40.01 10.36 7.26
N LEU A 164 -39.82 10.96 6.10
CA LEU A 164 -39.13 12.24 6.01
C LEU A 164 -40.08 13.42 6.20
N PRO A 165 -39.54 14.57 6.63
CA PRO A 165 -40.28 15.82 6.81
C PRO A 165 -40.89 16.38 5.52
N LYS A 166 -42.02 17.05 5.69
CA LYS A 166 -42.78 17.62 4.60
C LYS A 166 -42.02 18.76 3.95
N SER A 167 -41.26 19.47 4.77
CA SER A 167 -40.45 20.58 4.32
C SER A 167 -38.99 20.36 4.77
N ILE A 168 -38.01 20.55 3.89
CA ILE A 168 -36.65 20.12 4.28
C ILE A 168 -35.47 21.04 4.01
N ASN A 169 -34.69 21.34 5.05
CA ASN A 169 -33.33 21.90 4.93
C ASN A 169 -32.20 20.85 4.83
N TYR A 170 -31.35 20.94 3.80
CA TYR A 170 -30.21 20.01 3.71
C TYR A 170 -28.87 20.72 3.56
N TYR A 171 -27.80 19.96 3.74
CA TYR A 171 -26.47 20.38 3.35
C TYR A 171 -25.96 19.48 2.24
N HIS A 172 -25.34 20.06 1.23
CA HIS A 172 -24.97 19.25 0.09
C HIS A 172 -23.54 19.46 -0.43
N PHE A 173 -22.89 18.36 -0.79
CA PHE A 173 -21.49 18.36 -1.22
C PHE A 173 -21.14 17.03 -1.84
N ASN A 174 -19.93 16.92 -2.41
CA ASN A 174 -19.48 15.61 -2.88
C ASN A 174 -18.62 14.95 -1.82
N GLY A 175 -18.94 13.70 -1.51
CA GLY A 175 -18.16 13.00 -0.53
C GLY A 175 -17.94 11.56 -0.94
N SER A 176 -17.76 10.68 0.05
CA SER A 176 -17.53 9.28 -0.25
C SER A 176 -18.54 8.42 0.49
N LEU A 177 -18.58 7.13 0.21
CA LEU A 177 -19.35 6.24 1.05
C LEU A 177 -18.60 6.20 2.35
N THR A 178 -19.33 6.01 3.44
CA THR A 178 -18.75 6.15 4.76
C THR A 178 -18.22 4.86 5.32
N ALA A 179 -18.29 3.80 4.53
CA ALA A 179 -17.82 2.48 4.97
C ALA A 179 -17.02 1.84 3.84
N PRO A 180 -16.11 0.91 4.16
CA PRO A 180 -15.32 0.27 3.11
C PRO A 180 -16.22 -0.27 2.00
N PRO A 181 -15.85 -0.03 0.73
CA PRO A 181 -14.58 0.47 0.22
C PRO A 181 -14.34 1.98 0.25
N CYS A 182 -15.18 2.73 0.94
CA CYS A 182 -15.00 4.17 1.10
C CYS A 182 -14.97 4.88 -0.25
N THR A 183 -15.84 4.45 -1.16
CA THR A 183 -15.88 4.98 -2.51
C THR A 183 -16.22 6.45 -2.53
N GLU A 184 -15.42 7.25 -3.22
CA GLU A 184 -15.68 8.67 -3.31
C GLU A 184 -16.63 8.99 -4.46
N GLY A 185 -16.97 10.26 -4.62
CA GLY A 185 -17.82 10.68 -5.72
C GLY A 185 -19.28 10.47 -5.39
N VAL A 186 -19.58 10.57 -4.10
CA VAL A 186 -20.93 10.37 -3.63
C VAL A 186 -21.56 11.71 -3.28
N ALA A 187 -22.71 11.96 -3.90
CA ALA A 187 -23.48 13.17 -3.68
C ALA A 187 -24.24 13.05 -2.40
N TRP A 188 -23.85 13.86 -1.43
CA TRP A 188 -24.48 13.86 -0.13
C TRP A 188 -25.50 14.96 0.06
N PHE A 189 -26.69 14.55 0.48
CA PHE A 189 -27.69 15.47 0.99
C PHE A 189 -27.88 15.08 2.45
N VAL A 190 -27.52 15.99 3.34
CA VAL A 190 -27.56 15.72 4.76
C VAL A 190 -28.57 16.62 5.42
N ILE A 191 -29.58 16.05 6.05
CA ILE A 191 -30.63 16.87 6.58
C ILE A 191 -30.40 17.18 8.05
N GLU A 192 -30.59 18.45 8.43
CA GLU A 192 -30.36 18.96 9.79
C GLU A 192 -31.53 18.63 10.70
N GLU A 193 -32.67 18.35 10.10
CA GLU A 193 -33.87 18.15 10.86
C GLU A 193 -33.89 16.73 11.33
N PRO A 194 -34.16 16.52 12.62
CA PRO A 194 -34.21 15.17 13.18
C PRO A 194 -35.59 14.56 13.14
N LEU A 195 -35.63 13.24 13.01
CA LEU A 195 -36.85 12.50 13.21
C LEU A 195 -36.74 12.01 14.65
N GLU A 196 -37.86 11.80 15.30
CA GLU A 196 -37.79 11.42 16.70
C GLU A 196 -37.83 9.93 16.87
N VAL A 197 -37.20 9.43 17.92
CA VAL A 197 -37.13 8.01 18.15
C VAL A 197 -37.24 7.73 19.63
N SER A 198 -38.07 6.74 19.99
CA SER A 198 -38.34 6.47 21.40
C SER A 198 -37.10 5.86 22.01
N ALA A 199 -36.97 5.94 23.32
CA ALA A 199 -35.81 5.35 23.97
C ALA A 199 -35.90 3.85 23.84
N LYS A 200 -37.12 3.37 23.63
CA LYS A 200 -37.34 1.94 23.43
C LYS A 200 -36.89 1.62 22.03
N GLN A 201 -37.10 2.57 21.13
CA GLN A 201 -36.75 2.38 19.74
C GLN A 201 -35.25 2.58 19.68
N LEU A 202 -34.77 3.55 20.44
CA LEU A 202 -33.34 3.80 20.56
C LEU A 202 -32.53 2.62 21.07
N ALA A 203 -33.00 1.99 22.15
CA ALA A 203 -32.25 0.91 22.76
C ALA A 203 -32.25 -0.40 21.98
N GLU A 204 -33.36 -0.72 21.32
CA GLU A 204 -33.50 -2.03 20.68
C GLU A 204 -32.71 -2.18 19.38
N ILE A 205 -32.55 -1.10 18.64
CA ILE A 205 -31.81 -1.18 17.40
C ILE A 205 -30.33 -1.24 17.70
N LYS A 206 -29.91 -0.57 18.77
CA LYS A 206 -28.51 -0.61 19.13
C LYS A 206 -28.09 -2.03 19.46
N LYS A 207 -29.03 -2.87 19.91
CA LYS A 207 -28.70 -4.25 20.19
C LYS A 207 -28.82 -5.08 18.94
N ARG A 208 -29.52 -4.56 17.94
CA ARG A 208 -29.58 -5.25 16.67
C ARG A 208 -28.33 -4.84 15.90
N MET A 209 -27.58 -3.94 16.53
CA MET A 209 -26.24 -3.60 16.14
C MET A 209 -25.36 -3.79 17.37
N LYS A 210 -25.91 -4.57 18.32
CA LYS A 210 -25.12 -5.08 19.44
C LYS A 210 -24.61 -3.98 20.34
N ASN A 211 -25.36 -2.88 20.49
CA ASN A 211 -24.85 -1.69 21.17
C ASN A 211 -23.44 -1.35 20.70
N SER A 212 -23.14 -1.59 19.44
CA SER A 212 -21.79 -1.33 19.00
C SER A 212 -21.87 -0.16 18.06
N PRO A 213 -21.20 0.92 18.44
CA PRO A 213 -21.21 2.16 17.68
C PRO A 213 -20.63 1.93 16.29
N ASN A 214 -21.41 2.09 15.22
CA ASN A 214 -20.84 1.94 13.89
C ASN A 214 -20.66 3.29 13.16
N GLN A 215 -19.86 4.16 13.76
CA GLN A 215 -19.51 5.42 13.11
C GLN A 215 -18.03 5.48 12.72
N ARG A 216 -17.79 5.75 11.44
CA ARG A 216 -16.46 6.06 10.97
C ARG A 216 -16.00 7.36 11.60
N PRO A 217 -14.81 7.37 12.17
CA PRO A 217 -14.37 8.63 12.77
C PRO A 217 -14.32 9.76 11.72
N VAL A 218 -14.37 11.00 12.19
CA VAL A 218 -14.38 12.15 11.32
C VAL A 218 -13.11 12.21 10.48
N GLN A 219 -13.30 12.42 9.18
CA GLN A 219 -12.20 12.48 8.22
C GLN A 219 -11.63 13.88 8.08
N PRO A 220 -10.42 13.98 7.52
CA PRO A 220 -9.83 15.26 7.12
C PRO A 220 -10.65 15.95 6.03
N ASP A 221 -10.81 17.26 6.14
CA ASP A 221 -11.47 18.05 5.08
C ASP A 221 -10.45 18.77 4.23
N TYR A 222 -10.68 18.75 2.92
CA TYR A 222 -9.85 19.50 2.00
C TYR A 222 -10.70 20.64 1.45
N ASN A 223 -11.17 21.46 2.38
CA ASN A 223 -11.96 22.64 2.06
C ASN A 223 -13.15 22.23 1.26
N THR A 224 -13.91 21.29 1.80
CA THR A 224 -15.07 20.80 1.11
C THR A 224 -16.12 21.89 1.01
N VAL A 225 -16.53 22.18 -0.23
CA VAL A 225 -17.57 23.14 -0.52
C VAL A 225 -18.95 22.53 -0.27
N ILE A 226 -19.63 23.05 0.76
CA ILE A 226 -20.96 22.59 1.17
C ILE A 226 -21.97 23.72 1.00
N ILE A 227 -23.14 23.42 0.48
CA ILE A 227 -24.19 24.42 0.38
C ILE A 227 -25.33 24.07 1.31
N LYS A 228 -25.95 25.10 1.89
CA LYS A 228 -27.16 24.93 2.69
C LYS A 228 -28.34 25.51 1.91
N SER A 229 -29.39 24.73 1.77
CA SER A 229 -30.57 25.11 1.00
C SER A 229 -31.76 24.35 1.58
N SER A 230 -32.89 24.39 0.90
CA SER A 230 -34.09 23.71 1.40
C SER A 230 -35.06 23.21 0.29
N ALA A 231 -35.98 22.31 0.64
CA ALA A 231 -36.99 21.87 -0.34
C ALA A 231 -38.23 21.27 0.32
N GLU A 232 -39.15 20.79 -0.52
CA GLU A 232 -40.34 20.09 -0.05
C GLU A 232 -40.34 18.62 -0.51
N THR A 233 -40.55 17.73 0.45
CA THR A 233 -40.64 16.29 0.22
C THR A 233 -42.11 15.97 0.05
N ARG A 234 -42.91 16.57 0.93
CA ARG A 234 -44.36 16.48 0.88
C ARG A 234 -44.97 17.88 0.90
N LYS B 9 8.56 10.23 -18.73
CA LYS B 9 8.35 11.66 -19.00
C LYS B 9 6.98 11.92 -19.65
N TRP B 10 6.04 12.32 -18.81
CA TRP B 10 4.65 12.50 -19.19
C TRP B 10 4.52 13.75 -20.03
N ASP B 11 3.62 13.73 -21.00
CA ASP B 11 3.44 14.91 -21.83
C ASP B 11 1.98 15.14 -22.20
N TYR B 12 1.74 16.22 -22.95
CA TYR B 12 0.39 16.60 -23.30
C TYR B 12 0.05 16.20 -24.75
N LYS B 13 0.99 15.52 -25.42
CA LYS B 13 0.89 15.15 -26.85
C LYS B 13 -0.06 14.00 -27.16
N ASN B 14 -0.58 13.98 -28.37
CA ASN B 14 -1.60 12.99 -28.71
C ASN B 14 -1.14 11.52 -28.68
N LYS B 15 0.05 11.22 -28.17
CA LYS B 15 0.49 9.83 -28.20
C LYS B 15 0.30 9.02 -26.92
N GLU B 16 1.36 8.36 -26.46
CA GLU B 16 1.21 7.42 -25.36
C GLU B 16 1.39 8.09 -24.02
N ASN B 17 2.12 9.20 -23.97
CA ASN B 17 2.36 9.88 -22.70
C ASN B 17 1.34 10.98 -22.49
N GLY B 18 0.36 10.99 -23.38
CA GLY B 18 -0.74 11.95 -23.39
C GLY B 18 -1.65 11.87 -22.19
N PRO B 19 -2.46 12.92 -21.99
CA PRO B 19 -3.32 13.14 -20.83
C PRO B 19 -4.28 11.99 -20.56
N HIS B 20 -4.70 11.33 -21.63
CA HIS B 20 -5.60 10.18 -21.58
C HIS B 20 -4.90 8.91 -21.08
N ARG B 21 -3.57 8.91 -21.18
CA ARG B 21 -2.78 7.74 -20.79
C ARG B 21 -1.83 8.02 -19.63
N TRP B 22 -2.10 9.06 -18.87
CA TRP B 22 -1.23 9.43 -17.76
C TRP B 22 -1.10 8.45 -16.58
N ASP B 23 -2.15 7.71 -16.25
CA ASP B 23 -2.11 6.77 -15.12
C ASP B 23 -1.18 5.57 -15.33
N LYS B 24 -1.00 5.20 -16.58
CA LYS B 24 -0.27 3.99 -16.91
C LYS B 24 1.15 4.34 -17.35
N LEU B 25 1.67 5.45 -16.80
CA LEU B 25 3.04 5.86 -17.04
C LEU B 25 3.82 5.75 -15.74
N HIS B 26 3.20 6.23 -14.67
CA HIS B 26 3.75 6.18 -13.32
C HIS B 26 2.63 5.60 -12.46
N LYS B 27 2.93 5.09 -11.27
CA LYS B 27 1.87 4.55 -10.41
C LYS B 27 1.30 5.45 -9.32
N ASP B 28 1.95 6.58 -9.04
CA ASP B 28 1.36 7.60 -8.17
C ASP B 28 0.24 8.27 -8.94
N PHE B 29 0.33 8.14 -10.27
CA PHE B 29 -0.50 8.88 -11.21
C PHE B 29 -1.77 8.19 -11.64
N GLU B 30 -2.21 7.20 -10.88
CA GLU B 30 -3.40 6.44 -11.22
C GLU B 30 -4.60 7.35 -11.17
N VAL B 31 -4.46 8.39 -10.34
CA VAL B 31 -5.53 9.29 -9.98
C VAL B 31 -5.95 10.10 -11.17
N CYS B 32 -5.08 10.17 -12.16
CA CYS B 32 -5.46 10.81 -13.39
C CYS B 32 -6.56 9.98 -14.04
N LYS B 33 -6.75 8.75 -13.55
CA LYS B 33 -7.75 7.85 -14.11
C LYS B 33 -8.77 7.41 -13.10
N SER B 34 -8.34 7.20 -11.86
CA SER B 34 -9.24 6.63 -10.87
C SER B 34 -10.12 7.64 -10.13
N GLY B 35 -9.72 8.90 -10.16
CA GLY B 35 -10.42 9.99 -9.46
C GLY B 35 -11.75 10.47 -10.05
N LYS B 36 -12.67 10.86 -9.17
CA LYS B 36 -13.97 11.38 -9.62
C LYS B 36 -14.01 12.91 -9.57
N SER B 37 -13.11 13.53 -8.82
CA SER B 37 -13.09 14.97 -8.65
CA SER B 37 -13.12 14.98 -8.68
C SER B 37 -11.96 15.62 -9.43
N GLN B 38 -11.79 15.22 -10.68
CA GLN B 38 -10.60 15.58 -11.42
C GLN B 38 -10.74 16.89 -12.14
N SER B 39 -9.66 17.65 -12.16
CA SER B 39 -9.68 18.95 -12.85
C SER B 39 -8.79 18.90 -14.06
N PRO B 40 -9.15 19.64 -15.13
CA PRO B 40 -10.26 20.59 -15.22
C PRO B 40 -11.59 19.98 -15.68
N ILE B 41 -12.65 20.79 -15.61
CA ILE B 41 -14.00 20.41 -16.07
C ILE B 41 -14.74 21.62 -16.68
N ASN B 42 -15.88 21.38 -17.33
CA ASN B 42 -16.69 22.49 -17.85
C ASN B 42 -17.72 22.99 -16.86
N ILE B 43 -17.52 24.22 -16.43
CA ILE B 43 -18.38 24.89 -15.45
C ILE B 43 -19.61 25.52 -16.09
N GLU B 44 -20.73 24.84 -15.99
CA GLU B 44 -21.90 25.35 -16.67
C GLU B 44 -23.08 25.33 -15.75
N HIS B 45 -23.02 24.49 -14.73
CA HIS B 45 -24.11 24.42 -13.82
C HIS B 45 -23.57 24.60 -12.41
N TYR B 46 -24.07 25.61 -11.71
CA TYR B 46 -23.52 26.01 -10.42
C TYR B 46 -24.55 26.74 -9.62
N TYR B 47 -24.19 26.97 -8.37
CA TYR B 47 -25.09 27.62 -7.45
C TYR B 47 -24.54 29.00 -7.14
N HIS B 48 -25.37 30.01 -7.34
CA HIS B 48 -24.99 31.39 -7.10
C HIS B 48 -25.12 31.68 -5.61
N THR B 49 -24.16 32.39 -5.04
CA THR B 49 -24.27 32.75 -3.64
C THR B 49 -23.51 34.05 -3.37
N ASP B 54 -14.79 34.46 2.43
CA ASP B 54 -13.83 34.43 3.53
C ASP B 54 -12.38 34.55 3.05
N LEU B 55 -12.22 35.11 1.86
CA LEU B 55 -10.92 35.16 1.20
C LEU B 55 -10.11 36.43 1.49
N GLN B 56 -8.87 36.27 1.96
CA GLN B 56 -7.98 37.40 2.19
C GLN B 56 -6.63 37.22 1.52
N PHE B 57 -6.01 38.34 1.13
CA PHE B 57 -4.80 38.34 0.27
C PHE B 57 -3.55 38.99 0.86
N LYS B 58 -2.39 38.31 0.87
CA LYS B 58 -1.15 39.00 1.25
C LYS B 58 -0.23 39.14 0.04
N TYR B 59 -0.78 39.60 -1.07
CA TYR B 59 0.02 39.72 -2.26
C TYR B 59 0.69 41.08 -2.31
N ALA B 60 1.94 41.08 -2.75
CA ALA B 60 2.75 42.29 -2.78
C ALA B 60 3.79 42.23 -3.86
N ALA B 61 4.51 43.32 -4.04
CA ALA B 61 5.61 43.33 -4.96
C ALA B 61 6.56 42.26 -4.51
N SER B 62 6.81 41.30 -5.38
CA SER B 62 7.62 40.17 -4.99
C SER B 62 8.59 39.87 -6.09
N LYS B 63 9.82 39.56 -5.72
CA LYS B 63 10.82 39.10 -6.67
C LYS B 63 10.62 37.62 -6.84
N PRO B 64 10.45 37.17 -8.09
CA PRO B 64 10.39 35.72 -8.31
C PRO B 64 11.70 35.12 -7.85
N LYS B 65 11.64 34.04 -7.09
CA LYS B 65 12.84 33.37 -6.66
C LYS B 65 13.50 32.73 -7.88
N ALA B 66 12.65 32.32 -8.82
CA ALA B 66 13.13 31.76 -10.08
C ALA B 66 12.04 31.85 -11.13
N VAL B 67 12.46 32.00 -12.37
CA VAL B 67 11.55 31.92 -13.50
C VAL B 67 12.00 30.88 -14.51
N PHE B 68 11.06 30.02 -14.90
CA PHE B 68 11.38 28.95 -15.82
C PHE B 68 10.24 28.17 -16.45
N PHE B 69 10.53 27.58 -17.60
CA PHE B 69 9.63 26.67 -18.24
C PHE B 69 9.98 25.32 -17.65
N THR B 70 8.97 24.61 -17.16
CA THR B 70 9.25 23.34 -16.52
C THR B 70 8.13 22.35 -16.61
N HIS B 71 8.49 21.08 -16.72
CA HIS B 71 7.51 20.02 -16.68
C HIS B 71 6.40 20.43 -17.64
N HIS B 72 6.82 20.84 -18.83
CA HIS B 72 6.02 21.24 -20.00
C HIS B 72 5.29 22.61 -20.00
N THR B 73 5.55 23.46 -19.01
CA THR B 73 4.96 24.83 -18.95
C THR B 73 5.93 25.87 -18.33
N LEU B 74 5.67 27.15 -18.54
CA LEU B 74 6.43 28.24 -17.91
C LEU B 74 5.88 28.63 -16.54
N LYS B 75 6.79 28.94 -15.62
CA LYS B 75 6.46 29.07 -14.22
C LYS B 75 7.34 30.05 -13.46
N ALA B 76 6.73 30.77 -12.52
CA ALA B 76 7.48 31.66 -11.65
C ALA B 76 7.25 31.31 -10.20
N SER B 77 8.34 31.20 -9.47
CA SER B 77 8.28 30.78 -8.09
C SER B 77 8.38 31.97 -7.19
N PHE B 78 7.98 31.82 -5.94
CA PHE B 78 8.07 32.94 -5.03
C PHE B 78 8.53 32.59 -3.64
N GLU B 79 9.16 33.58 -3.02
CA GLU B 79 9.53 33.53 -1.62
C GLU B 79 8.24 33.32 -0.85
N PRO B 80 8.29 32.60 0.27
CA PRO B 80 7.06 32.38 1.01
C PRO B 80 6.61 33.57 1.86
N THR B 81 6.55 34.78 1.30
CA THR B 81 6.15 35.97 2.06
C THR B 81 4.75 36.44 1.67
N ASN B 82 4.26 35.96 0.55
CA ASN B 82 2.96 36.43 0.06
C ASN B 82 1.88 35.35 0.16
N HIS B 83 0.77 35.68 0.80
CA HIS B 83 -0.24 34.71 1.21
C HIS B 83 -1.71 34.98 0.84
N ILE B 84 -2.51 33.92 0.94
CA ILE B 84 -3.96 34.02 0.89
C ILE B 84 -4.57 33.33 2.09
N ASN B 85 -5.55 33.98 2.67
CA ASN B 85 -6.23 33.43 3.81
C ASN B 85 -7.63 32.88 3.46
N TYR B 86 -7.85 31.62 3.79
CA TYR B 86 -9.14 30.96 3.57
C TYR B 86 -9.43 30.02 4.77
N ARG B 87 -10.60 30.21 5.40
CA ARG B 87 -11.04 29.49 6.61
C ARG B 87 -10.14 29.70 7.84
N GLY B 88 -9.42 30.80 7.88
CA GLY B 88 -8.60 31.11 9.03
C GLY B 88 -7.22 30.49 8.89
N HIS B 89 -6.85 30.16 7.66
CA HIS B 89 -5.57 29.52 7.38
C HIS B 89 -4.80 30.22 6.29
N ASP B 90 -3.55 30.59 6.56
CA ASP B 90 -2.73 31.21 5.53
C ASP B 90 -2.21 30.14 4.61
N TYR B 91 -2.44 30.33 3.31
CA TYR B 91 -1.90 29.44 2.29
C TYR B 91 -0.77 30.23 1.62
N VAL B 92 0.34 29.55 1.29
CA VAL B 92 1.53 30.26 0.82
C VAL B 92 1.75 30.08 -0.66
N LEU B 93 1.98 31.19 -1.36
CA LEU B 93 2.29 31.11 -2.77
C LEU B 93 3.67 30.51 -3.01
N ASP B 94 3.73 29.42 -3.74
CA ASP B 94 5.01 28.89 -4.15
C ASP B 94 5.30 29.49 -5.48
N ASN B 95 4.33 29.32 -6.34
CA ASN B 95 4.51 29.73 -7.68
C ASN B 95 3.20 30.06 -8.32
N VAL B 96 3.33 30.65 -9.48
CA VAL B 96 2.23 30.88 -10.37
C VAL B 96 2.73 30.49 -11.74
N HIS B 97 1.94 29.68 -12.43
CA HIS B 97 2.35 29.15 -13.72
C HIS B 97 1.25 29.36 -14.73
N PHE B 98 1.47 28.95 -15.97
CA PHE B 98 0.58 29.37 -17.05
C PHE B 98 0.08 28.18 -17.85
N HIS B 99 -1.07 28.32 -18.48
CA HIS B 99 -1.51 27.25 -19.34
C HIS B 99 -2.01 27.87 -20.60
N ALA B 100 -1.60 27.33 -21.73
CA ALA B 100 -2.09 27.81 -22.99
C ALA B 100 -2.41 26.59 -23.81
N PRO B 101 -3.70 26.37 -24.11
CA PRO B 101 -4.84 27.20 -23.71
C PRO B 101 -5.23 27.10 -22.24
N MET B 102 -6.26 27.87 -21.91
CA MET B 102 -6.92 27.81 -20.62
C MET B 102 -7.39 26.37 -20.40
N GLU B 103 -7.14 25.82 -19.22
CA GLU B 103 -7.51 24.44 -18.95
C GLU B 103 -8.99 24.33 -18.61
N PHE B 104 -9.48 25.30 -17.85
CA PHE B 104 -10.86 25.37 -17.39
C PHE B 104 -11.85 26.03 -18.35
N LEU B 105 -13.04 25.46 -18.44
CA LEU B 105 -14.07 26.04 -19.27
C LEU B 105 -15.03 26.74 -18.38
N ILE B 106 -15.36 27.95 -18.79
CA ILE B 106 -16.33 28.78 -18.10
C ILE B 106 -17.59 28.87 -18.94
N ASN B 107 -18.68 28.19 -18.56
CA ASN B 107 -19.91 28.22 -19.36
C ASN B 107 -19.64 28.20 -20.85
N ASN B 108 -18.82 27.26 -21.29
CA ASN B 108 -18.48 27.16 -22.70
C ASN B 108 -17.80 28.43 -23.22
N LYS B 109 -17.28 29.26 -22.33
CA LYS B 109 -16.53 30.44 -22.75
C LYS B 109 -15.05 30.17 -22.64
N THR B 110 -14.32 30.43 -23.72
CA THR B 110 -12.92 30.07 -23.77
C THR B 110 -11.99 31.27 -23.83
N ARG B 111 -10.90 31.17 -23.08
CA ARG B 111 -9.80 32.13 -23.14
C ARG B 111 -8.49 31.48 -23.57
N PRO B 112 -7.67 32.22 -24.32
CA PRO B 112 -6.37 31.77 -24.82
C PRO B 112 -5.24 31.66 -23.79
N LEU B 113 -5.50 31.90 -22.52
CA LEU B 113 -4.47 31.75 -21.52
C LEU B 113 -5.09 31.84 -20.17
N SER B 114 -4.58 31.06 -19.23
CA SER B 114 -4.95 31.21 -17.83
C SER B 114 -3.69 31.14 -16.99
N ALA B 115 -3.81 31.33 -15.69
CA ALA B 115 -2.66 31.30 -14.78
C ALA B 115 -3.09 30.79 -13.44
N HIS B 116 -2.21 30.03 -12.81
CA HIS B 116 -2.55 29.38 -11.58
C HIS B 116 -1.69 29.87 -10.47
N PHE B 117 -2.35 30.37 -9.43
CA PHE B 117 -1.65 30.85 -8.26
C PHE B 117 -1.72 29.71 -7.29
N VAL B 118 -0.60 29.06 -7.08
CA VAL B 118 -0.61 27.83 -6.34
C VAL B 118 -0.20 28.12 -4.88
N HIS B 119 -1.00 27.64 -3.93
CA HIS B 119 -0.79 27.93 -2.52
C HIS B 119 -0.80 26.69 -1.64
N LYS B 120 -0.31 26.83 -0.40
CA LYS B 120 -0.38 25.73 0.54
C LYS B 120 -0.53 26.19 1.99
N ASP B 121 -1.43 25.57 2.74
CA ASP B 121 -1.59 25.95 4.14
C ASP B 121 -0.75 25.14 5.13
N ALA B 122 -0.92 25.45 6.41
CA ALA B 122 -0.16 24.80 7.47
C ALA B 122 -0.52 23.33 7.55
N LYS B 123 -1.77 22.99 7.29
CA LYS B 123 -2.20 21.61 7.40
C LYS B 123 -1.54 20.86 6.26
N GLY B 124 -1.76 21.34 5.04
CA GLY B 124 -1.09 20.78 3.88
C GLY B 124 -1.89 21.02 2.62
N ARG B 125 -3.11 21.50 2.79
CA ARG B 125 -4.07 21.61 1.70
C ARG B 125 -3.63 22.65 0.70
N LEU B 126 -3.93 22.40 -0.57
CA LEU B 126 -3.48 23.30 -1.62
C LEU B 126 -4.68 24.12 -1.98
N LEU B 127 -4.40 25.34 -2.39
CA LEU B 127 -5.40 26.27 -2.79
C LEU B 127 -4.91 27.00 -4.01
N VAL B 128 -5.51 26.69 -5.15
CA VAL B 128 -5.12 27.30 -6.40
C VAL B 128 -6.21 28.16 -7.03
N LEU B 129 -5.74 29.17 -7.72
CA LEU B 129 -6.53 30.25 -8.30
C LEU B 129 -6.35 30.36 -9.81
N ALA B 130 -7.44 30.32 -10.56
CA ALA B 130 -7.34 30.39 -12.01
C ALA B 130 -8.08 31.61 -12.60
N ILE B 131 -7.48 32.25 -13.58
CA ILE B 131 -8.11 33.41 -14.20
C ILE B 131 -7.84 33.43 -15.68
N GLY B 132 -8.76 33.96 -16.46
CA GLY B 132 -8.57 33.94 -17.90
C GLY B 132 -7.92 35.18 -18.47
N PHE B 133 -7.43 35.06 -19.69
CA PHE B 133 -6.85 36.18 -20.41
C PHE B 133 -7.56 36.28 -21.74
N GLU B 134 -7.98 37.49 -22.05
CA GLU B 134 -8.53 37.78 -23.36
C GLU B 134 -7.53 38.62 -24.15
N GLU B 135 -7.46 38.43 -25.47
CA GLU B 135 -6.52 39.21 -26.28
C GLU B 135 -6.88 40.69 -26.27
N GLY B 136 -5.90 41.56 -26.12
CA GLY B 136 -6.23 42.96 -26.02
C GLY B 136 -5.09 43.92 -25.81
N LYS B 137 -4.94 44.44 -24.59
CA LYS B 137 -3.98 45.50 -24.41
C LYS B 137 -2.70 44.88 -23.95
N GLU B 138 -1.64 45.66 -23.97
CA GLU B 138 -0.34 45.16 -23.60
C GLU B 138 -0.33 45.02 -22.10
N ASN B 139 -0.12 43.80 -21.60
CA ASN B 139 -0.22 43.56 -20.16
C ASN B 139 1.11 43.54 -19.44
N PRO B 140 1.39 44.66 -18.76
CA PRO B 140 2.64 45.07 -18.11
C PRO B 140 3.04 44.22 -16.93
N ASN B 141 2.12 43.41 -16.45
CA ASN B 141 2.41 42.54 -15.32
C ASN B 141 3.20 41.33 -15.75
N LEU B 142 3.23 41.11 -17.06
CA LEU B 142 3.87 39.97 -17.65
C LEU B 142 5.37 40.10 -17.88
N ASP B 143 5.87 41.31 -18.13
CA ASP B 143 7.28 41.50 -18.43
C ASP B 143 8.31 40.92 -17.43
N PRO B 144 8.07 41.07 -16.11
CA PRO B 144 9.12 40.52 -15.22
C PRO B 144 9.26 38.99 -15.21
N ILE B 145 8.33 38.31 -15.88
CA ILE B 145 8.29 36.85 -15.94
C ILE B 145 8.89 36.46 -17.27
N LEU B 146 8.59 37.26 -18.25
CA LEU B 146 9.13 37.10 -19.58
C LEU B 146 10.62 37.52 -19.63
N GLU B 147 11.05 38.22 -18.59
CA GLU B 147 12.40 38.73 -18.47
C GLU B 147 13.39 37.73 -17.87
N GLY B 148 12.89 36.62 -17.37
CA GLY B 148 13.76 35.66 -16.69
C GLY B 148 14.54 34.79 -17.64
N GLN B 153 20.42 37.50 -10.40
CA GLN B 153 21.27 38.19 -9.42
C GLN B 153 20.53 39.37 -8.80
N ASN B 154 20.09 40.28 -9.66
CA ASN B 154 19.29 41.42 -9.29
C ASN B 154 17.88 41.23 -9.86
N PHE B 155 17.06 40.44 -9.18
CA PHE B 155 15.75 40.07 -9.70
C PHE B 155 14.70 41.17 -9.49
N LYS B 156 14.02 41.61 -10.55
CA LYS B 156 12.96 42.61 -10.39
C LYS B 156 11.67 42.10 -9.76
N GLU B 157 11.11 42.91 -8.87
CA GLU B 157 9.91 42.53 -8.12
C GLU B 157 8.72 42.36 -9.05
N VAL B 158 7.77 41.52 -8.64
CA VAL B 158 6.54 41.34 -9.38
C VAL B 158 5.32 41.83 -8.59
N ALA B 159 4.49 42.60 -9.26
CA ALA B 159 3.32 43.23 -8.66
C ALA B 159 2.14 42.30 -8.36
N LEU B 160 2.26 41.51 -7.30
CA LEU B 160 1.19 40.58 -6.97
C LEU B 160 -0.03 41.39 -6.50
N ASP B 161 0.25 42.54 -5.92
CA ASP B 161 -0.77 43.43 -5.39
C ASP B 161 -1.58 44.17 -6.45
N ALA B 162 -1.19 44.03 -7.71
CA ALA B 162 -1.86 44.74 -8.79
C ALA B 162 -2.24 43.85 -9.95
N PHE B 163 -2.20 42.55 -9.73
CA PHE B 163 -2.37 41.61 -10.83
C PHE B 163 -3.82 41.35 -11.17
N LEU B 164 -4.60 41.03 -10.16
CA LEU B 164 -5.97 40.64 -10.34
C LEU B 164 -6.88 41.86 -10.37
N PRO B 165 -8.06 41.74 -11.00
CA PRO B 165 -9.00 42.86 -11.00
C PRO B 165 -9.34 43.23 -9.59
N LYS B 166 -9.68 44.49 -9.34
CA LYS B 166 -10.06 44.82 -7.98
C LYS B 166 -11.36 44.13 -7.71
N SER B 167 -12.15 43.96 -8.77
CA SER B 167 -13.44 43.32 -8.60
C SER B 167 -13.45 42.05 -9.40
N ILE B 168 -13.79 40.97 -8.72
CA ILE B 168 -13.66 39.65 -9.28
C ILE B 168 -14.85 38.74 -9.00
N ASN B 169 -15.40 38.13 -10.03
CA ASN B 169 -16.29 37.00 -9.83
C ASN B 169 -15.49 35.71 -9.79
N TYR B 170 -15.66 34.87 -8.78
CA TYR B 170 -14.91 33.63 -8.80
C TYR B 170 -15.90 32.48 -8.72
N TYR B 171 -15.45 31.29 -9.09
CA TYR B 171 -16.16 30.04 -8.87
C TYR B 171 -15.30 29.13 -8.00
N HIS B 172 -15.92 28.44 -7.07
CA HIS B 172 -15.14 27.71 -6.11
C HIS B 172 -15.65 26.29 -5.99
N PHE B 173 -14.72 25.34 -5.97
CA PHE B 173 -15.09 23.94 -5.97
C PHE B 173 -13.91 23.10 -5.56
N ASN B 174 -14.17 21.82 -5.33
CA ASN B 174 -13.10 20.90 -5.01
C ASN B 174 -12.65 20.12 -6.25
N GLY B 175 -11.35 20.15 -6.55
CA GLY B 175 -10.84 19.46 -7.73
C GLY B 175 -9.48 18.85 -7.61
N SER B 176 -8.79 18.73 -8.73
CA SER B 176 -7.48 18.08 -8.78
C SER B 176 -6.38 18.93 -9.40
N LEU B 177 -5.13 18.48 -9.32
CA LEU B 177 -4.11 19.11 -10.10
C LEU B 177 -4.47 18.76 -11.51
N THR B 178 -4.19 19.67 -12.44
CA THR B 178 -4.58 19.52 -13.83
C THR B 178 -3.42 18.97 -14.66
N ALA B 179 -2.33 18.70 -13.97
CA ALA B 179 -1.15 18.07 -14.52
C ALA B 179 -0.78 17.06 -13.44
N PRO B 180 -0.15 15.93 -13.81
CA PRO B 180 0.22 14.88 -12.85
C PRO B 180 0.93 15.40 -11.61
N PRO B 181 0.69 14.79 -10.46
CA PRO B 181 -0.02 13.52 -10.19
C PRO B 181 -1.54 13.57 -10.09
N CYS B 182 -2.13 14.68 -10.50
CA CYS B 182 -3.57 14.86 -10.46
C CYS B 182 -4.02 14.69 -9.02
N THR B 183 -3.22 15.23 -8.12
CA THR B 183 -3.52 15.13 -6.71
C THR B 183 -4.82 15.88 -6.39
N GLU B 184 -5.64 15.24 -5.57
CA GLU B 184 -6.89 15.80 -5.12
C GLU B 184 -6.69 16.62 -3.85
N GLY B 185 -7.77 17.24 -3.35
CA GLY B 185 -7.69 18.06 -2.15
C GLY B 185 -7.23 19.48 -2.42
N VAL B 186 -7.55 19.94 -3.62
CA VAL B 186 -7.22 21.26 -4.11
C VAL B 186 -8.46 22.14 -4.18
N ALA B 187 -8.40 23.31 -3.52
CA ALA B 187 -9.52 24.27 -3.55
C ALA B 187 -9.44 25.15 -4.78
N TRP B 188 -10.39 25.04 -5.69
CA TRP B 188 -10.31 25.85 -6.88
C TRP B 188 -11.16 27.10 -6.87
N PHE B 189 -10.50 28.21 -7.13
CA PHE B 189 -11.20 29.45 -7.34
C PHE B 189 -10.88 29.93 -8.73
N VAL B 190 -11.88 30.01 -9.60
CA VAL B 190 -11.67 30.44 -10.99
C VAL B 190 -12.44 31.72 -11.30
N ILE B 191 -11.72 32.73 -11.77
CA ILE B 191 -12.32 34.05 -11.91
C ILE B 191 -12.95 34.28 -13.28
N GLU B 192 -14.16 34.83 -13.26
CA GLU B 192 -14.93 35.02 -14.46
C GLU B 192 -14.40 36.23 -15.25
N GLU B 193 -13.66 37.10 -14.59
CA GLU B 193 -13.12 38.30 -15.21
C GLU B 193 -11.86 37.89 -15.91
N PRO B 194 -11.70 38.34 -17.17
CA PRO B 194 -10.52 38.03 -17.96
C PRO B 194 -9.49 39.12 -17.81
N LEU B 195 -8.20 38.79 -17.85
CA LEU B 195 -7.17 39.80 -17.93
C LEU B 195 -6.78 40.04 -19.37
N GLU B 196 -6.86 41.26 -19.83
CA GLU B 196 -6.61 41.50 -21.24
C GLU B 196 -5.14 41.36 -21.49
N VAL B 197 -4.81 40.91 -22.69
CA VAL B 197 -3.43 40.71 -23.07
C VAL B 197 -3.20 40.96 -24.56
N SER B 198 -2.16 41.71 -24.90
CA SER B 198 -1.94 41.97 -26.32
C SER B 198 -1.44 40.69 -26.96
N ALA B 199 -1.66 40.54 -28.25
CA ALA B 199 -1.31 39.32 -29.00
C ALA B 199 0.18 39.06 -29.21
N LYS B 200 1.03 40.06 -29.03
CA LYS B 200 2.47 39.92 -29.21
C LYS B 200 3.07 39.19 -28.01
N GLN B 201 2.41 39.31 -26.87
CA GLN B 201 2.83 38.67 -25.64
C GLN B 201 2.42 37.22 -25.68
N LEU B 202 1.19 37.01 -26.10
CA LEU B 202 0.58 35.70 -26.18
C LEU B 202 1.41 34.81 -27.08
N ALA B 203 1.80 35.33 -28.24
CA ALA B 203 2.56 34.56 -29.20
C ALA B 203 3.92 34.32 -28.60
N GLU B 204 4.36 35.28 -27.80
CA GLU B 204 5.69 35.22 -27.21
C GLU B 204 5.74 34.20 -26.10
N ILE B 205 4.63 34.09 -25.36
CA ILE B 205 4.51 33.15 -24.26
C ILE B 205 4.20 31.72 -24.71
N LYS B 206 3.41 31.61 -25.77
CA LYS B 206 3.00 30.30 -26.26
C LYS B 206 4.22 29.56 -26.77
N LYS B 207 5.22 30.33 -27.15
CA LYS B 207 6.49 29.80 -27.62
C LYS B 207 7.56 29.65 -26.55
N ARG B 208 7.35 30.23 -25.37
CA ARG B 208 8.25 30.01 -24.24
C ARG B 208 7.86 28.69 -23.57
N MET B 209 6.83 28.06 -24.13
CA MET B 209 6.37 26.74 -23.74
C MET B 209 6.50 25.88 -24.99
N LYS B 210 7.41 26.32 -25.85
CA LYS B 210 7.89 25.57 -27.00
C LYS B 210 6.81 25.42 -28.06
N ASN B 211 5.94 26.42 -28.16
CA ASN B 211 4.77 26.39 -29.04
C ASN B 211 4.01 25.10 -28.91
N SER B 212 4.05 24.53 -27.71
CA SER B 212 3.34 23.30 -27.46
C SER B 212 2.28 23.51 -26.40
N PRO B 213 1.01 23.29 -26.78
CA PRO B 213 -0.19 23.51 -25.97
C PRO B 213 -0.21 22.70 -24.70
N ASN B 214 -0.22 23.38 -23.54
CA ASN B 214 -0.30 22.70 -22.23
C ASN B 214 -1.66 22.74 -21.52
N GLN B 215 -2.70 22.28 -22.21
CA GLN B 215 -4.05 22.16 -21.66
C GLN B 215 -4.57 20.74 -21.57
N ARG B 216 -4.87 20.32 -20.37
CA ARG B 216 -5.54 19.04 -20.14
C ARG B 216 -7.01 19.03 -20.62
N PRO B 217 -7.43 17.96 -21.33
CA PRO B 217 -8.83 17.89 -21.75
C PRO B 217 -9.75 17.87 -20.55
N VAL B 218 -11.00 18.24 -20.75
CA VAL B 218 -11.96 18.31 -19.66
C VAL B 218 -12.15 16.95 -19.01
N GLN B 219 -12.01 16.91 -17.70
CA GLN B 219 -12.12 15.67 -16.97
C GLN B 219 -13.56 15.37 -16.61
N PRO B 220 -13.85 14.12 -16.21
CA PRO B 220 -15.21 13.89 -15.76
C PRO B 220 -15.61 14.67 -14.52
N ASP B 221 -16.76 15.31 -14.63
CA ASP B 221 -17.40 15.96 -13.52
C ASP B 221 -18.50 15.03 -13.07
N TYR B 222 -18.50 14.67 -11.80
CA TYR B 222 -19.62 13.93 -11.26
C TYR B 222 -20.34 14.85 -10.30
N ASN B 223 -20.84 15.94 -10.88
CA ASN B 223 -21.61 16.94 -10.16
C ASN B 223 -20.82 17.58 -9.05
N THR B 224 -19.76 18.26 -9.46
CA THR B 224 -18.95 19.04 -8.55
C THR B 224 -19.78 20.20 -8.04
N VAL B 225 -19.81 20.34 -6.72
CA VAL B 225 -20.49 21.45 -6.07
C VAL B 225 -19.64 22.74 -6.20
N ILE B 226 -20.20 23.70 -6.93
CA ILE B 226 -19.58 24.98 -7.21
C ILE B 226 -20.37 26.15 -6.61
N ILE B 227 -19.68 27.11 -6.00
CA ILE B 227 -20.39 28.29 -5.57
C ILE B 227 -19.93 29.45 -6.41
N LYS B 228 -20.83 30.38 -6.66
CA LYS B 228 -20.43 31.65 -7.24
C LYS B 228 -20.62 32.68 -6.14
N SER B 229 -19.60 33.50 -5.96
CA SER B 229 -19.55 34.48 -4.90
C SER B 229 -18.74 35.59 -5.52
N SER B 230 -18.35 36.57 -4.73
CA SER B 230 -17.57 37.67 -5.28
C SER B 230 -16.66 38.19 -4.21
N ALA B 231 -15.64 38.92 -4.62
CA ALA B 231 -14.81 39.56 -3.62
C ALA B 231 -14.09 40.72 -4.23
N GLU B 232 -13.37 41.41 -3.36
CA GLU B 232 -12.56 42.50 -3.79
C GLU B 232 -11.17 42.05 -3.50
N THR B 233 -10.30 42.17 -4.48
CA THR B 233 -8.98 41.62 -4.29
C THR B 233 -8.22 42.62 -3.48
N ARG B 234 -8.27 43.87 -3.92
CA ARG B 234 -7.71 44.99 -3.19
C ARG B 234 -8.81 46.01 -3.07
N TRP C 10 -14.45 -13.36 -8.43
CA TRP C 10 -13.36 -13.71 -9.33
C TRP C 10 -13.68 -15.01 -10.02
N ASP C 11 -13.38 -15.10 -11.30
CA ASP C 11 -13.62 -16.32 -12.04
C ASP C 11 -12.63 -16.66 -13.14
N TYR C 12 -12.83 -17.84 -13.70
CA TYR C 12 -11.97 -18.40 -14.72
C TYR C 12 -12.65 -18.25 -16.08
N LYS C 13 -13.83 -17.63 -16.13
CA LYS C 13 -14.60 -17.63 -17.38
C LYS C 13 -14.15 -16.74 -18.52
N ASN C 14 -14.65 -17.17 -19.67
CA ASN C 14 -14.31 -16.69 -20.99
C ASN C 14 -14.69 -15.27 -21.35
N LYS C 15 -15.09 -14.47 -20.38
CA LYS C 15 -15.52 -13.14 -20.72
C LYS C 15 -14.42 -12.16 -20.39
N GLU C 16 -14.81 -11.10 -19.71
CA GLU C 16 -13.93 -9.99 -19.45
C GLU C 16 -13.82 -9.99 -17.95
N ASN C 17 -14.21 -11.14 -17.42
CA ASN C 17 -14.26 -11.43 -16.01
C ASN C 17 -13.01 -12.23 -15.66
N GLY C 18 -12.58 -13.03 -16.63
CA GLY C 18 -11.50 -13.98 -16.48
C GLY C 18 -10.16 -13.40 -16.06
N PRO C 19 -9.27 -14.30 -15.65
CA PRO C 19 -7.97 -14.09 -14.98
C PRO C 19 -7.11 -13.01 -15.59
N HIS C 20 -7.32 -12.81 -16.89
CA HIS C 20 -6.63 -11.79 -17.65
C HIS C 20 -7.12 -10.44 -17.18
N ARG C 21 -8.32 -10.43 -16.63
CA ARG C 21 -8.89 -9.24 -16.00
C ARG C 21 -9.23 -9.45 -14.51
N TRP C 22 -8.59 -10.44 -13.87
CA TRP C 22 -8.76 -10.63 -12.42
C TRP C 22 -8.23 -9.44 -11.66
N ASP C 23 -7.13 -8.91 -12.15
CA ASP C 23 -6.48 -7.76 -11.53
C ASP C 23 -7.46 -6.59 -11.64
N LYS C 24 -8.31 -6.70 -12.66
CA LYS C 24 -9.26 -5.67 -13.02
C LYS C 24 -10.59 -6.03 -12.37
N LEU C 25 -10.49 -6.69 -11.21
CA LEU C 25 -11.71 -6.99 -10.46
C LEU C 25 -11.69 -6.32 -9.08
N HIS C 26 -10.58 -6.50 -8.39
CA HIS C 26 -10.32 -5.92 -7.09
C HIS C 26 -8.94 -5.32 -7.16
N LYS C 27 -8.59 -4.50 -6.18
CA LYS C 27 -7.27 -3.92 -6.12
C LYS C 27 -6.43 -4.96 -5.42
N ASP C 28 -7.10 -5.98 -4.89
CA ASP C 28 -6.47 -7.13 -4.25
C ASP C 28 -5.84 -8.18 -5.22
N PHE C 29 -6.34 -8.23 -6.44
CA PHE C 29 -5.92 -9.24 -7.42
C PHE C 29 -4.88 -8.68 -8.39
N GLU C 30 -4.31 -7.54 -8.05
CA GLU C 30 -3.42 -6.83 -8.98
C GLU C 30 -2.14 -7.63 -9.23
N VAL C 31 -1.77 -8.50 -8.29
CA VAL C 31 -0.61 -9.33 -8.44
C VAL C 31 -0.88 -10.48 -9.41
N CYS C 32 -2.15 -10.81 -9.64
CA CYS C 32 -2.54 -11.83 -10.62
C CYS C 32 -2.23 -11.46 -12.07
N LYS C 33 -1.76 -10.24 -12.32
CA LYS C 33 -1.30 -9.88 -13.65
C LYS C 33 0.08 -9.23 -13.57
N SER C 34 0.36 -8.50 -12.49
CA SER C 34 1.65 -7.82 -12.38
C SER C 34 2.73 -8.70 -11.76
N GLY C 35 2.33 -9.85 -11.21
CA GLY C 35 3.25 -10.76 -10.57
C GLY C 35 4.17 -11.36 -11.60
N LYS C 36 5.43 -11.58 -11.24
CA LYS C 36 6.41 -12.10 -12.19
C LYS C 36 6.67 -13.59 -12.06
N SER C 37 6.23 -14.17 -10.96
CA SER C 37 6.42 -15.59 -10.74
CA SER C 37 6.43 -15.59 -10.72
C SER C 37 5.09 -16.22 -10.39
N GLN C 38 4.20 -16.23 -11.37
CA GLN C 38 2.83 -16.69 -11.23
C GLN C 38 2.59 -18.16 -11.55
N SER C 39 1.70 -18.79 -10.81
CA SER C 39 1.44 -20.20 -11.05
C SER C 39 0.06 -20.40 -11.65
N PRO C 40 -0.10 -21.39 -12.56
CA PRO C 40 0.84 -22.44 -12.97
C PRO C 40 1.77 -22.05 -14.12
N ILE C 41 2.72 -22.94 -14.42
CA ILE C 41 3.65 -22.72 -15.54
C ILE C 41 3.88 -24.02 -16.30
N ASN C 42 4.59 -23.94 -17.42
CA ASN C 42 4.94 -25.17 -18.12
C ASN C 42 6.26 -25.80 -17.68
N ILE C 43 6.19 -26.98 -17.06
CA ILE C 43 7.43 -27.65 -16.58
C ILE C 43 8.08 -28.39 -17.73
N GLU C 44 9.07 -27.75 -18.35
CA GLU C 44 9.65 -28.28 -19.58
C GLU C 44 11.16 -28.23 -19.58
N HIS C 45 11.70 -27.34 -18.78
CA HIS C 45 13.13 -27.25 -18.64
C HIS C 45 13.52 -27.28 -17.17
N TYR C 46 14.41 -28.17 -16.78
CA TYR C 46 14.69 -28.31 -15.36
C TYR C 46 16.05 -28.92 -15.11
N TYR C 47 16.52 -28.81 -13.88
CA TYR C 47 17.84 -29.29 -13.53
C TYR C 47 17.83 -30.47 -12.53
N HIS C 48 18.48 -31.56 -12.91
CA HIS C 48 18.63 -32.70 -12.02
C HIS C 48 19.69 -32.36 -11.01
N THR C 49 19.56 -32.91 -9.81
CA THR C 49 20.49 -32.59 -8.74
C THR C 49 20.69 -33.72 -7.73
N GLN C 50 21.67 -33.52 -6.85
CA GLN C 50 21.94 -34.44 -5.76
C GLN C 50 20.95 -34.18 -4.63
N ASP C 51 20.28 -35.23 -4.21
CA ASP C 51 19.12 -35.12 -3.32
C ASP C 51 19.36 -34.58 -1.92
N LYS C 52 18.26 -34.16 -1.30
CA LYS C 52 18.27 -33.61 0.04
C LYS C 52 17.05 -34.12 0.78
N ALA C 53 17.03 -33.88 2.09
CA ALA C 53 15.92 -34.25 2.94
C ALA C 53 14.91 -33.13 2.89
N ASP C 54 14.89 -32.41 1.76
CA ASP C 54 14.00 -31.28 1.52
C ASP C 54 12.70 -31.49 2.25
N LEU C 55 12.23 -32.72 2.16
CA LEU C 55 10.94 -33.08 2.68
C LEU C 55 10.96 -34.15 3.73
N GLN C 56 10.33 -33.83 4.85
CA GLN C 56 10.04 -34.78 5.89
C GLN C 56 8.55 -34.66 6.11
N PHE C 57 7.89 -35.76 6.42
CA PHE C 57 6.43 -35.76 6.55
C PHE C 57 5.91 -36.18 7.93
N LYS C 58 5.06 -35.33 8.49
CA LYS C 58 4.39 -35.62 9.73
C LYS C 58 2.89 -35.79 9.50
N TYR C 59 2.52 -36.56 8.49
CA TYR C 59 1.11 -36.72 8.15
C TYR C 59 0.45 -37.88 8.89
N ALA C 60 -0.87 -37.83 9.01
CA ALA C 60 -1.62 -38.96 9.57
C ALA C 60 -3.02 -38.96 8.97
N ALA C 61 -3.71 -40.10 9.06
CA ALA C 61 -5.10 -40.16 8.64
C ALA C 61 -5.91 -39.25 9.52
N SER C 62 -6.59 -38.27 8.92
CA SER C 62 -7.24 -37.21 9.69
C SER C 62 -8.64 -36.92 9.21
N LYS C 63 -9.52 -36.58 10.15
CA LYS C 63 -10.85 -36.10 9.81
C LYS C 63 -10.83 -34.63 9.42
N PRO C 64 -11.36 -34.34 8.22
CA PRO C 64 -11.52 -32.99 7.68
C PRO C 64 -12.38 -32.12 8.59
N LYS C 65 -11.93 -30.91 8.88
CA LYS C 65 -12.68 -29.97 9.73
C LYS C 65 -13.94 -29.62 8.99
N ALA C 66 -13.83 -29.62 7.67
CA ALA C 66 -14.97 -29.40 6.83
C ALA C 66 -14.65 -29.89 5.45
N VAL C 67 -15.67 -30.36 4.76
CA VAL C 67 -15.53 -30.58 3.34
C VAL C 67 -16.66 -29.76 2.78
N PHE C 68 -16.30 -28.91 1.83
CA PHE C 68 -17.27 -28.01 1.27
C PHE C 68 -16.71 -27.51 -0.03
N PHE C 69 -17.60 -27.02 -0.87
CA PHE C 69 -17.21 -26.40 -2.10
C PHE C 69 -16.96 -24.95 -1.78
N THR C 70 -15.84 -24.43 -2.26
CA THR C 70 -15.55 -23.04 -2.09
C THR C 70 -14.68 -22.52 -3.21
N HIS C 71 -14.95 -21.28 -3.61
CA HIS C 71 -14.10 -20.59 -4.56
C HIS C 71 -13.87 -21.36 -5.85
N HIS C 72 -14.96 -21.84 -6.44
CA HIS C 72 -14.96 -22.58 -7.70
C HIS C 72 -14.32 -23.96 -7.64
N THR C 73 -13.87 -24.39 -6.47
CA THR C 73 -13.18 -25.68 -6.43
C THR C 73 -13.57 -26.49 -5.19
N LEU C 74 -13.41 -27.81 -5.23
CA LEU C 74 -13.73 -28.62 -4.08
C LEU C 74 -12.56 -28.66 -3.11
N LYS C 75 -12.85 -28.68 -1.81
CA LYS C 75 -11.82 -28.53 -0.81
C LYS C 75 -12.17 -29.18 0.51
N ALA C 76 -11.18 -29.73 1.21
CA ALA C 76 -11.36 -30.21 2.57
C ALA C 76 -10.33 -29.58 3.49
N SER C 77 -10.77 -29.14 4.66
CA SER C 77 -9.93 -28.41 5.61
C SER C 77 -9.43 -29.26 6.78
N PHE C 78 -8.33 -28.85 7.41
CA PHE C 78 -7.77 -29.61 8.52
C PHE C 78 -7.24 -28.80 9.69
N GLU C 79 -7.43 -29.37 10.87
CA GLU C 79 -6.86 -28.86 12.10
C GLU C 79 -5.34 -29.06 12.06
N PRO C 80 -4.58 -28.24 12.80
CA PRO C 80 -3.12 -28.27 12.78
C PRO C 80 -2.39 -29.46 13.44
N THR C 81 -2.70 -30.68 13.01
CA THR C 81 -2.02 -31.85 13.55
C THR C 81 -1.06 -32.46 12.53
N ASN C 82 -1.17 -32.01 11.28
CA ASN C 82 -0.42 -32.55 10.15
C ASN C 82 0.63 -31.62 9.55
N HIS C 83 1.87 -32.10 9.43
CA HIS C 83 2.98 -31.25 9.04
C HIS C 83 3.90 -31.69 7.90
N ILE C 84 4.64 -30.73 7.37
CA ILE C 84 5.79 -30.99 6.54
C ILE C 84 6.91 -30.14 7.09
N ASN C 85 8.09 -30.73 7.24
CA ASN C 85 9.25 -30.02 7.71
C ASN C 85 10.12 -29.82 6.47
N TYR C 86 10.52 -28.58 6.18
CA TYR C 86 11.38 -28.24 5.03
C TYR C 86 12.40 -27.17 5.35
N ARG C 87 13.66 -27.51 5.14
CA ARG C 87 14.77 -26.63 5.52
C ARG C 87 14.73 -26.31 7.02
N GLY C 88 14.14 -27.21 7.81
CA GLY C 88 14.15 -27.06 9.24
C GLY C 88 12.99 -26.23 9.70
N HIS C 89 11.96 -26.16 8.87
CA HIS C 89 10.80 -25.34 9.15
C HIS C 89 9.57 -26.21 9.07
N ASP C 90 8.77 -26.22 10.12
CA ASP C 90 7.56 -27.03 10.09
C ASP C 90 6.48 -26.34 9.25
N TYR C 91 5.97 -27.04 8.25
CA TYR C 91 4.86 -26.51 7.48
C TYR C 91 3.67 -27.35 7.83
N VAL C 92 2.53 -26.68 7.96
CA VAL C 92 1.35 -27.34 8.47
C VAL C 92 0.30 -27.51 7.39
N LEU C 93 -0.25 -28.71 7.27
CA LEU C 93 -1.32 -28.93 6.32
C LEU C 93 -2.56 -28.11 6.68
N ASP C 94 -2.97 -27.23 5.77
CA ASP C 94 -4.20 -26.46 5.95
C ASP C 94 -5.35 -27.10 5.23
N ASN C 95 -5.18 -27.37 3.95
CA ASN C 95 -6.29 -27.89 3.20
C ASN C 95 -5.82 -28.69 2.04
N VAL C 96 -6.78 -29.36 1.43
CA VAL C 96 -6.53 -30.07 0.19
CA VAL C 96 -6.52 -30.06 0.19
C VAL C 96 -7.67 -29.77 -0.78
N HIS C 97 -7.32 -29.33 -1.99
CA HIS C 97 -8.31 -28.98 -2.98
C HIS C 97 -7.98 -29.56 -4.35
N PHE C 98 -8.88 -29.39 -5.31
CA PHE C 98 -8.72 -30.09 -6.59
C PHE C 98 -8.88 -29.19 -7.78
N HIS C 99 -8.24 -29.57 -8.87
CA HIS C 99 -8.31 -28.80 -10.10
C HIS C 99 -8.46 -29.68 -11.37
N ALA C 100 -9.36 -29.29 -12.26
CA ALA C 100 -9.58 -30.02 -13.50
C ALA C 100 -9.66 -29.06 -14.67
N PRO C 101 -8.72 -29.18 -15.63
CA PRO C 101 -7.59 -30.10 -15.69
C PRO C 101 -6.50 -29.75 -14.70
N MET C 102 -5.44 -30.54 -14.69
CA MET C 102 -4.29 -30.24 -13.88
C MET C 102 -3.81 -28.84 -14.20
N GLU C 103 -3.54 -28.02 -13.19
CA GLU C 103 -3.14 -26.67 -13.51
C GLU C 103 -1.69 -26.63 -13.95
N PHE C 104 -0.81 -27.33 -13.24
CA PHE C 104 0.57 -27.34 -13.66
C PHE C 104 0.76 -28.39 -14.72
N LEU C 105 1.44 -28.03 -15.79
CA LEU C 105 1.64 -28.99 -16.86
C LEU C 105 3.11 -29.40 -16.93
N ILE C 106 3.35 -30.70 -17.01
CA ILE C 106 4.70 -31.29 -17.03
C ILE C 106 5.15 -31.73 -18.40
N ASN C 107 6.06 -30.97 -19.00
CA ASN C 107 6.48 -31.22 -20.39
C ASN C 107 5.28 -31.39 -21.29
N ASN C 108 4.46 -30.34 -21.33
CA ASN C 108 3.29 -30.30 -22.19
C ASN C 108 2.22 -31.34 -21.83
N LYS C 109 2.30 -31.89 -20.63
CA LYS C 109 1.30 -32.84 -20.15
C LYS C 109 0.28 -32.31 -19.14
N THR C 110 -0.99 -32.51 -19.46
CA THR C 110 -2.06 -32.06 -18.59
C THR C 110 -2.67 -33.31 -18.05
N ARG C 111 -3.08 -33.27 -16.80
CA ARG C 111 -3.82 -34.37 -16.25
C ARG C 111 -5.20 -33.77 -16.15
N PRO C 112 -6.23 -34.56 -16.37
CA PRO C 112 -7.60 -34.05 -16.27
C PRO C 112 -7.99 -33.76 -14.81
N LEU C 113 -7.01 -33.85 -13.90
CA LEU C 113 -7.22 -33.54 -12.49
C LEU C 113 -5.89 -33.39 -11.73
N SER C 114 -5.79 -32.45 -10.79
CA SER C 114 -4.63 -32.39 -9.86
C SER C 114 -5.10 -32.09 -8.42
N ALA C 115 -4.17 -32.00 -7.47
CA ALA C 115 -4.52 -31.74 -6.07
C ALA C 115 -3.46 -30.95 -5.32
N HIS C 116 -3.90 -30.05 -4.45
CA HIS C 116 -3.01 -29.17 -3.75
C HIS C 116 -3.04 -29.31 -2.22
N PHE C 117 -1.90 -29.58 -1.62
CA PHE C 117 -1.80 -29.69 -0.17
C PHE C 117 -1.18 -28.44 0.42
N VAL C 118 -1.98 -27.65 1.13
CA VAL C 118 -1.53 -26.31 1.50
C VAL C 118 -0.92 -26.15 2.88
N HIS C 119 0.24 -25.50 2.92
CA HIS C 119 0.99 -25.25 4.14
C HIS C 119 1.40 -23.81 4.35
N LYS C 120 1.67 -23.48 5.59
CA LYS C 120 2.18 -22.16 5.96
C LYS C 120 3.03 -22.33 7.21
N ASP C 121 4.21 -21.72 7.24
CA ASP C 121 4.95 -21.79 8.49
C ASP C 121 4.52 -20.57 9.29
N ALA C 122 5.17 -20.35 10.43
CA ALA C 122 4.71 -19.39 11.42
C ALA C 122 4.58 -17.96 10.91
N LYS C 123 5.45 -17.54 10.00
CA LYS C 123 5.38 -16.17 9.53
C LYS C 123 4.22 -16.11 8.56
N GLY C 124 4.23 -17.02 7.61
CA GLY C 124 3.15 -17.15 6.66
C GLY C 124 3.62 -17.79 5.38
N ARG C 125 4.92 -18.03 5.30
CA ARG C 125 5.53 -18.45 4.05
C ARG C 125 5.00 -19.80 3.67
N LEU C 126 4.81 -19.99 2.38
CA LEU C 126 3.98 -21.05 1.88
C LEU C 126 4.63 -22.25 1.27
N LEU C 127 3.96 -23.39 1.40
CA LEU C 127 4.40 -24.60 0.74
C LEU C 127 3.19 -25.29 0.16
N VAL C 128 3.09 -25.27 -1.15
CA VAL C 128 2.02 -25.96 -1.82
C VAL C 128 2.57 -27.13 -2.59
N LEU C 129 1.80 -28.18 -2.64
CA LEU C 129 2.24 -29.42 -3.18
C LEU C 129 1.21 -29.89 -4.20
N ALA C 130 1.58 -30.06 -5.45
CA ALA C 130 0.57 -30.46 -6.40
C ALA C 130 0.90 -31.83 -6.97
N ILE C 131 -0.11 -32.70 -7.00
CA ILE C 131 0.07 -34.05 -7.51
C ILE C 131 -1.15 -34.46 -8.30
N GLY C 132 -0.88 -35.22 -9.34
CA GLY C 132 -1.89 -35.53 -10.31
C GLY C 132 -2.70 -36.77 -10.07
N PHE C 133 -3.71 -36.89 -10.90
CA PHE C 133 -4.56 -38.05 -10.91
C PHE C 133 -4.59 -38.58 -12.33
N GLU C 134 -4.31 -39.87 -12.49
CA GLU C 134 -4.45 -40.47 -13.80
C GLU C 134 -5.71 -41.27 -13.71
N GLU C 135 -6.52 -41.30 -14.77
CA GLU C 135 -7.72 -42.10 -14.62
C GLU C 135 -7.37 -43.57 -14.69
N GLY C 136 -8.03 -44.32 -13.81
CA GLY C 136 -7.77 -45.73 -13.65
C GLY C 136 -8.63 -46.30 -12.55
N LYS C 137 -8.04 -46.55 -11.39
CA LYS C 137 -8.74 -47.26 -10.32
C LYS C 137 -9.44 -46.28 -9.38
N GLU C 138 -10.34 -46.79 -8.56
CA GLU C 138 -11.08 -45.96 -7.62
C GLU C 138 -10.12 -45.66 -6.48
N ASN C 139 -10.00 -44.40 -6.04
CA ASN C 139 -9.09 -44.07 -4.94
C ASN C 139 -9.81 -43.95 -3.61
N PRO C 140 -9.55 -44.88 -2.69
CA PRO C 140 -10.24 -44.94 -1.41
C PRO C 140 -9.92 -43.74 -0.50
N ASN C 141 -8.83 -43.05 -0.81
CA ASN C 141 -8.47 -41.83 -0.10
C ASN C 141 -9.27 -40.67 -0.64
N LEU C 142 -9.96 -40.89 -1.76
CA LEU C 142 -10.88 -39.88 -2.24
C LEU C 142 -12.27 -40.03 -1.63
N ASP C 143 -12.68 -41.26 -1.32
CA ASP C 143 -14.03 -41.49 -0.82
C ASP C 143 -14.43 -40.66 0.40
N PRO C 144 -13.54 -40.43 1.37
CA PRO C 144 -13.94 -39.60 2.52
C PRO C 144 -14.22 -38.13 2.16
N ILE C 145 -13.98 -37.77 0.92
CA ILE C 145 -14.26 -36.43 0.43
C ILE C 145 -15.53 -36.51 -0.37
N LEU C 146 -15.66 -37.58 -1.15
CA LEU C 146 -16.86 -37.80 -1.92
C LEU C 146 -17.97 -38.15 -0.96
N GLU C 147 -17.58 -38.50 0.25
CA GLU C 147 -18.51 -38.70 1.33
C GLU C 147 -18.68 -37.42 2.16
N GLY C 148 -17.72 -36.50 2.07
CA GLY C 148 -17.76 -35.29 2.88
C GLY C 148 -18.49 -34.04 2.39
N ILE C 149 -18.82 -34.01 1.11
CA ILE C 149 -19.53 -32.88 0.54
C ILE C 149 -21.00 -33.28 0.43
N GLN C 150 -21.21 -34.58 0.58
CA GLN C 150 -22.51 -35.19 0.68
C GLN C 150 -22.94 -35.10 2.14
N LYS C 151 -22.11 -34.43 2.96
CA LYS C 151 -22.28 -34.34 4.41
C LYS C 151 -21.89 -32.96 4.97
N LYS C 152 -22.56 -32.56 6.06
CA LYS C 152 -22.28 -31.27 6.69
C LYS C 152 -21.62 -31.26 8.09
N GLN C 153 -21.80 -32.32 8.88
CA GLN C 153 -21.18 -32.35 10.20
C GLN C 153 -20.49 -33.68 10.50
N ASN C 154 -19.53 -33.65 11.44
CA ASN C 154 -18.81 -34.84 11.88
C ASN C 154 -18.24 -35.63 10.71
N PHE C 155 -17.18 -35.08 10.11
CA PHE C 155 -16.59 -35.60 8.89
C PHE C 155 -15.65 -36.78 9.14
N LYS C 156 -15.90 -37.90 8.47
CA LYS C 156 -15.09 -39.12 8.60
C LYS C 156 -13.70 -39.05 7.95
N GLU C 157 -12.74 -39.82 8.49
CA GLU C 157 -11.30 -39.67 8.19
C GLU C 157 -10.79 -39.79 6.78
N VAL C 158 -9.74 -39.00 6.52
CA VAL C 158 -8.96 -39.05 5.30
C VAL C 158 -7.57 -39.53 5.63
N ALA C 159 -7.15 -40.58 4.94
CA ALA C 159 -5.86 -41.17 5.19
C ALA C 159 -4.73 -40.32 4.59
N LEU C 160 -4.32 -39.26 5.29
CA LEU C 160 -3.28 -38.39 4.74
C LEU C 160 -1.92 -39.03 4.62
N ASP C 161 -1.56 -39.96 5.52
CA ASP C 161 -0.25 -40.60 5.40
C ASP C 161 -0.25 -41.70 4.34
N ALA C 162 -1.39 -41.89 3.67
CA ALA C 162 -1.52 -42.96 2.68
C ALA C 162 -1.98 -42.44 1.29
N PHE C 163 -1.92 -41.13 1.12
CA PHE C 163 -2.38 -40.53 -0.11
C PHE C 163 -1.25 -40.58 -1.13
N LEU C 164 -0.06 -40.20 -0.66
CA LEU C 164 1.12 -40.04 -1.50
C LEU C 164 1.82 -41.35 -1.74
N PRO C 165 2.53 -41.48 -2.87
CA PRO C 165 3.34 -42.67 -3.13
C PRO C 165 4.41 -42.77 -2.07
N LYS C 166 4.87 -43.97 -1.72
CA LYS C 166 5.87 -44.06 -0.65
C LYS C 166 7.11 -43.35 -1.12
N SER C 167 7.36 -43.41 -2.42
CA SER C 167 8.52 -42.76 -2.99
C SER C 167 8.03 -41.81 -4.06
N ILE C 168 8.52 -40.59 -4.05
CA ILE C 168 8.03 -39.59 -5.00
C ILE C 168 9.15 -38.82 -5.67
N ASN C 169 9.11 -38.81 -7.00
CA ASN C 169 9.92 -37.89 -7.77
C ASN C 169 9.15 -36.58 -8.01
N TYR C 170 9.73 -35.46 -7.59
CA TYR C 170 9.05 -34.16 -7.66
C TYR C 170 9.83 -33.07 -8.37
N TYR C 171 9.13 -31.98 -8.70
CA TYR C 171 9.76 -30.79 -9.22
C TYR C 171 9.57 -29.61 -8.29
N HIS C 172 10.63 -28.85 -8.05
CA HIS C 172 10.59 -27.82 -7.04
C HIS C 172 11.08 -26.49 -7.57
N PHE C 173 10.35 -25.45 -7.23
CA PHE C 173 10.60 -24.11 -7.70
C PHE C 173 9.76 -23.17 -6.88
N ASN C 174 10.05 -21.88 -6.99
CA ASN C 174 9.20 -20.87 -6.36
C ASN C 174 8.25 -20.26 -7.38
N GLY C 175 6.97 -20.22 -7.01
CA GLY C 175 5.91 -19.70 -7.85
C GLY C 175 4.89 -18.87 -7.06
N SER C 176 3.65 -18.87 -7.53
CA SER C 176 2.57 -18.13 -6.90
C SER C 176 1.39 -19.02 -6.57
N LEU C 177 0.40 -18.48 -5.87
CA LEU C 177 -0.83 -19.25 -5.75
C LEU C 177 -1.56 -19.24 -7.06
N THR C 178 -2.32 -20.29 -7.31
CA THR C 178 -2.98 -20.46 -8.59
C THR C 178 -4.39 -19.90 -8.62
N ALA C 179 -4.78 -19.22 -7.56
CA ALA C 179 -6.09 -18.62 -7.51
C ALA C 179 -5.97 -17.19 -6.95
N PRO C 180 -6.91 -16.29 -7.29
CA PRO C 180 -6.84 -14.96 -6.70
C PRO C 180 -6.84 -15.11 -5.18
N PRO C 181 -5.96 -14.41 -4.46
CA PRO C 181 -5.04 -13.35 -4.84
C PRO C 181 -3.72 -13.80 -5.42
N CYS C 182 -3.52 -15.06 -5.76
CA CYS C 182 -2.30 -15.44 -6.48
C CYS C 182 -0.99 -15.04 -5.81
N THR C 183 -0.89 -15.18 -4.49
CA THR C 183 0.30 -14.74 -3.77
C THR C 183 1.55 -15.45 -4.20
N GLU C 184 2.60 -14.67 -4.43
CA GLU C 184 3.87 -15.25 -4.82
C GLU C 184 4.67 -15.62 -3.59
N GLY C 185 5.85 -16.18 -3.82
CA GLY C 185 6.74 -16.60 -2.74
C GLY C 185 6.30 -17.97 -2.30
N VAL C 186 5.71 -18.71 -3.23
CA VAL C 186 5.21 -20.04 -2.95
C VAL C 186 6.12 -21.13 -3.48
N ALA C 187 6.57 -21.98 -2.57
CA ALA C 187 7.44 -23.08 -2.92
C ALA C 187 6.57 -24.17 -3.46
N TRP C 188 6.73 -24.47 -4.72
CA TRP C 188 5.93 -25.50 -5.32
C TRP C 188 6.70 -26.80 -5.43
N PHE C 189 6.09 -27.85 -4.93
CA PHE C 189 6.58 -29.19 -5.14
C PHE C 189 5.57 -29.90 -5.97
N VAL C 190 5.98 -30.30 -7.15
CA VAL C 190 5.03 -30.95 -8.03
C VAL C 190 5.52 -32.38 -8.27
N ILE C 191 4.68 -33.33 -7.89
CA ILE C 191 5.09 -34.70 -7.95
C ILE C 191 4.73 -35.25 -9.30
N GLU C 192 5.65 -35.98 -9.88
CA GLU C 192 5.43 -36.44 -11.23
C GLU C 192 4.58 -37.70 -11.21
N GLU C 193 4.58 -38.39 -10.08
CA GLU C 193 3.80 -39.63 -9.98
C GLU C 193 2.31 -39.32 -9.95
N PRO C 194 1.52 -40.07 -10.72
CA PRO C 194 0.07 -39.93 -10.79
C PRO C 194 -0.63 -40.81 -9.80
N LEU C 195 -1.76 -40.34 -9.28
CA LEU C 195 -2.63 -41.22 -8.54
C LEU C 195 -3.73 -41.68 -9.43
N GLU C 196 -4.34 -42.79 -9.03
CA GLU C 196 -5.34 -43.42 -9.84
C GLU C 196 -6.73 -42.87 -9.47
N VAL C 197 -7.56 -42.62 -10.47
CA VAL C 197 -8.90 -42.10 -10.23
C VAL C 197 -9.86 -42.56 -11.31
N SER C 198 -11.02 -43.10 -10.95
CA SER C 198 -11.94 -43.56 -11.99
C SER C 198 -12.55 -42.35 -12.67
N ALA C 199 -13.04 -42.51 -13.89
CA ALA C 199 -13.76 -41.41 -14.57
C ALA C 199 -15.12 -41.23 -13.93
N LYS C 200 -15.54 -42.18 -13.12
CA LYS C 200 -16.79 -42.02 -12.39
C LYS C 200 -16.57 -41.04 -11.27
N GLN C 201 -15.37 -41.07 -10.71
CA GLN C 201 -15.02 -40.18 -9.61
C GLN C 201 -14.60 -38.85 -10.19
N LEU C 202 -13.89 -38.87 -11.31
CA LEU C 202 -13.57 -37.66 -12.04
C LEU C 202 -14.85 -36.96 -12.49
N ALA C 203 -15.80 -37.71 -13.03
CA ALA C 203 -17.05 -37.12 -13.50
C ALA C 203 -17.86 -36.62 -12.33
N GLU C 204 -17.78 -37.33 -11.21
CA GLU C 204 -18.59 -36.96 -10.06
C GLU C 204 -18.01 -35.77 -9.29
N ILE C 205 -16.70 -35.62 -9.22
CA ILE C 205 -16.21 -34.47 -8.49
C ILE C 205 -16.40 -33.27 -9.40
N LYS C 206 -16.32 -33.47 -10.72
CA LYS C 206 -16.60 -32.37 -11.61
C LYS C 206 -18.07 -32.06 -11.40
N LYS C 207 -18.81 -33.00 -10.84
CA LYS C 207 -20.20 -32.79 -10.50
C LYS C 207 -20.25 -32.12 -9.13
N ARG C 208 -19.17 -32.29 -8.36
CA ARG C 208 -18.98 -31.55 -7.12
C ARG C 208 -18.15 -30.30 -7.37
N MET C 209 -17.78 -30.10 -8.63
CA MET C 209 -17.19 -28.82 -9.06
C MET C 209 -17.96 -28.23 -10.25
N LYS C 210 -19.20 -28.70 -10.41
CA LYS C 210 -20.21 -28.19 -11.34
C LYS C 210 -19.90 -28.48 -12.83
N ASN C 211 -19.20 -29.60 -13.12
CA ASN C 211 -18.73 -30.02 -14.47
C ASN C 211 -18.12 -28.90 -15.31
N SER C 212 -17.50 -27.95 -14.63
CA SER C 212 -16.82 -26.84 -15.27
C SER C 212 -15.34 -26.79 -14.86
N PRO C 213 -14.46 -26.49 -15.83
CA PRO C 213 -12.99 -26.46 -15.72
C PRO C 213 -12.42 -25.43 -14.76
N ASN C 214 -11.75 -25.83 -13.68
CA ASN C 214 -11.14 -24.83 -12.83
C ASN C 214 -9.64 -24.78 -13.04
N GLN C 215 -9.20 -24.61 -14.28
CA GLN C 215 -7.78 -24.48 -14.48
C GLN C 215 -7.39 -23.11 -15.01
N ARG C 216 -6.58 -22.41 -14.22
CA ARG C 216 -5.92 -21.22 -14.67
C ARG C 216 -4.84 -21.59 -15.71
N PRO C 217 -4.85 -20.94 -16.86
CA PRO C 217 -3.82 -21.29 -17.83
C PRO C 217 -2.41 -21.04 -17.32
N VAL C 218 -1.47 -21.69 -17.97
CA VAL C 218 -0.06 -21.58 -17.61
C VAL C 218 0.35 -20.13 -17.72
N GLN C 219 1.00 -19.65 -16.68
CA GLN C 219 1.39 -18.27 -16.64
C GLN C 219 2.65 -18.03 -17.41
N PRO C 220 2.95 -16.76 -17.69
CA PRO C 220 4.22 -16.51 -18.34
C PRO C 220 5.33 -17.01 -17.48
N ASP C 221 6.28 -17.69 -18.10
CA ASP C 221 7.40 -18.19 -17.39
C ASP C 221 8.44 -17.13 -17.61
N TYR C 222 8.98 -16.64 -16.51
CA TYR C 222 10.05 -15.67 -16.54
C TYR C 222 11.28 -16.42 -16.10
N ASN C 223 11.55 -17.50 -16.82
CA ASN C 223 12.70 -18.34 -16.57
C ASN C 223 12.63 -18.90 -15.15
N THR C 224 11.54 -19.60 -14.85
CA THR C 224 11.38 -20.17 -13.52
C THR C 224 12.42 -21.27 -13.33
N VAL C 225 13.24 -21.11 -12.30
CA VAL C 225 14.23 -22.11 -11.95
C VAL C 225 13.61 -23.32 -11.25
N ILE C 226 13.63 -24.43 -11.97
CA ILE C 226 13.11 -25.72 -11.51
C ILE C 226 14.20 -26.78 -11.39
N ILE C 227 14.17 -27.48 -10.25
CA ILE C 227 15.06 -28.60 -9.97
C ILE C 227 14.25 -29.88 -9.96
N LYS C 228 14.85 -31.00 -10.31
CA LYS C 228 14.14 -32.24 -10.08
C LYS C 228 14.81 -33.03 -8.96
N SER C 229 14.02 -33.55 -8.03
CA SER C 229 14.54 -34.27 -6.89
C SER C 229 13.56 -35.32 -6.43
N SER C 230 13.84 -35.99 -5.33
CA SER C 230 12.92 -37.00 -4.80
C SER C 230 13.04 -37.15 -3.29
N ALA C 231 12.03 -37.75 -2.69
CA ALA C 231 12.09 -38.06 -1.28
C ALA C 231 11.09 -39.15 -1.00
N GLU C 232 10.99 -39.51 0.28
CA GLU C 232 10.07 -40.55 0.70
C GLU C 232 8.95 -39.96 1.55
N THR C 233 7.73 -40.31 1.21
CA THR C 233 6.56 -39.75 1.86
C THR C 233 6.08 -40.58 3.04
N ARG C 234 6.91 -41.57 3.40
CA ARG C 234 6.80 -42.36 4.63
C ARG C 234 7.90 -43.38 4.53
N TRP D 10 15.71 9.22 -4.29
CA TRP D 10 16.13 7.98 -3.62
C TRP D 10 17.61 7.68 -3.80
N ASP D 11 18.23 7.15 -2.75
CA ASP D 11 19.65 6.83 -2.75
C ASP D 11 19.93 5.57 -1.94
N TYR D 12 21.21 5.22 -1.81
CA TYR D 12 21.65 4.02 -1.07
C TYR D 12 22.07 4.33 0.37
N LYS D 13 21.77 5.55 0.82
CA LYS D 13 22.16 6.04 2.15
C LYS D 13 21.33 5.49 3.32
N ASN D 14 21.92 5.57 4.51
CA ASN D 14 21.24 5.17 5.73
C ASN D 14 20.09 6.13 6.08
N LYS D 15 19.71 7.02 5.18
CA LYS D 15 18.66 7.97 5.55
C LYS D 15 17.31 7.65 4.95
N GLU D 16 16.55 8.68 4.60
CA GLU D 16 15.14 8.45 4.35
C GLU D 16 14.80 8.09 2.91
N ASN D 17 15.65 8.50 1.98
CA ASN D 17 15.47 8.14 0.57
C ASN D 17 16.36 6.92 0.37
N GLY D 18 16.81 6.41 1.51
CA GLY D 18 17.61 5.21 1.61
C GLY D 18 16.81 3.99 1.19
N PRO D 19 17.51 2.90 0.84
CA PRO D 19 16.94 1.68 0.26
C PRO D 19 15.84 1.08 1.12
N HIS D 20 15.98 1.27 2.43
CA HIS D 20 15.04 0.74 3.39
C HIS D 20 13.67 1.38 3.28
N ARG D 21 13.62 2.58 2.73
CA ARG D 21 12.34 3.23 2.52
C ARG D 21 12.12 3.53 1.03
N TRP D 22 12.73 2.75 0.15
CA TRP D 22 12.47 2.87 -1.30
C TRP D 22 11.02 2.62 -1.50
N ASP D 23 10.48 1.71 -0.69
CA ASP D 23 9.10 1.27 -0.78
C ASP D 23 8.16 2.44 -0.52
N LYS D 24 8.58 3.37 0.31
CA LYS D 24 7.72 4.47 0.70
C LYS D 24 8.07 5.80 0.04
N LEU D 25 8.58 5.78 -1.19
CA LEU D 25 8.84 7.02 -1.92
C LEU D 25 7.93 7.20 -3.11
N HIS D 26 7.77 6.15 -3.90
CA HIS D 26 6.84 6.18 -5.03
C HIS D 26 6.03 4.91 -5.08
N LYS D 27 4.97 4.89 -5.84
CA LYS D 27 4.16 3.70 -5.89
C LYS D 27 4.71 2.70 -6.87
N ASP D 28 5.73 3.08 -7.64
CA ASP D 28 6.48 2.08 -8.42
C ASP D 28 7.44 1.24 -7.58
N PHE D 29 7.88 1.81 -6.46
CA PHE D 29 8.95 1.15 -5.73
C PHE D 29 8.37 0.29 -4.63
N GLU D 30 7.08 0.01 -4.74
CA GLU D 30 6.38 -0.74 -3.71
C GLU D 30 6.86 -2.20 -3.71
N VAL D 31 7.31 -2.68 -4.87
CA VAL D 31 7.78 -4.06 -5.00
C VAL D 31 9.12 -4.20 -4.30
N CYS D 32 9.77 -3.10 -3.96
CA CYS D 32 10.98 -3.18 -3.14
C CYS D 32 10.62 -3.73 -1.77
N LYS D 33 9.32 -3.80 -1.49
CA LYS D 33 8.79 -4.34 -0.25
C LYS D 33 7.81 -5.50 -0.46
N SER D 34 7.04 -5.42 -1.54
CA SER D 34 6.00 -6.42 -1.78
C SER D 34 6.60 -7.63 -2.41
N GLY D 35 7.84 -7.50 -2.86
CA GLY D 35 8.49 -8.61 -3.52
C GLY D 35 8.82 -9.75 -2.60
N LYS D 36 8.57 -10.95 -3.10
CA LYS D 36 8.82 -12.16 -2.35
C LYS D 36 10.07 -12.70 -2.96
N SER D 37 10.38 -12.13 -4.12
CA SER D 37 11.50 -12.55 -4.93
C SER D 37 12.43 -11.39 -5.16
N GLN D 38 12.87 -10.75 -4.09
CA GLN D 38 13.69 -9.57 -4.22
C GLN D 38 15.16 -9.93 -4.16
N SER D 39 15.95 -9.26 -4.98
CA SER D 39 17.39 -9.47 -5.01
C SER D 39 18.02 -8.19 -4.49
N PRO D 40 19.22 -8.28 -3.89
CA PRO D 40 20.12 -9.42 -3.75
C PRO D 40 19.94 -10.26 -2.49
N ILE D 41 20.61 -11.41 -2.44
CA ILE D 41 20.64 -12.30 -1.27
C ILE D 41 22.00 -13.02 -1.15
N ASN D 42 22.24 -13.72 -0.04
CA ASN D 42 23.46 -14.53 0.08
C ASN D 42 23.18 -15.92 -0.47
N ILE D 43 23.92 -16.30 -1.50
CA ILE D 43 23.69 -17.59 -2.10
C ILE D 43 24.33 -18.60 -1.18
N GLU D 44 23.53 -19.23 -0.34
CA GLU D 44 24.03 -20.13 0.68
C GLU D 44 23.24 -21.45 0.71
N HIS D 45 22.06 -21.46 0.09
CA HIS D 45 21.34 -22.72 -0.19
C HIS D 45 21.00 -22.93 -1.66
N TYR D 46 21.47 -24.03 -2.21
CA TYR D 46 21.28 -24.33 -3.60
C TYR D 46 21.50 -25.81 -3.86
N TYR D 47 21.12 -26.25 -5.05
CA TYR D 47 21.17 -27.65 -5.49
C TYR D 47 22.16 -27.82 -6.67
N HIS D 48 23.03 -28.83 -6.67
CA HIS D 48 24.01 -29.01 -7.76
C HIS D 48 23.45 -29.64 -9.06
N THR D 49 23.89 -29.17 -10.24
CA THR D 49 23.37 -29.71 -11.51
C THR D 49 24.26 -29.68 -12.79
N GLN D 50 23.63 -29.75 -13.97
CA GLN D 50 24.36 -29.71 -15.25
C GLN D 50 24.17 -28.47 -16.17
N ASP D 51 24.52 -28.66 -17.45
CA ASP D 51 24.55 -27.60 -18.47
C ASP D 51 24.95 -28.16 -19.83
N ASP D 54 19.74 -23.24 -21.69
CA ASP D 54 20.73 -23.48 -22.74
C ASP D 54 21.52 -22.22 -23.02
N LEU D 55 22.27 -21.79 -22.00
CA LEU D 55 23.04 -20.56 -22.07
C LEU D 55 23.77 -20.42 -23.39
N GLN D 56 23.36 -19.43 -24.20
CA GLN D 56 24.09 -19.17 -25.43
C GLN D 56 24.38 -17.69 -25.65
N PHE D 57 25.49 -17.40 -26.35
CA PHE D 57 26.01 -16.03 -26.51
C PHE D 57 26.12 -15.51 -27.97
N LYS D 58 25.49 -14.38 -28.32
CA LYS D 58 25.73 -13.74 -29.63
C LYS D 58 26.35 -12.35 -29.48
N TYR D 59 27.45 -12.26 -28.73
CA TYR D 59 28.08 -10.98 -28.45
C TYR D 59 29.05 -10.60 -29.55
N ALA D 60 29.35 -9.31 -29.65
CA ALA D 60 30.33 -8.84 -30.63
C ALA D 60 31.03 -7.60 -30.12
N ALA D 61 32.17 -7.29 -30.72
CA ALA D 61 32.87 -6.06 -30.40
C ALA D 61 31.94 -4.92 -30.79
N SER D 62 31.58 -4.10 -29.81
CA SER D 62 30.58 -3.11 -30.12
C SER D 62 30.91 -1.76 -29.52
N LYS D 63 30.59 -0.71 -30.28
CA LYS D 63 30.68 0.67 -29.82
C LYS D 63 29.46 0.96 -28.99
N PRO D 64 29.69 1.40 -27.74
CA PRO D 64 28.57 1.79 -26.87
C PRO D 64 27.75 2.87 -27.53
N LYS D 65 26.43 2.74 -27.47
CA LYS D 65 25.55 3.76 -27.99
C LYS D 65 25.75 4.98 -27.10
N ALA D 66 26.06 4.71 -25.83
CA ALA D 66 26.42 5.75 -24.88
C ALA D 66 27.14 5.16 -23.69
N VAL D 67 28.12 5.88 -23.17
CA VAL D 67 28.75 5.56 -21.89
C VAL D 67 28.56 6.78 -21.05
N PHE D 68 27.98 6.61 -19.86
CA PHE D 68 27.55 7.72 -19.04
C PHE D 68 27.26 7.29 -17.61
N PHE D 69 27.26 8.23 -16.67
CA PHE D 69 26.89 7.92 -15.30
C PHE D 69 25.40 8.22 -15.07
N THR D 70 24.69 7.28 -14.47
CA THR D 70 23.29 7.45 -14.18
C THR D 70 22.89 6.68 -12.93
N HIS D 71 22.04 7.27 -12.09
CA HIS D 71 21.52 6.61 -10.88
C HIS D 71 22.56 5.97 -9.97
N HIS D 72 23.62 6.69 -9.61
CA HIS D 72 24.64 6.20 -8.68
C HIS D 72 25.46 5.07 -9.29
N THR D 73 25.28 4.84 -10.57
CA THR D 73 26.06 3.79 -11.19
C THR D 73 26.51 4.22 -12.55
N LEU D 74 27.57 3.56 -13.02
CA LEU D 74 28.14 3.77 -14.34
C LEU D 74 27.49 2.86 -15.38
N LYS D 75 27.27 3.35 -16.58
CA LYS D 75 26.52 2.57 -17.56
C LYS D 75 26.98 2.85 -18.97
N ALA D 76 27.09 1.80 -19.77
CA ALA D 76 27.30 1.99 -21.18
C ALA D 76 26.19 1.26 -21.88
N SER D 77 25.52 1.93 -22.81
CA SER D 77 24.43 1.29 -23.51
C SER D 77 24.96 0.84 -24.86
N PHE D 78 24.30 -0.13 -25.47
CA PHE D 78 24.78 -0.68 -26.73
C PHE D 78 23.63 -0.90 -27.67
N GLU D 79 23.91 -0.83 -28.96
CA GLU D 79 22.91 -1.14 -29.97
C GLU D 79 22.48 -2.60 -29.84
N PRO D 80 21.24 -2.92 -30.27
CA PRO D 80 20.76 -4.30 -30.18
C PRO D 80 21.41 -5.22 -31.21
N THR D 81 22.74 -5.20 -31.21
CA THR D 81 23.55 -6.02 -32.10
C THR D 81 24.17 -7.17 -31.31
N ASN D 82 24.06 -7.09 -29.98
CA ASN D 82 24.60 -8.11 -29.09
C ASN D 82 23.51 -8.90 -28.36
N HIS D 83 23.52 -10.21 -28.52
CA HIS D 83 22.46 -11.08 -28.04
C HIS D 83 22.91 -12.24 -27.15
N ILE D 84 21.95 -12.80 -26.43
CA ILE D 84 22.08 -14.10 -25.79
C ILE D 84 20.86 -14.91 -26.15
N ASN D 85 21.09 -16.18 -26.49
CA ASN D 85 20.02 -17.10 -26.78
C ASN D 85 19.84 -18.01 -25.59
N TYR D 86 18.64 -17.97 -25.04
CA TYR D 86 18.32 -18.75 -23.87
C TYR D 86 16.89 -19.28 -23.98
N ARG D 87 16.74 -20.59 -23.84
CA ARG D 87 15.46 -21.32 -23.96
C ARG D 87 14.78 -21.19 -25.32
N GLY D 88 15.56 -20.86 -26.34
CA GLY D 88 15.05 -20.80 -27.69
C GLY D 88 14.46 -19.46 -28.05
N HIS D 89 14.78 -18.47 -27.23
CA HIS D 89 14.30 -17.09 -27.38
C HIS D 89 15.52 -16.21 -27.35
N ASP D 90 15.64 -15.32 -28.32
CA ASP D 90 16.76 -14.39 -28.30
C ASP D 90 16.47 -13.21 -27.37
N TYR D 91 17.38 -12.99 -26.42
CA TYR D 91 17.29 -11.87 -25.49
C TYR D 91 18.39 -10.90 -25.85
N VAL D 92 18.11 -9.61 -25.80
CA VAL D 92 19.07 -8.62 -26.29
C VAL D 92 19.75 -7.81 -25.18
N LEU D 93 21.08 -7.74 -25.25
CA LEU D 93 21.86 -6.91 -24.34
C LEU D 93 21.64 -5.44 -24.56
N ASP D 94 21.17 -4.74 -23.54
CA ASP D 94 21.02 -3.31 -23.63
C ASP D 94 22.25 -2.64 -23.04
N ASN D 95 22.67 -3.06 -21.87
CA ASN D 95 23.78 -2.40 -21.24
C ASN D 95 24.54 -3.26 -20.27
N VAL D 96 25.63 -2.69 -19.79
CA VAL D 96 26.39 -3.22 -18.69
C VAL D 96 26.66 -2.06 -17.78
N HIS D 97 26.32 -2.23 -16.52
CA HIS D 97 26.46 -1.19 -15.53
C HIS D 97 27.17 -1.83 -14.35
N PHE D 98 27.48 -1.07 -13.31
CA PHE D 98 28.36 -1.60 -12.27
C PHE D 98 27.82 -1.40 -10.87
N HIS D 99 28.22 -2.29 -9.97
CA HIS D 99 27.86 -2.15 -8.56
C HIS D 99 29.07 -2.48 -7.67
N ALA D 100 29.35 -1.61 -6.70
CA ALA D 100 30.49 -1.75 -5.79
C ALA D 100 30.10 -1.49 -4.32
N PRO D 101 30.27 -2.49 -3.43
CA PRO D 101 30.84 -3.82 -3.70
C PRO D 101 29.94 -4.72 -4.52
N MET D 102 30.42 -5.92 -4.84
CA MET D 102 29.57 -6.90 -5.49
C MET D 102 28.35 -7.12 -4.62
N GLU D 103 27.19 -7.19 -5.26
CA GLU D 103 25.96 -7.24 -4.51
C GLU D 103 25.65 -8.60 -3.92
N PHE D 104 25.77 -9.64 -4.70
CA PHE D 104 25.38 -10.97 -4.25
C PHE D 104 26.52 -11.62 -3.48
N LEU D 105 26.18 -12.31 -2.40
CA LEU D 105 27.19 -13.05 -1.61
C LEU D 105 27.10 -14.56 -1.75
N ILE D 106 28.24 -15.21 -1.85
CA ILE D 106 28.26 -16.66 -1.80
C ILE D 106 28.76 -17.04 -0.43
N ASN D 107 27.86 -17.53 0.41
CA ASN D 107 28.16 -17.80 1.80
C ASN D 107 28.82 -16.60 2.49
N LYS D 109 31.98 -15.96 0.64
CA LYS D 109 32.95 -15.51 -0.35
C LYS D 109 32.60 -14.10 -0.80
N THR D 110 33.61 -13.25 -0.77
CA THR D 110 33.42 -11.83 -1.04
C THR D 110 34.09 -11.28 -2.32
N ARG D 111 33.37 -10.39 -3.02
CA ARG D 111 33.94 -9.59 -4.11
C ARG D 111 33.59 -8.10 -3.96
N PRO D 112 34.56 -7.20 -4.21
CA PRO D 112 34.40 -5.74 -4.08
C PRO D 112 33.69 -4.98 -5.22
N LEU D 113 33.20 -5.66 -6.27
CA LEU D 113 32.52 -4.97 -7.39
C LEU D 113 31.80 -5.94 -8.34
N SER D 114 30.66 -5.55 -8.90
CA SER D 114 30.09 -6.36 -9.98
C SER D 114 29.65 -5.50 -11.15
N ALA D 115 29.12 -6.17 -12.16
CA ALA D 115 28.61 -5.48 -13.33
C ALA D 115 27.50 -6.30 -13.92
N HIS D 116 26.47 -5.64 -14.40
CA HIS D 116 25.31 -6.36 -14.87
C HIS D 116 24.99 -6.22 -16.33
N PHE D 117 24.90 -7.36 -16.99
CA PHE D 117 24.54 -7.36 -18.37
C PHE D 117 23.06 -7.56 -18.49
N VAL D 118 22.38 -6.50 -18.90
CA VAL D 118 20.94 -6.51 -18.87
C VAL D 118 20.39 -6.90 -20.21
N HIS D 119 19.44 -7.82 -20.20
CA HIS D 119 18.85 -8.28 -21.43
C HIS D 119 17.35 -8.33 -21.39
N LYS D 120 16.72 -8.31 -22.54
CA LYS D 120 15.28 -8.44 -22.53
C LYS D 120 14.84 -9.17 -23.75
N ASP D 121 13.94 -10.14 -23.60
CA ASP D 121 13.48 -10.80 -24.79
C ASP D 121 12.28 -10.04 -25.32
N ALA D 122 11.71 -10.57 -26.40
CA ALA D 122 10.62 -9.95 -27.12
C ALA D 122 9.36 -9.80 -26.31
N LYS D 123 9.13 -10.73 -25.39
CA LYS D 123 7.91 -10.65 -24.62
C LYS D 123 8.08 -9.49 -23.64
N GLY D 124 9.19 -9.50 -22.91
CA GLY D 124 9.57 -8.42 -21.99
C GLY D 124 10.54 -8.91 -20.91
N ARG D 125 10.77 -10.21 -20.89
CA ARG D 125 11.50 -10.89 -19.82
C ARG D 125 12.97 -10.55 -19.76
N LEU D 126 13.52 -10.57 -18.55
CA LEU D 126 14.90 -10.13 -18.32
C LEU D 126 15.89 -11.27 -18.03
N LEU D 127 17.13 -11.06 -18.43
CA LEU D 127 18.22 -11.97 -18.13
C LEU D 127 19.37 -11.06 -17.74
N VAL D 128 19.63 -10.95 -16.45
CA VAL D 128 20.68 -10.08 -15.99
C VAL D 128 21.73 -10.95 -15.44
N LEU D 129 22.95 -10.51 -15.67
CA LEU D 129 24.14 -11.32 -15.54
C LEU D 129 25.16 -10.67 -14.62
N ALA D 130 25.59 -11.40 -13.59
CA ALA D 130 26.51 -10.88 -12.56
C ALA D 130 27.85 -11.61 -12.44
N ILE D 131 28.96 -10.89 -12.20
CA ILE D 131 30.32 -11.48 -11.99
C ILE D 131 31.25 -10.72 -11.00
N GLY D 132 32.17 -11.45 -10.35
CA GLY D 132 33.12 -10.93 -9.37
C GLY D 132 34.52 -10.54 -9.88
N PHE D 133 35.28 -9.83 -9.06
CA PHE D 133 36.65 -9.46 -9.43
C PHE D 133 37.74 -9.80 -8.43
N GLY D 136 43.68 -6.04 -8.75
CA GLY D 136 44.73 -6.96 -9.15
C GLY D 136 45.44 -6.58 -10.43
N LYS D 137 45.15 -7.28 -11.51
CA LYS D 137 45.86 -7.08 -12.75
C LYS D 137 45.05 -6.12 -13.62
N GLU D 138 45.64 -5.63 -14.69
CA GLU D 138 44.98 -4.66 -15.56
C GLU D 138 43.94 -5.39 -16.37
N ASN D 139 42.70 -4.90 -16.38
CA ASN D 139 41.67 -5.46 -17.25
C ASN D 139 41.43 -4.51 -18.43
N PRO D 140 41.94 -4.89 -19.61
CA PRO D 140 41.90 -3.98 -20.76
C PRO D 140 40.53 -3.72 -21.38
N ASN D 141 39.54 -4.56 -21.12
CA ASN D 141 38.23 -4.37 -21.71
C ASN D 141 37.46 -3.29 -20.95
N LEU D 142 37.97 -2.95 -19.77
CA LEU D 142 37.41 -1.89 -18.93
C LEU D 142 37.90 -0.55 -19.40
N ASP D 143 39.09 -0.59 -19.97
CA ASP D 143 39.75 0.61 -20.45
C ASP D 143 38.86 1.41 -21.45
N PRO D 144 38.13 0.74 -22.38
CA PRO D 144 37.28 1.53 -23.30
C PRO D 144 36.09 2.25 -22.68
N ILE D 145 35.80 1.94 -21.43
CA ILE D 145 34.69 2.56 -20.76
C ILE D 145 35.23 3.62 -19.81
N LEU D 146 36.35 3.30 -19.18
CA LEU D 146 37.01 4.23 -18.27
C LEU D 146 37.67 5.37 -19.02
N GLU D 147 37.96 5.11 -20.28
CA GLU D 147 38.43 6.13 -21.20
C GLU D 147 37.25 6.69 -21.99
N GLY D 148 36.16 5.94 -21.99
CA GLY D 148 34.96 6.27 -22.75
C GLY D 148 33.95 7.22 -22.15
N ILE D 149 34.13 7.64 -20.90
CA ILE D 149 33.16 8.54 -20.25
C ILE D 149 33.50 10.06 -20.19
N GLN D 150 34.74 10.49 -20.45
CA GLN D 150 35.00 11.93 -20.39
C GLN D 150 34.45 12.65 -21.61
N LYS D 151 33.93 11.90 -22.56
CA LYS D 151 33.42 12.45 -23.81
C LYS D 151 32.25 11.65 -24.37
N LYS D 152 31.42 12.33 -25.16
CA LYS D 152 30.30 11.71 -25.88
C LYS D 152 30.69 11.62 -27.37
N GLN D 153 31.62 10.74 -27.76
CA GLN D 153 31.99 10.68 -29.18
C GLN D 153 32.51 9.36 -29.73
N ASN D 154 31.64 8.67 -30.47
CA ASN D 154 32.00 7.41 -31.14
C ASN D 154 32.77 6.58 -30.14
N PHE D 155 32.06 6.05 -29.17
CA PHE D 155 32.70 5.35 -28.07
C PHE D 155 33.39 4.15 -28.67
N LYS D 156 34.67 3.99 -28.33
CA LYS D 156 35.39 2.88 -28.90
C LYS D 156 34.77 1.59 -28.45
N GLU D 157 34.86 0.60 -29.32
CA GLU D 157 34.23 -0.67 -29.11
C GLU D 157 34.68 -1.29 -27.82
N VAL D 158 33.82 -2.10 -27.25
CA VAL D 158 34.22 -2.83 -26.09
C VAL D 158 34.28 -4.24 -26.61
N ALA D 159 35.42 -4.89 -26.36
CA ALA D 159 35.63 -6.24 -26.85
C ALA D 159 34.76 -7.15 -26.01
N LEU D 160 33.47 -7.13 -26.32
CA LEU D 160 32.48 -7.85 -25.56
C LEU D 160 32.73 -9.36 -25.64
N ASP D 161 33.34 -9.79 -26.74
CA ASP D 161 33.66 -11.20 -26.94
C ASP D 161 34.88 -11.67 -26.16
N ALA D 162 35.54 -10.77 -25.44
CA ALA D 162 36.74 -11.12 -24.71
C ALA D 162 36.62 -10.72 -23.26
N PHE D 163 35.42 -10.38 -22.85
CA PHE D 163 35.20 -9.88 -21.51
C PHE D 163 34.92 -10.99 -20.50
N LEU D 164 34.00 -11.90 -20.82
CA LEU D 164 33.64 -12.95 -19.88
C LEU D 164 34.64 -14.08 -19.99
N PRO D 165 34.83 -14.86 -18.90
CA PRO D 165 35.71 -16.02 -18.98
C PRO D 165 35.14 -16.99 -19.99
N LYS D 166 35.97 -17.71 -20.72
CA LYS D 166 35.50 -18.58 -21.79
C LYS D 166 34.60 -19.65 -21.25
N SER D 167 34.95 -20.13 -20.07
CA SER D 167 34.18 -21.17 -19.40
C SER D 167 33.86 -20.62 -18.04
N ILE D 168 32.62 -20.83 -17.63
CA ILE D 168 32.11 -20.27 -16.40
C ILE D 168 31.24 -21.26 -15.65
N ASN D 169 31.47 -21.41 -14.34
CA ASN D 169 30.45 -21.98 -13.43
C ASN D 169 29.51 -20.91 -12.93
N TYR D 170 28.21 -21.17 -13.03
CA TYR D 170 27.25 -20.16 -12.60
C TYR D 170 26.22 -20.61 -11.57
N TYR D 171 25.63 -19.61 -10.90
CA TYR D 171 24.50 -19.85 -10.02
C TYR D 171 23.30 -19.16 -10.58
N HIS D 172 22.19 -19.86 -10.54
CA HIS D 172 21.05 -19.38 -11.25
C HIS D 172 19.76 -19.46 -10.42
N PHE D 173 18.94 -18.41 -10.48
CA PHE D 173 17.71 -18.28 -9.71
C PHE D 173 16.87 -17.12 -10.27
N ASN D 174 15.63 -17.01 -9.84
CA ASN D 174 14.84 -15.87 -10.23
C ASN D 174 14.81 -14.82 -9.16
N GLY D 175 15.06 -13.58 -9.56
CA GLY D 175 15.04 -12.49 -8.62
C GLY D 175 14.45 -11.21 -9.14
N SER D 176 14.85 -10.10 -8.55
CA SER D 176 14.26 -8.81 -8.87
C SER D 176 15.36 -7.88 -9.30
N LEU D 177 14.98 -6.70 -9.77
CA LEU D 177 15.97 -5.72 -10.03
C LEU D 177 16.54 -5.33 -8.70
N THR D 178 17.81 -4.94 -8.71
CA THR D 178 18.53 -4.64 -7.51
C THR D 178 18.43 -3.17 -7.25
N ALA D 179 17.71 -2.50 -8.13
CA ALA D 179 17.51 -1.08 -8.01
C ALA D 179 16.07 -0.78 -8.34
N PRO D 180 15.57 0.34 -7.82
CA PRO D 180 14.21 0.75 -8.18
C PRO D 180 14.07 0.80 -9.70
N PRO D 181 12.95 0.31 -10.24
CA PRO D 181 11.75 -0.09 -9.52
C PRO D 181 11.79 -1.51 -8.92
N CYS D 182 12.96 -2.14 -8.84
CA CYS D 182 13.12 -3.47 -8.24
C CYS D 182 12.26 -4.49 -8.96
N THR D 183 12.13 -4.37 -10.27
CA THR D 183 11.21 -5.24 -10.98
C THR D 183 11.64 -6.68 -10.90
N GLU D 184 10.70 -7.54 -10.59
CA GLU D 184 10.98 -8.95 -10.50
C GLU D 184 10.87 -9.59 -11.86
N GLY D 185 11.10 -10.90 -11.89
CA GLY D 185 11.02 -11.71 -13.10
C GLY D 185 12.31 -11.71 -13.90
N VAL D 186 13.41 -11.54 -13.18
CA VAL D 186 14.72 -11.48 -13.79
C VAL D 186 15.50 -12.77 -13.61
N ALA D 187 15.91 -13.35 -14.72
CA ALA D 187 16.69 -14.56 -14.67
C ALA D 187 18.09 -14.15 -14.35
N TRP D 188 18.57 -14.60 -13.20
CA TRP D 188 19.93 -14.29 -12.81
C TRP D 188 20.86 -15.46 -13.08
N PHE D 189 21.95 -15.17 -13.76
CA PHE D 189 23.03 -16.12 -13.85
C PHE D 189 24.19 -15.44 -13.16
N VAL D 190 24.65 -16.02 -12.07
CA VAL D 190 25.74 -15.43 -11.32
C VAL D 190 26.92 -16.37 -11.23
N ILE D 191 28.06 -15.88 -11.71
CA ILE D 191 29.28 -16.65 -11.90
C ILE D 191 30.23 -16.64 -10.71
N GLU D 192 30.77 -17.82 -10.41
CA GLU D 192 31.69 -18.03 -9.30
C GLU D 192 33.11 -17.59 -9.71
N GLU D 193 33.33 -17.50 -11.02
CA GLU D 193 34.66 -17.18 -11.53
C GLU D 193 34.81 -15.66 -11.54
N PRO D 194 35.95 -15.16 -11.08
CA PRO D 194 36.25 -13.72 -11.01
C PRO D 194 36.95 -13.14 -12.23
N LEU D 195 36.72 -11.87 -12.53
CA LEU D 195 37.60 -11.20 -13.48
C LEU D 195 38.64 -10.46 -12.68
N GLU D 196 39.85 -10.32 -13.18
CA GLU D 196 40.81 -9.58 -12.38
C GLU D 196 40.75 -8.12 -12.80
N VAL D 197 40.96 -7.25 -11.84
CA VAL D 197 40.92 -5.83 -12.09
C VAL D 197 41.93 -5.15 -11.22
N SER D 198 42.70 -4.24 -11.82
CA SER D 198 43.71 -3.56 -11.07
C SER D 198 43.02 -2.61 -10.10
N ALA D 199 43.70 -2.31 -9.00
CA ALA D 199 43.17 -1.39 -7.99
C ALA D 199 43.15 0.00 -8.59
N LYS D 200 43.86 0.13 -9.70
CA LYS D 200 44.00 1.36 -10.45
C LYS D 200 42.72 1.65 -11.17
N GLN D 201 42.07 0.58 -11.61
CA GLN D 201 40.82 0.65 -12.34
C GLN D 201 39.70 0.76 -11.35
N LEU D 202 39.85 -0.05 -10.29
CA LEU D 202 38.90 -0.15 -9.20
C LEU D 202 38.60 1.20 -8.53
N ALA D 203 39.64 1.98 -8.30
CA ALA D 203 39.50 3.28 -7.63
C ALA D 203 38.80 4.33 -8.50
N GLU D 204 39.01 4.27 -9.81
CA GLU D 204 38.53 5.27 -10.76
C GLU D 204 37.03 5.18 -10.98
N ILE D 205 36.46 3.98 -10.88
CA ILE D 205 35.03 3.80 -11.09
C ILE D 205 34.29 4.32 -9.87
N LYS D 206 34.93 4.21 -8.71
CA LYS D 206 34.39 4.75 -7.47
C LYS D 206 34.34 6.27 -7.54
N LYS D 207 35.18 6.82 -8.42
CA LYS D 207 35.19 8.25 -8.65
C LYS D 207 34.18 8.59 -9.73
N ARG D 208 33.83 7.59 -10.52
CA ARG D 208 32.81 7.77 -11.53
C ARG D 208 31.45 7.48 -10.95
N MET D 209 31.41 7.04 -9.70
CA MET D 209 30.13 6.86 -9.03
C MET D 209 30.05 7.57 -7.67
N LYS D 210 30.95 8.54 -7.46
CA LYS D 210 30.90 9.54 -6.37
C LYS D 210 31.06 9.07 -4.92
N ASN D 211 31.82 8.01 -4.72
CA ASN D 211 32.02 7.38 -3.42
C ASN D 211 30.75 7.17 -2.61
N SER D 212 29.70 6.87 -3.36
CA SER D 212 28.39 6.48 -2.86
C SER D 212 28.20 5.06 -3.36
N PRO D 213 28.66 4.06 -2.57
CA PRO D 213 28.61 2.65 -2.98
C PRO D 213 27.20 2.20 -3.30
N ASN D 214 27.00 1.77 -4.55
CA ASN D 214 25.69 1.44 -5.06
C ASN D 214 25.31 -0.03 -5.10
N GLN D 215 25.36 -0.66 -3.94
CA GLN D 215 24.97 -2.05 -3.75
C GLN D 215 23.67 -2.14 -2.96
N ARG D 216 22.63 -2.73 -3.54
CA ARG D 216 21.40 -2.93 -2.79
C ARG D 216 21.69 -3.91 -1.68
N PRO D 217 21.23 -3.58 -0.47
CA PRO D 217 21.41 -4.57 0.60
C PRO D 217 20.66 -5.85 0.26
N VAL D 218 21.11 -6.92 0.90
CA VAL D 218 20.54 -8.25 0.72
C VAL D 218 19.08 -8.37 1.16
N GLN D 219 18.26 -8.91 0.28
CA GLN D 219 16.85 -9.02 0.56
C GLN D 219 16.50 -10.29 1.32
N PRO D 220 15.31 -10.32 1.92
CA PRO D 220 14.75 -11.53 2.53
C PRO D 220 14.54 -12.64 1.50
N ASP D 221 14.89 -13.88 1.86
CA ASP D 221 14.69 -15.04 1.01
C ASP D 221 13.42 -15.75 1.44
N TYR D 222 12.54 -16.02 0.50
CA TYR D 222 11.33 -16.76 0.79
C TYR D 222 11.54 -18.12 0.11
N ASN D 223 12.64 -18.78 0.49
CA ASN D 223 13.04 -20.08 -0.05
C ASN D 223 13.22 -20.04 -1.55
N THR D 224 14.14 -19.17 -1.97
CA THR D 224 14.51 -19.00 -3.36
C THR D 224 15.30 -20.18 -3.88
N VAL D 225 14.84 -20.75 -5.00
CA VAL D 225 15.51 -21.86 -5.65
C VAL D 225 16.75 -21.44 -6.46
N ILE D 226 17.92 -21.85 -6.01
CA ILE D 226 19.20 -21.57 -6.69
C ILE D 226 19.91 -22.84 -7.18
N ILE D 227 20.42 -22.82 -8.43
CA ILE D 227 21.23 -23.91 -8.97
C ILE D 227 22.67 -23.52 -9.31
N LYS D 228 23.58 -24.48 -9.17
CA LYS D 228 24.98 -24.34 -9.57
C LYS D 228 25.27 -25.14 -10.84
N SER D 229 25.82 -24.47 -11.83
CA SER D 229 26.11 -25.09 -13.09
C SER D 229 27.26 -24.34 -13.71
N SER D 230 27.56 -24.65 -14.97
CA SER D 230 28.68 -24.01 -15.62
C SER D 230 28.45 -23.91 -17.09
N ALA D 231 29.13 -23.02 -17.78
CA ALA D 231 29.02 -23.04 -19.23
C ALA D 231 30.20 -22.37 -19.92
N GLU D 232 30.12 -22.30 -21.24
CA GLU D 232 31.13 -21.64 -22.04
C GLU D 232 30.60 -20.37 -22.59
N THR D 233 31.35 -19.32 -22.35
CA THR D 233 30.94 -18.00 -22.74
C THR D 233 31.50 -17.76 -24.12
N ARG D 234 32.67 -18.33 -24.34
CA ARG D 234 33.31 -18.28 -25.63
C ARG D 234 33.57 -19.71 -26.10
N LYS E 9 -34.52 73.67 25.65
CA LYS E 9 -33.50 74.60 26.14
C LYS E 9 -32.19 73.83 26.46
N TRP E 10 -32.01 72.68 25.79
CA TRP E 10 -31.02 71.60 26.11
C TRP E 10 -29.51 71.75 25.85
N ASP E 11 -28.73 71.28 26.83
CA ASP E 11 -27.26 71.23 26.76
C ASP E 11 -26.78 70.02 27.57
N TYR E 12 -25.48 69.82 27.70
CA TYR E 12 -24.97 68.59 28.31
C TYR E 12 -24.56 68.63 29.78
N LYS E 13 -24.66 69.77 30.48
CA LYS E 13 -24.24 69.75 31.88
C LYS E 13 -25.29 69.14 32.80
N ASN E 14 -24.84 68.54 33.90
CA ASN E 14 -25.75 67.91 34.87
C ASN E 14 -26.69 68.93 35.47
N LYS E 15 -26.65 70.14 34.96
CA LYS E 15 -27.47 71.14 35.56
C LYS E 15 -28.75 71.00 34.78
N GLU E 16 -29.40 72.12 34.54
CA GLU E 16 -30.83 72.23 34.30
C GLU E 16 -31.27 71.67 32.95
N ASN E 17 -30.41 71.73 31.94
CA ASN E 17 -30.79 71.23 30.64
C ASN E 17 -30.14 69.89 30.32
N GLY E 18 -29.51 69.26 31.31
CA GLY E 18 -28.80 68.02 31.08
C GLY E 18 -29.63 66.83 30.67
N PRO E 19 -28.99 65.87 29.99
CA PRO E 19 -29.51 64.66 29.34
C PRO E 19 -30.23 63.79 30.30
N HIS E 20 -29.75 63.85 31.53
CA HIS E 20 -30.28 63.09 32.65
C HIS E 20 -31.68 63.58 32.84
N ARG E 21 -31.93 64.77 32.35
CA ARG E 21 -33.24 65.34 32.40
C ARG E 21 -33.63 66.01 31.08
N TRP E 22 -33.09 65.50 29.96
CA TRP E 22 -33.52 65.96 28.62
C TRP E 22 -35.00 65.79 28.42
N ASP E 23 -35.59 64.83 29.12
CA ASP E 23 -37.00 64.50 28.99
C ASP E 23 -37.92 65.66 29.36
N LYS E 24 -37.46 66.49 30.28
CA LYS E 24 -38.30 67.53 30.89
C LYS E 24 -38.06 68.95 30.41
N LEU E 25 -37.70 69.16 29.15
CA LEU E 25 -37.54 70.51 28.61
C LEU E 25 -38.52 70.91 27.51
N HIS E 26 -38.73 69.99 26.58
CA HIS E 26 -39.61 70.13 25.44
C HIS E 26 -40.48 68.87 25.55
N LYS E 27 -41.64 68.84 24.90
CA LYS E 27 -42.45 67.62 24.93
C LYS E 27 -42.12 66.76 23.72
N ASP E 28 -41.35 67.33 22.80
CA ASP E 28 -40.84 66.59 21.65
C ASP E 28 -39.80 65.59 22.14
N PHE E 29 -39.27 65.85 23.34
CA PHE E 29 -38.19 65.08 23.92
C PHE E 29 -38.66 63.93 24.83
N GLU E 30 -39.91 63.50 24.68
CA GLU E 30 -40.47 62.51 25.59
C GLU E 30 -39.80 61.15 25.49
N VAL E 31 -39.38 60.80 24.29
CA VAL E 31 -38.77 59.51 24.08
C VAL E 31 -37.35 59.49 24.60
N CYS E 32 -36.76 60.65 24.87
CA CYS E 32 -35.39 60.68 25.40
C CYS E 32 -35.30 59.94 26.73
N LYS E 33 -36.44 59.59 27.30
CA LYS E 33 -36.45 58.77 28.48
C LYS E 33 -37.38 57.56 28.36
N SER E 34 -38.52 57.75 27.71
CA SER E 34 -39.59 56.75 27.68
C SER E 34 -39.37 55.66 26.65
N GLY E 35 -38.42 55.93 25.78
CA GLY E 35 -38.09 55.06 24.68
C GLY E 35 -37.50 53.76 25.14
N LYS E 36 -37.75 52.72 24.35
CA LYS E 36 -37.27 51.41 24.68
C LYS E 36 -35.89 51.28 24.02
N SER E 37 -35.84 51.46 22.70
CA SER E 37 -34.61 51.35 21.96
CA SER E 37 -34.58 51.34 21.99
C SER E 37 -33.79 52.63 21.99
N GLN E 38 -33.35 53.05 23.18
CA GLN E 38 -32.58 54.30 23.33
C GLN E 38 -31.07 54.10 23.24
N SER E 39 -30.42 55.01 22.52
CA SER E 39 -28.96 55.00 22.35
C SER E 39 -28.34 56.28 22.95
N PRO E 40 -27.05 56.22 23.37
CA PRO E 40 -26.08 55.14 23.21
C PRO E 40 -26.07 54.13 24.33
N ILE E 41 -25.37 53.03 24.07
CA ILE E 41 -25.22 51.94 25.02
C ILE E 41 -23.84 51.37 24.87
N ASN E 42 -23.49 50.49 25.81
CA ASN E 42 -22.25 49.75 25.76
C ASN E 42 -22.45 48.46 24.97
N ILE E 43 -21.72 48.40 23.86
CA ILE E 43 -21.74 47.23 22.97
C ILE E 43 -20.80 46.11 23.43
N GLU E 44 -21.36 45.09 24.04
CA GLU E 44 -20.52 44.03 24.52
C GLU E 44 -21.13 42.68 24.19
N HIS E 45 -22.43 42.65 23.89
CA HIS E 45 -23.02 41.40 23.44
C HIS E 45 -23.80 41.53 22.11
N TYR E 46 -23.48 40.63 21.18
CA TYR E 46 -23.94 40.65 19.78
C TYR E 46 -23.87 39.30 19.10
N TYR E 47 -24.41 39.22 17.87
CA TYR E 47 -24.40 37.98 17.11
C TYR E 47 -23.42 38.08 15.96
N HIS E 48 -22.54 37.09 15.88
CA HIS E 48 -21.54 37.08 14.83
C HIS E 48 -22.04 36.51 13.53
N THR E 49 -21.69 37.23 12.49
CA THR E 49 -21.85 36.86 11.10
C THR E 49 -20.72 37.77 10.63
N GLN E 50 -20.43 37.88 9.34
CA GLN E 50 -19.34 38.77 8.98
C GLN E 50 -19.61 39.63 7.75
N ASP E 51 -19.14 39.20 6.59
CA ASP E 51 -19.23 40.08 5.43
C ASP E 51 -20.27 39.55 4.44
N LYS E 52 -21.50 39.98 4.65
CA LYS E 52 -22.57 39.75 3.70
C LYS E 52 -22.64 41.08 2.99
N ALA E 53 -21.91 42.02 3.58
CA ALA E 53 -21.69 43.35 3.07
C ALA E 53 -22.94 44.09 2.67
N ASP E 54 -24.04 43.93 3.42
CA ASP E 54 -25.32 44.59 3.10
C ASP E 54 -25.17 46.09 2.81
N LEU E 55 -24.05 46.63 3.27
CA LEU E 55 -23.70 48.04 3.21
C LEU E 55 -22.82 48.44 2.01
N GLN E 56 -23.28 49.38 1.20
CA GLN E 56 -22.44 49.87 0.12
C GLN E 56 -22.30 51.38 0.14
N PHE E 57 -21.19 51.86 -0.40
CA PHE E 57 -20.93 53.29 -0.38
C PHE E 57 -20.87 53.83 -1.78
N LYS E 58 -21.72 54.80 -2.07
CA LYS E 58 -21.65 55.52 -3.32
C LYS E 58 -21.29 56.95 -2.98
N TYR E 59 -20.19 57.10 -2.24
CA TYR E 59 -19.65 58.39 -1.82
C TYR E 59 -18.74 59.02 -2.86
N ALA E 60 -18.58 60.33 -2.74
CA ALA E 60 -17.67 61.11 -3.58
C ALA E 60 -17.14 62.32 -2.81
N ALA E 61 -16.05 62.89 -3.30
CA ALA E 61 -15.48 64.12 -2.73
C ALA E 61 -16.44 65.29 -2.84
N SER E 62 -16.76 65.92 -1.71
CA SER E 62 -17.79 66.95 -1.71
C SER E 62 -17.38 68.21 -0.93
N LYS E 63 -17.76 69.37 -1.46
CA LYS E 63 -17.60 70.63 -0.74
C LYS E 63 -18.75 70.79 0.19
N PRO E 64 -18.47 71.09 1.47
CA PRO E 64 -19.51 71.34 2.48
C PRO E 64 -20.50 72.46 2.12
N LYS E 65 -21.80 72.22 2.29
CA LYS E 65 -22.81 73.26 2.08
C LYS E 65 -22.63 74.28 3.17
N ALA E 66 -22.21 73.79 4.33
CA ALA E 66 -21.94 74.64 5.46
C ALA E 66 -21.05 73.93 6.45
N VAL E 67 -20.24 74.70 7.16
CA VAL E 67 -19.53 74.18 8.32
C VAL E 67 -19.84 75.04 9.54
N PHE E 68 -20.30 74.40 10.61
CA PHE E 68 -20.74 75.15 11.75
C PHE E 68 -20.91 74.36 13.02
N PHE E 69 -20.94 75.11 14.10
CA PHE E 69 -21.21 74.66 15.45
C PHE E 69 -22.69 74.71 15.77
N THR E 70 -23.21 73.64 16.35
CA THR E 70 -24.57 73.60 16.82
C THR E 70 -24.71 72.71 18.03
N HIS E 71 -25.29 73.26 19.10
CA HIS E 71 -25.43 72.59 20.39
C HIS E 71 -24.12 71.93 20.73
N HIS E 72 -23.03 72.62 20.40
CA HIS E 72 -21.66 72.16 20.68
C HIS E 72 -21.20 70.93 19.90
N THR E 73 -21.49 70.91 18.62
CA THR E 73 -20.97 69.83 17.80
C THR E 73 -20.51 70.60 16.57
N LEU E 74 -19.41 70.19 15.95
CA LEU E 74 -19.02 70.88 14.75
C LEU E 74 -19.66 70.07 13.65
N LYS E 75 -20.15 70.70 12.60
CA LYS E 75 -20.97 69.91 11.72
C LYS E 75 -20.96 70.44 10.31
N ALA E 76 -21.07 69.54 9.34
CA ALA E 76 -21.00 69.90 7.94
C ALA E 76 -22.25 69.56 7.13
N SER E 77 -22.61 70.39 6.16
CA SER E 77 -23.79 70.11 5.35
C SER E 77 -23.48 69.57 3.95
N PHE E 78 -24.37 68.76 3.38
CA PHE E 78 -24.16 68.18 2.04
C PHE E 78 -25.40 68.05 1.19
N GLU E 79 -25.18 68.27 -0.11
CA GLU E 79 -26.12 68.00 -1.17
C GLU E 79 -26.32 66.49 -1.34
N PRO E 80 -27.49 66.07 -1.85
CA PRO E 80 -27.81 64.65 -2.01
C PRO E 80 -27.05 64.03 -3.16
N THR E 81 -25.74 64.26 -3.15
CA THR E 81 -24.88 63.73 -4.14
C THR E 81 -24.17 62.58 -3.50
N ASN E 82 -24.28 62.47 -2.17
CA ASN E 82 -23.63 61.38 -1.47
C ASN E 82 -24.62 60.37 -0.88
N HIS E 83 -24.50 59.12 -1.32
CA HIS E 83 -25.44 58.07 -0.93
C HIS E 83 -24.75 56.85 -0.37
N ILE E 84 -25.54 56.07 0.34
CA ILE E 84 -25.17 54.75 0.76
C ILE E 84 -26.29 53.84 0.36
N ASN E 85 -25.96 52.68 -0.17
CA ASN E 85 -27.00 51.72 -0.46
C ASN E 85 -26.92 50.62 0.59
N TYR E 86 -28.05 50.35 1.21
CA TYR E 86 -28.11 49.30 2.21
C TYR E 86 -29.36 48.45 1.99
N ARG E 87 -29.12 47.21 1.57
CA ARG E 87 -30.20 46.28 1.24
C ARG E 87 -31.14 46.86 0.19
N GLY E 88 -30.57 47.64 -0.71
CA GLY E 88 -31.27 48.15 -1.89
C GLY E 88 -32.00 49.46 -1.73
N HIS E 89 -31.67 50.20 -0.69
CA HIS E 89 -32.36 51.44 -0.47
C HIS E 89 -31.32 52.50 -0.23
N ASP E 90 -31.37 53.56 -1.02
CA ASP E 90 -30.40 54.65 -0.92
C ASP E 90 -30.70 55.70 0.16
N TYR E 91 -29.71 55.92 1.02
CA TYR E 91 -29.76 56.97 2.02
C TYR E 91 -28.84 58.09 1.66
N VAL E 92 -29.28 59.31 1.93
CA VAL E 92 -28.53 60.47 1.51
C VAL E 92 -27.80 61.07 2.63
N LEU E 93 -26.51 61.26 2.43
CA LEU E 93 -25.70 61.90 3.42
C LEU E 93 -26.17 63.34 3.54
N ASP E 94 -26.62 63.72 4.73
CA ASP E 94 -27.02 65.09 4.97
C ASP E 94 -25.88 65.81 5.69
N ASN E 95 -25.34 65.16 6.72
CA ASN E 95 -24.29 65.77 7.52
C ASN E 95 -23.36 64.77 8.19
N VAL E 96 -22.23 65.29 8.69
CA VAL E 96 -21.31 64.55 9.55
C VAL E 96 -20.93 65.48 10.68
N HIS E 97 -21.12 65.02 11.91
CA HIS E 97 -20.92 65.85 13.09
C HIS E 97 -20.13 65.07 14.10
N PHE E 98 -19.89 65.68 15.23
CA PHE E 98 -18.97 65.19 16.21
C PHE E 98 -19.56 65.09 17.56
N HIS E 99 -18.94 64.25 18.34
CA HIS E 99 -19.25 64.13 19.73
C HIS E 99 -17.90 64.00 20.36
N ALA E 100 -17.70 64.62 21.51
CA ALA E 100 -16.42 64.49 22.20
C ALA E 100 -16.67 64.22 23.68
N PRO E 101 -16.23 63.07 24.21
CA PRO E 101 -15.59 61.89 23.64
C PRO E 101 -16.58 61.05 22.89
N MET E 102 -16.13 59.93 22.33
CA MET E 102 -16.98 58.99 21.62
C MET E 102 -18.17 58.55 22.45
N GLU E 103 -19.34 58.51 21.83
CA GLU E 103 -20.57 58.26 22.57
C GLU E 103 -20.76 56.77 22.89
N PHE E 104 -20.48 55.90 21.93
CA PHE E 104 -20.62 54.46 22.16
C PHE E 104 -19.47 53.69 22.79
N LEU E 105 -19.81 52.77 23.69
CA LEU E 105 -18.81 51.92 24.30
C LEU E 105 -18.91 50.51 23.74
N ILE E 106 -17.77 49.97 23.30
CA ILE E 106 -17.73 48.58 22.89
C ILE E 106 -16.94 47.91 24.00
N ASN E 107 -17.63 47.16 24.84
CA ASN E 107 -17.05 46.64 26.06
C ASN E 107 -16.37 47.76 26.79
N ASN E 108 -17.09 48.87 27.01
CA ASN E 108 -16.58 49.95 27.83
C ASN E 108 -15.28 50.60 27.43
N LYS E 109 -14.87 50.38 26.20
CA LYS E 109 -13.66 51.00 25.75
C LYS E 109 -14.03 52.22 24.94
N THR E 110 -13.37 53.32 25.25
CA THR E 110 -13.71 54.65 24.78
C THR E 110 -12.71 55.22 23.76
N ARG E 111 -13.19 56.04 22.81
CA ARG E 111 -12.26 56.84 21.99
C ARG E 111 -12.44 58.30 22.38
N PRO E 112 -11.35 59.06 22.37
CA PRO E 112 -11.36 60.45 22.80
C PRO E 112 -12.08 61.39 21.82
N LEU E 113 -12.70 60.81 20.80
CA LEU E 113 -13.50 61.58 19.83
C LEU E 113 -14.27 60.61 18.94
N SER E 114 -15.50 60.96 18.52
CA SER E 114 -16.20 60.14 17.51
C SER E 114 -16.87 60.98 16.43
N ALA E 115 -17.52 60.29 15.51
CA ALA E 115 -18.16 60.98 14.41
C ALA E 115 -19.40 60.26 13.94
N HIS E 116 -20.45 61.03 13.70
CA HIS E 116 -21.70 60.45 13.28
C HIS E 116 -22.05 60.91 11.88
N PHE E 117 -22.23 59.93 11.01
CA PHE E 117 -22.54 60.14 9.63
C PHE E 117 -24.00 59.94 9.40
N VAL E 118 -24.69 61.04 9.16
CA VAL E 118 -26.13 61.03 9.16
C VAL E 118 -26.65 60.81 7.75
N HIS E 119 -27.54 59.84 7.61
CA HIS E 119 -28.12 59.56 6.32
C HIS E 119 -29.59 59.50 6.46
N LYS E 120 -30.27 59.73 5.35
CA LYS E 120 -31.70 59.78 5.33
C LYS E 120 -32.24 59.26 4.04
N ASP E 121 -33.28 58.44 4.14
CA ASP E 121 -33.98 57.94 2.96
C ASP E 121 -35.17 58.80 2.62
N ALA E 122 -35.87 58.41 1.57
CA ALA E 122 -36.99 59.21 1.08
C ALA E 122 -38.19 59.22 2.03
N LYS E 123 -38.46 58.06 2.65
CA LYS E 123 -39.64 57.91 3.49
C LYS E 123 -39.45 58.40 4.95
N GLY E 124 -38.24 58.83 5.28
CA GLY E 124 -37.94 59.42 6.58
C GLY E 124 -36.99 58.69 7.52
N ARG E 125 -36.61 57.46 7.17
CA ARG E 125 -35.77 56.64 8.02
C ARG E 125 -34.35 57.16 8.08
N LEU E 126 -33.76 57.09 9.27
CA LEU E 126 -32.45 57.68 9.52
C LEU E 126 -31.42 56.60 9.63
N LEU E 127 -30.22 56.88 9.15
CA LEU E 127 -29.09 55.96 9.22
C LEU E 127 -27.84 56.71 9.59
N VAL E 128 -27.35 56.48 10.79
CA VAL E 128 -26.13 57.14 11.21
C VAL E 128 -25.02 56.14 11.36
N LEU E 129 -23.81 56.58 11.07
CA LEU E 129 -22.69 55.70 10.97
C LEU E 129 -21.64 56.20 11.93
N ALA E 130 -21.22 55.40 12.91
CA ALA E 130 -20.28 55.87 13.92
C ALA E 130 -18.92 55.15 13.90
N ILE E 131 -17.82 55.90 14.08
CA ILE E 131 -16.44 55.36 14.12
C ILE E 131 -15.52 56.11 15.11
N GLY E 132 -14.61 55.40 15.74
CA GLY E 132 -13.83 56.05 16.78
C GLY E 132 -12.55 56.68 16.30
N PHE E 133 -11.94 57.49 17.17
CA PHE E 133 -10.63 58.07 16.88
C PHE E 133 -9.63 57.80 17.97
N GLU E 134 -8.51 57.23 17.59
CA GLU E 134 -7.43 57.11 18.52
C GLU E 134 -6.35 58.02 17.96
N GLU E 135 -5.64 58.72 18.84
CA GLU E 135 -4.59 59.65 18.44
C GLU E 135 -3.31 59.06 17.86
N GLY E 136 -2.72 59.80 16.94
CA GLY E 136 -1.52 59.38 16.28
C GLY E 136 -1.15 60.43 15.27
N LYS E 137 -1.42 60.12 14.01
CA LYS E 137 -1.01 60.99 12.92
C LYS E 137 -2.11 61.95 12.48
N GLU E 138 -1.75 62.89 11.60
CA GLU E 138 -2.66 63.91 11.13
C GLU E 138 -3.69 63.39 10.17
N ASN E 139 -4.94 63.78 10.39
CA ASN E 139 -6.01 63.41 9.48
C ASN E 139 -6.30 64.55 8.53
N PRO E 140 -5.88 64.43 7.27
CA PRO E 140 -5.95 65.43 6.19
C PRO E 140 -7.35 65.70 5.61
N ASN E 141 -8.33 64.85 5.90
CA ASN E 141 -9.72 65.10 5.47
C ASN E 141 -10.43 66.07 6.39
N LEU E 142 -9.82 66.35 7.55
CA LEU E 142 -10.40 67.31 8.49
C LEU E 142 -10.01 68.69 8.05
N ASP E 143 -8.84 68.79 7.44
CA ASP E 143 -8.33 70.07 6.98
C ASP E 143 -9.35 70.73 6.05
N PRO E 144 -10.00 69.97 5.13
CA PRO E 144 -11.04 70.61 4.35
C PRO E 144 -12.26 70.94 5.19
N ILE E 145 -12.28 70.43 6.41
CA ILE E 145 -13.40 70.65 7.33
C ILE E 145 -13.06 71.72 8.35
N LEU E 146 -11.84 71.63 8.88
CA LEU E 146 -11.33 72.56 9.89
C LEU E 146 -11.03 73.96 9.31
N GLU E 147 -10.95 74.04 7.99
CA GLU E 147 -10.80 75.31 7.28
C GLU E 147 -12.18 75.89 6.98
N GLY E 148 -13.20 75.05 7.17
CA GLY E 148 -14.57 75.45 6.88
C GLY E 148 -15.22 76.23 8.01
N ILE E 149 -14.51 76.36 9.13
CA ILE E 149 -15.09 77.08 10.25
C ILE E 149 -14.58 78.52 10.30
N GLN E 150 -13.57 78.84 9.49
CA GLN E 150 -13.09 80.21 9.39
C GLN E 150 -13.87 81.11 8.40
N LYS E 151 -14.29 80.60 7.25
CA LYS E 151 -15.02 81.46 6.30
C LYS E 151 -16.06 80.72 5.44
N LYS E 152 -17.14 81.42 5.02
CA LYS E 152 -18.30 80.81 4.33
C LYS E 152 -18.26 80.55 2.81
N GLN E 153 -17.06 80.32 2.29
CA GLN E 153 -16.85 79.93 0.91
C GLN E 153 -15.55 79.17 0.89
N ASN E 154 -14.77 79.37 1.95
CA ASN E 154 -13.55 78.61 2.13
C ASN E 154 -13.85 77.22 2.66
N PHE E 155 -14.47 76.40 1.82
CA PHE E 155 -14.83 75.03 2.17
C PHE E 155 -14.26 74.12 1.10
N LYS E 156 -12.98 73.80 1.21
CA LYS E 156 -12.40 72.89 0.23
C LYS E 156 -13.00 71.53 0.48
N GLU E 157 -13.18 70.79 -0.61
CA GLU E 157 -13.91 69.54 -0.62
C GLU E 157 -13.31 68.50 0.31
N VAL E 158 -14.15 67.61 0.81
CA VAL E 158 -13.71 66.55 1.72
C VAL E 158 -13.80 65.18 1.09
N ALA E 159 -12.73 64.40 1.19
CA ALA E 159 -12.66 63.04 0.62
C ALA E 159 -13.39 61.97 1.47
N LEU E 160 -14.71 61.94 1.38
CA LEU E 160 -15.55 61.04 2.18
C LEU E 160 -15.36 59.58 1.83
N ASP E 161 -15.12 59.33 0.55
CA ASP E 161 -14.87 57.98 0.07
C ASP E 161 -13.43 57.65 0.43
N ALA E 162 -12.78 58.61 1.09
CA ALA E 162 -11.39 58.47 1.50
C ALA E 162 -11.23 58.73 2.99
N PHE E 163 -12.36 58.81 3.67
CA PHE E 163 -12.35 59.12 5.08
C PHE E 163 -12.12 57.88 5.92
N LEU E 164 -12.96 56.88 5.65
CA LEU E 164 -13.05 55.65 6.40
C LEU E 164 -12.07 54.61 5.88
N PRO E 165 -11.70 53.62 6.72
CA PRO E 165 -10.83 52.50 6.34
C PRO E 165 -11.44 51.64 5.23
N LYS E 166 -10.61 51.01 4.40
CA LYS E 166 -11.09 50.21 3.25
C LYS E 166 -11.87 48.96 3.69
N SER E 167 -11.50 48.40 4.84
CA SER E 167 -12.27 47.30 5.42
C SER E 167 -12.67 47.60 6.88
N ILE E 168 -13.94 47.39 7.20
CA ILE E 168 -14.44 47.71 8.51
C ILE E 168 -15.39 46.65 9.05
N ASN E 169 -15.08 46.14 10.24
CA ASN E 169 -16.07 45.42 11.04
C ASN E 169 -16.83 46.40 11.92
N TYR E 170 -18.15 46.35 11.80
CA TYR E 170 -19.06 47.25 12.51
C TYR E 170 -20.05 46.45 13.34
N TYR E 171 -20.80 47.13 14.20
CA TYR E 171 -21.92 46.49 14.86
C TYR E 171 -23.19 47.17 14.44
N HIS E 172 -24.23 46.39 14.16
CA HIS E 172 -25.44 46.95 13.58
C HIS E 172 -26.65 46.51 14.40
N PHE E 173 -27.50 47.48 14.68
CA PHE E 173 -28.57 47.37 15.63
C PHE E 173 -29.54 48.51 15.44
N ASN E 174 -30.66 48.47 16.14
CA ASN E 174 -31.58 49.58 16.13
C ASN E 174 -31.53 50.49 17.36
N GLY E 175 -31.45 51.80 17.15
CA GLY E 175 -31.41 52.75 18.26
C GLY E 175 -32.18 54.05 18.10
N SER E 176 -31.68 55.09 18.77
CA SER E 176 -32.29 56.41 18.76
C SER E 176 -31.28 57.48 18.42
N LEU E 177 -31.73 58.72 18.34
CA LEU E 177 -30.81 59.83 18.26
C LEU E 177 -30.08 59.98 19.57
N THR E 178 -28.85 60.46 19.48
CA THR E 178 -28.02 60.63 20.66
C THR E 178 -28.26 62.03 21.18
N ALA E 179 -29.10 62.76 20.45
CA ALA E 179 -29.44 64.12 20.82
C ALA E 179 -30.95 64.28 20.75
N PRO E 180 -31.53 65.22 21.54
CA PRO E 180 -32.95 65.49 21.53
C PRO E 180 -33.39 65.76 20.14
N PRO E 181 -34.57 65.25 19.75
CA PRO E 181 -35.64 64.62 20.50
C PRO E 181 -35.44 63.16 20.75
N CYS E 182 -34.22 62.65 20.55
CA CYS E 182 -33.91 61.24 20.76
C CYS E 182 -34.77 60.34 19.89
N THR E 183 -34.96 60.73 18.63
CA THR E 183 -35.82 59.97 17.73
C THR E 183 -35.36 58.55 17.53
N GLU E 184 -36.31 57.63 17.61
CA GLU E 184 -36.05 56.21 17.41
C GLU E 184 -36.18 55.87 15.92
N GLY E 185 -35.90 54.62 15.55
CA GLY E 185 -36.02 54.15 14.17
C GLY E 185 -34.80 54.40 13.29
N VAL E 186 -33.64 54.40 13.94
CA VAL E 186 -32.34 54.68 13.33
C VAL E 186 -31.44 53.43 13.14
N ALA E 187 -30.89 53.26 11.93
CA ALA E 187 -29.94 52.18 11.60
C ALA E 187 -28.50 52.52 11.97
N TRP E 188 -27.93 51.81 12.94
CA TRP E 188 -26.57 52.10 13.40
C TRP E 188 -25.51 51.20 12.87
N PHE E 189 -24.46 51.82 12.36
CA PHE E 189 -23.24 51.09 12.08
C PHE E 189 -22.15 51.69 12.88
N VAL E 190 -21.60 50.92 13.80
CA VAL E 190 -20.56 51.41 14.67
C VAL E 190 -19.29 50.63 14.50
N ILE E 191 -18.27 51.35 14.09
CA ILE E 191 -17.02 50.76 13.71
C ILE E 191 -16.13 50.59 14.89
N GLU E 192 -15.52 49.42 14.91
CA GLU E 192 -14.63 48.98 15.93
C GLU E 192 -13.26 49.59 15.70
N GLU E 193 -13.01 49.95 14.45
CA GLU E 193 -11.69 50.43 14.03
C GLU E 193 -11.58 51.93 14.25
N PRO E 194 -10.45 52.38 14.79
CA PRO E 194 -10.23 53.80 15.03
C PRO E 194 -9.56 54.51 13.90
N LEU E 195 -9.90 55.78 13.73
CA LEU E 195 -9.16 56.62 12.84
C LEU E 195 -8.14 57.34 13.66
N GLU E 196 -7.10 57.81 13.00
CA GLU E 196 -6.08 58.56 13.66
C GLU E 196 -6.42 60.04 13.58
N VAL E 197 -6.11 60.78 14.62
CA VAL E 197 -6.34 62.22 14.65
C VAL E 197 -5.21 62.79 15.49
N SER E 198 -4.51 63.78 15.00
CA SER E 198 -3.32 64.23 15.73
C SER E 198 -3.75 64.92 17.00
N ALA E 199 -2.85 65.03 17.97
CA ALA E 199 -3.19 65.64 19.25
C ALA E 199 -3.44 67.13 19.16
N LYS E 200 -2.98 67.75 18.07
CA LYS E 200 -3.25 69.15 17.82
C LYS E 200 -4.65 69.24 17.25
N GLN E 201 -5.07 68.17 16.60
CA GLN E 201 -6.38 68.13 15.98
C GLN E 201 -7.49 67.96 17.03
N LEU E 202 -7.26 67.16 18.07
CA LEU E 202 -8.26 66.93 19.11
C LEU E 202 -8.73 68.22 19.82
N ALA E 203 -7.77 69.04 20.26
CA ALA E 203 -8.08 70.28 20.99
C ALA E 203 -8.65 71.37 20.08
N GLU E 204 -8.27 71.33 18.81
CA GLU E 204 -8.62 72.35 17.82
C GLU E 204 -10.11 72.28 17.45
N ILE E 205 -10.68 71.07 17.49
CA ILE E 205 -12.10 70.91 17.21
C ILE E 205 -12.91 71.30 18.43
N LYS E 206 -12.42 70.93 19.60
CA LYS E 206 -13.08 71.32 20.84
C LYS E 206 -12.89 72.81 21.12
N LYS E 207 -11.91 73.42 20.46
CA LYS E 207 -11.68 74.85 20.64
C LYS E 207 -12.71 75.57 19.77
N ARG E 208 -13.20 74.87 18.76
CA ARG E 208 -14.28 75.38 17.94
C ARG E 208 -15.61 74.90 18.51
N MET E 209 -15.54 74.10 19.58
CA MET E 209 -16.77 73.69 20.29
C MET E 209 -16.75 74.17 21.72
N LYS E 210 -15.94 75.19 21.99
CA LYS E 210 -15.98 75.87 23.27
C LYS E 210 -15.50 74.92 24.37
N ASN E 211 -14.60 74.01 24.01
CA ASN E 211 -14.05 73.00 24.90
C ASN E 211 -15.08 72.35 25.80
N SER E 212 -16.27 72.16 25.26
CA SER E 212 -17.32 71.47 25.96
C SER E 212 -17.70 70.19 25.25
N PRO E 213 -17.47 69.07 25.93
CA PRO E 213 -17.71 67.71 25.47
C PRO E 213 -19.18 67.44 25.20
N ASN E 214 -19.50 67.11 23.95
CA ASN E 214 -20.88 66.82 23.57
C ASN E 214 -21.16 65.35 23.45
N GLN E 215 -20.93 64.61 24.52
CA GLN E 215 -21.22 63.19 24.53
C GLN E 215 -22.33 62.85 25.53
N ARG E 216 -23.42 62.29 24.98
CA ARG E 216 -24.54 61.79 25.77
C ARG E 216 -24.12 60.57 26.54
N PRO E 217 -24.40 60.55 27.84
CA PRO E 217 -24.14 59.32 28.58
C PRO E 217 -24.96 58.15 28.08
N VAL E 218 -24.49 56.96 28.35
CA VAL E 218 -25.16 55.76 27.90
C VAL E 218 -26.55 55.60 28.50
N GLN E 219 -27.52 55.36 27.63
CA GLN E 219 -28.92 55.16 27.99
C GLN E 219 -29.19 53.70 28.33
N PRO E 220 -30.36 53.40 28.91
CA PRO E 220 -30.82 52.02 29.18
C PRO E 220 -31.11 51.12 27.98
N ASP E 221 -30.52 49.92 28.02
CA ASP E 221 -30.61 48.86 26.98
C ASP E 221 -31.61 47.75 27.33
N TYR E 222 -32.49 47.44 26.39
CA TYR E 222 -33.46 46.36 26.55
C TYR E 222 -33.10 45.18 25.67
N ASN E 223 -31.84 44.75 25.79
CA ASN E 223 -31.29 43.58 25.13
C ASN E 223 -31.43 43.65 23.62
N THR E 224 -30.89 44.72 23.07
CA THR E 224 -30.95 44.98 21.62
C THR E 224 -30.16 43.96 20.82
N VAL E 225 -30.83 43.39 19.83
CA VAL E 225 -30.22 42.43 18.96
C VAL E 225 -29.24 43.13 18.02
N ILE E 226 -27.97 42.83 18.26
CA ILE E 226 -26.82 43.38 17.55
C ILE E 226 -26.08 42.34 16.75
N ILE E 227 -25.73 42.69 15.53
CA ILE E 227 -24.93 41.83 14.69
C ILE E 227 -23.56 42.46 14.47
N LYS E 228 -22.53 41.63 14.42
CA LYS E 228 -21.21 42.08 14.05
C LYS E 228 -20.96 41.62 12.67
N SER E 229 -20.50 42.53 11.83
CA SER E 229 -20.39 42.20 10.45
C SER E 229 -19.27 43.04 9.91
N SER E 230 -19.08 43.04 8.60
CA SER E 230 -17.97 43.77 8.02
C SER E 230 -18.32 44.21 6.63
N ALA E 231 -17.51 45.10 6.07
CA ALA E 231 -17.71 45.43 4.67
C ALA E 231 -16.48 45.97 3.94
N GLU E 232 -16.70 46.28 2.68
CA GLU E 232 -15.69 46.90 1.88
C GLU E 232 -16.24 48.27 1.62
N THR E 233 -15.45 49.28 1.96
CA THR E 233 -15.90 50.65 1.88
C THR E 233 -15.50 51.24 0.55
N ARG E 234 -14.25 51.04 0.17
CA ARG E 234 -13.87 51.44 -1.17
C ARG E 234 -13.25 50.23 -1.87
N TRP F 10 -61.37 47.88 20.98
CA TRP F 10 -60.71 47.68 19.68
C TRP F 10 -61.14 46.42 18.93
N ASP F 11 -61.30 46.56 17.61
CA ASP F 11 -61.70 45.41 16.80
C ASP F 11 -60.94 45.51 15.50
N TYR F 12 -61.14 44.54 14.62
CA TYR F 12 -60.33 44.57 13.41
C TYR F 12 -61.20 44.99 12.22
N LYS F 13 -62.46 45.28 12.55
CA LYS F 13 -63.51 45.64 11.61
C LYS F 13 -63.38 47.07 11.13
N ASN F 14 -63.98 47.32 9.98
CA ASN F 14 -63.90 48.58 9.27
C ASN F 14 -64.45 49.77 10.04
N GLU F 16 -64.28 51.64 13.09
CA GLU F 16 -64.02 52.60 14.15
C GLU F 16 -62.95 52.16 15.17
N ASN F 17 -62.91 50.87 15.49
CA ASN F 17 -61.96 50.36 16.48
C ASN F 17 -60.78 49.69 15.81
N GLY F 18 -60.72 49.83 14.49
CA GLY F 18 -59.70 49.15 13.72
C GLY F 18 -58.33 49.64 14.12
N PRO F 19 -57.33 48.82 13.87
CA PRO F 19 -55.94 49.00 14.30
C PRO F 19 -55.33 50.35 13.88
N HIS F 20 -55.80 50.86 12.75
CA HIS F 20 -55.35 52.14 12.23
C HIS F 20 -55.82 53.33 13.08
N ARG F 21 -56.82 53.11 13.94
CA ARG F 21 -57.30 54.15 14.84
C ARG F 21 -57.12 53.82 16.33
N TRP F 22 -56.31 52.82 16.62
CA TRP F 22 -56.03 52.41 17.99
C TRP F 22 -55.29 53.46 18.78
N ASP F 23 -54.43 54.22 18.08
CA ASP F 23 -53.55 55.18 18.72
C ASP F 23 -54.26 56.33 19.42
N LYS F 24 -55.41 56.77 18.92
CA LYS F 24 -56.07 57.89 19.58
C LYS F 24 -57.31 57.49 20.37
N LEU F 25 -57.61 56.19 20.45
CA LEU F 25 -58.66 55.80 21.37
C LEU F 25 -58.17 56.24 22.73
N HIS F 26 -56.91 55.94 23.02
CA HIS F 26 -56.30 56.44 24.23
C HIS F 26 -54.92 56.98 23.94
N LYS F 27 -54.40 57.84 24.80
CA LYS F 27 -53.07 58.36 24.62
C LYS F 27 -52.01 57.47 25.24
N ASP F 28 -52.44 56.43 25.95
CA ASP F 28 -51.53 55.42 26.42
C ASP F 28 -51.04 54.60 25.26
N PHE F 29 -51.88 54.58 24.23
CA PHE F 29 -51.69 53.74 23.05
C PHE F 29 -51.01 54.54 21.97
N GLU F 30 -50.28 55.57 22.38
CA GLU F 30 -49.65 56.51 21.49
C GLU F 30 -48.67 55.75 20.59
N VAL F 31 -48.12 54.66 21.11
CA VAL F 31 -47.15 53.82 20.44
C VAL F 31 -47.70 52.94 19.32
N CYS F 32 -48.99 52.65 19.33
CA CYS F 32 -49.56 51.78 18.31
C CYS F 32 -49.48 52.41 16.94
N LYS F 33 -49.14 53.69 16.92
CA LYS F 33 -48.87 54.36 15.68
C LYS F 33 -47.55 55.10 15.72
N SER F 34 -47.23 55.71 16.84
CA SER F 34 -46.03 56.54 16.93
C SER F 34 -44.80 55.68 17.19
N GLY F 35 -45.04 54.40 17.40
CA GLY F 35 -44.00 53.42 17.68
C GLY F 35 -43.03 53.10 16.56
N LYS F 36 -41.77 52.87 16.92
CA LYS F 36 -40.69 52.65 15.96
C LYS F 36 -40.23 51.22 15.78
N SER F 37 -40.69 50.36 16.65
CA SER F 37 -40.37 48.97 16.56
C SER F 37 -41.68 48.21 16.66
N GLN F 38 -42.63 48.56 15.81
CA GLN F 38 -44.00 48.06 15.96
C GLN F 38 -44.29 46.75 15.27
N SER F 39 -45.04 45.90 15.96
CA SER F 39 -45.37 44.57 15.44
C SER F 39 -46.87 44.45 15.15
N PRO F 40 -47.23 43.62 14.15
CA PRO F 40 -46.40 42.71 13.37
C PRO F 40 -45.75 43.30 12.10
N ILE F 41 -44.85 42.52 11.49
CA ILE F 41 -44.15 42.90 10.26
C ILE F 41 -43.89 41.73 9.29
N ASN F 42 -43.53 42.04 8.06
CA ASN F 42 -43.14 41.02 7.08
C ASN F 42 -41.65 40.74 7.06
N ILE F 43 -41.27 39.51 7.37
CA ILE F 43 -39.88 39.13 7.40
C ILE F 43 -39.32 38.85 6.02
N GLU F 44 -38.55 39.80 5.49
CA GLU F 44 -38.05 39.70 4.13
C GLU F 44 -36.56 39.95 4.09
N HIS F 45 -36.06 40.63 5.11
CA HIS F 45 -34.63 40.78 5.28
C HIS F 45 -34.18 40.35 6.66
N TYR F 46 -33.16 39.49 6.70
CA TYR F 46 -32.71 38.95 7.96
C TYR F 46 -31.24 38.53 7.81
N TYR F 47 -30.63 38.18 8.94
CA TYR F 47 -29.23 37.78 9.01
C TYR F 47 -29.08 36.31 9.41
N HIS F 48 -28.33 35.54 8.64
CA HIS F 48 -28.13 34.14 8.99
C HIS F 48 -27.04 34.06 10.04
N THR F 49 -27.24 33.21 11.04
CA THR F 49 -26.25 33.02 12.11
C THR F 49 -26.35 31.64 12.72
N GLN F 50 -25.46 31.42 13.69
CA GLN F 50 -25.36 30.17 14.44
C GLN F 50 -25.79 30.33 15.92
N ALA F 53 -26.60 28.46 23.14
CA ALA F 53 -27.75 28.12 23.96
C ALA F 53 -28.26 29.31 24.76
N ASP F 54 -28.00 30.54 24.29
CA ASP F 54 -28.51 31.76 24.91
C ASP F 54 -29.95 31.48 25.30
N LEU F 55 -30.64 30.87 24.33
CA LEU F 55 -32.03 30.48 24.43
C LEU F 55 -32.22 29.03 24.86
N GLN F 56 -32.86 28.83 26.00
CA GLN F 56 -33.21 27.50 26.47
C GLN F 56 -34.66 27.48 27.01
N PHE F 57 -35.28 26.30 27.06
CA PHE F 57 -36.68 26.11 27.46
C PHE F 57 -36.92 25.36 28.76
N LYS F 58 -37.71 25.94 29.65
CA LYS F 58 -38.09 25.22 30.85
C LYS F 58 -39.60 24.93 30.91
N TYR F 59 -40.11 24.32 29.83
CA TYR F 59 -41.51 23.98 29.72
C TYR F 59 -41.78 22.62 30.32
N ALA F 60 -43.04 22.38 30.65
CA ALA F 60 -43.44 21.09 31.14
C ALA F 60 -44.89 20.88 30.77
N ALA F 61 -45.38 19.65 30.85
CA ALA F 61 -46.79 19.41 30.68
C ALA F 61 -47.52 20.13 31.81
N SER F 62 -48.38 21.07 31.47
CA SER F 62 -49.03 21.90 32.48
C SER F 62 -50.50 22.03 32.17
N LYS F 63 -51.29 22.17 33.22
CA LYS F 63 -52.72 22.41 33.08
C LYS F 63 -52.94 23.88 32.73
N PRO F 64 -53.66 24.15 31.64
CA PRO F 64 -53.98 25.56 31.41
C PRO F 64 -54.70 26.08 32.65
N LYS F 65 -54.26 27.21 33.18
CA LYS F 65 -54.90 27.79 34.35
C LYS F 65 -56.29 28.27 33.98
N ALA F 66 -56.44 28.69 32.73
CA ALA F 66 -57.73 29.11 32.23
C ALA F 66 -57.69 29.00 30.73
N VAL F 67 -58.84 28.68 30.14
CA VAL F 67 -59.01 28.75 28.70
C VAL F 67 -60.19 29.66 28.42
N PHE F 68 -60.01 30.70 27.62
CA PHE F 68 -61.10 31.65 27.44
C PHE F 68 -60.94 32.61 26.28
N PHE F 69 -62.08 33.18 25.84
CA PHE F 69 -62.14 34.22 24.82
C PHE F 69 -62.11 35.61 25.43
N THR F 70 -61.20 36.44 24.95
CA THR F 70 -61.14 37.82 25.39
C THR F 70 -60.52 38.62 24.27
N HIS F 71 -61.03 39.83 24.05
CA HIS F 71 -60.47 40.71 23.05
C HIS F 71 -60.33 40.01 21.70
N HIS F 72 -61.39 39.33 21.24
CA HIS F 72 -61.38 38.68 19.92
C HIS F 72 -60.37 37.55 19.82
N THR F 73 -59.83 37.09 20.95
CA THR F 73 -58.86 35.99 20.87
C THR F 73 -59.12 34.93 21.94
N LEU F 74 -58.72 33.71 21.62
CA LEU F 74 -58.83 32.60 22.54
C LEU F 74 -57.52 32.54 23.29
N LYS F 75 -57.55 32.17 24.57
CA LYS F 75 -56.36 32.31 25.38
C LYS F 75 -56.28 31.28 26.50
N ALA F 76 -55.07 30.79 26.77
CA ALA F 76 -54.85 29.92 27.91
C ALA F 76 -53.76 30.45 28.81
N SER F 77 -54.07 30.58 30.08
CA SER F 77 -53.14 31.16 31.03
C SER F 77 -52.49 30.04 31.77
N PHE F 78 -51.33 30.30 32.32
CA PHE F 78 -50.61 29.21 32.96
C PHE F 78 -49.99 29.59 34.25
N GLU F 79 -49.82 28.58 35.09
CA GLU F 79 -49.12 28.78 36.30
C GLU F 79 -47.74 29.18 35.87
N PRO F 80 -47.08 29.98 36.68
CA PRO F 80 -45.70 30.36 36.37
C PRO F 80 -44.74 29.22 36.65
N THR F 81 -45.05 28.04 36.10
CA THR F 81 -44.20 26.88 36.25
C THR F 81 -43.44 26.68 34.94
N ASN F 82 -43.90 27.37 33.90
CA ASN F 82 -43.25 27.25 32.60
C ASN F 82 -42.45 28.49 32.37
N HIS F 83 -41.17 28.27 32.10
CA HIS F 83 -40.23 29.36 32.02
C HIS F 83 -39.50 29.31 30.69
N ILE F 84 -38.94 30.43 30.27
CA ILE F 84 -38.00 30.41 29.17
C ILE F 84 -36.76 31.19 29.56
N ASN F 85 -35.59 30.62 29.29
CA ASN F 85 -34.34 31.30 29.59
C ASN F 85 -33.75 31.87 28.33
N TYR F 86 -33.50 33.16 28.36
CA TYR F 86 -32.88 33.76 27.23
C TYR F 86 -31.88 34.74 27.79
N ARG F 87 -30.63 34.55 27.38
CA ARG F 87 -29.54 35.40 27.81
C ARG F 87 -29.31 35.38 29.32
N GLY F 88 -29.71 34.29 29.96
CA GLY F 88 -29.46 34.10 31.37
C GLY F 88 -30.55 34.66 32.26
N HIS F 89 -31.72 34.90 31.69
CA HIS F 89 -32.86 35.40 32.47
C HIS F 89 -34.11 34.59 32.14
N ASP F 90 -34.76 34.05 33.14
CA ASP F 90 -35.99 33.32 32.89
C ASP F 90 -37.20 34.22 32.75
N TYR F 91 -37.88 34.06 31.61
CA TYR F 91 -39.10 34.75 31.25
C TYR F 91 -40.19 33.74 31.43
N VAL F 92 -41.32 34.16 31.96
CA VAL F 92 -42.26 33.15 32.38
C VAL F 92 -43.43 33.02 31.46
N LEU F 93 -43.76 31.77 31.11
CA LEU F 93 -44.93 31.56 30.29
C LEU F 93 -46.15 32.00 31.08
N ASP F 94 -46.84 32.97 30.53
CA ASP F 94 -48.05 33.45 31.07
C ASP F 94 -49.20 32.78 30.34
N ASN F 95 -49.19 32.90 29.03
CA ASN F 95 -50.31 32.45 28.24
C ASN F 95 -50.04 32.14 26.79
N VAL F 96 -51.10 31.67 26.14
CA VAL F 96 -51.15 31.44 24.71
C VAL F 96 -52.39 32.03 24.09
N HIS F 97 -52.24 32.87 23.08
CA HIS F 97 -53.42 33.47 22.49
C HIS F 97 -53.32 33.33 21.00
N PHE F 98 -54.38 33.72 20.33
CA PHE F 98 -54.51 33.43 18.91
C PHE F 98 -54.89 34.63 18.12
N HIS F 99 -54.55 34.55 16.84
CA HIS F 99 -54.89 35.56 15.84
C HIS F 99 -55.37 34.82 14.60
N ALA F 100 -56.42 35.30 13.95
CA ALA F 100 -56.86 34.66 12.72
C ALA F 100 -57.09 35.68 11.64
N PRO F 101 -56.28 35.66 10.56
CA PRO F 101 -55.11 34.81 10.26
C PRO F 101 -53.85 35.20 11.03
N MET F 102 -52.77 34.48 10.77
CA MET F 102 -51.45 34.75 11.33
C MET F 102 -51.01 36.19 11.14
N GLU F 103 -50.43 36.77 12.17
CA GLU F 103 -50.08 38.18 12.11
C GLU F 103 -48.81 38.45 11.30
N PHE F 104 -47.77 37.62 11.48
CA PHE F 104 -46.51 37.77 10.74
C PHE F 104 -46.38 37.06 9.38
N LEU F 105 -45.76 37.74 8.40
CA LEU F 105 -45.47 37.16 7.08
C LEU F 105 -44.00 36.85 6.81
N ILE F 106 -43.76 35.64 6.28
CA ILE F 106 -42.43 35.22 5.88
C ILE F 106 -42.35 35.22 4.36
N ASN F 107 -41.67 36.22 3.82
CA ASN F 107 -41.61 36.48 2.39
C ASN F 107 -43.03 36.42 1.90
N ASN F 108 -43.83 37.22 2.59
CA ASN F 108 -45.25 37.40 2.38
C ASN F 108 -46.03 36.12 2.50
N LYS F 109 -45.41 35.08 3.07
CA LYS F 109 -46.20 33.87 3.25
C LYS F 109 -46.70 33.67 4.66
N THR F 110 -48.00 33.42 4.68
CA THR F 110 -48.84 33.34 5.86
C THR F 110 -49.38 31.93 6.14
N ARG F 111 -49.61 31.67 7.43
CA ARG F 111 -50.27 30.46 7.88
C ARG F 111 -51.67 30.86 8.33
N PRO F 112 -52.65 29.97 8.17
CA PRO F 112 -54.04 30.31 8.53
C PRO F 112 -54.28 30.43 10.04
N LEU F 113 -53.24 30.31 10.86
CA LEU F 113 -53.40 30.43 12.29
C LEU F 113 -52.06 30.58 12.99
N SER F 114 -52.02 31.41 14.03
CA SER F 114 -50.84 31.52 14.89
C SER F 114 -51.14 31.52 16.39
N ALA F 115 -50.09 31.53 17.21
CA ALA F 115 -50.24 31.54 18.66
C ALA F 115 -49.05 32.24 19.29
N HIS F 116 -49.31 33.09 20.28
CA HIS F 116 -48.24 33.89 20.85
C HIS F 116 -48.08 33.54 22.30
N PHE F 117 -46.91 33.03 22.61
CA PHE F 117 -46.64 32.49 23.93
C PHE F 117 -45.88 33.50 24.72
N VAL F 118 -46.54 34.07 25.70
CA VAL F 118 -46.05 35.29 26.29
C VAL F 118 -45.23 35.12 27.56
N HIS F 119 -44.14 35.86 27.61
CA HIS F 119 -43.23 35.81 28.74
C HIS F 119 -42.84 37.14 29.30
N LYS F 120 -42.36 37.10 30.54
CA LYS F 120 -41.81 38.28 31.19
C LYS F 120 -40.73 37.76 32.09
N ASP F 121 -39.60 38.45 32.16
CA ASP F 121 -38.56 37.96 33.04
C ASP F 121 -38.84 38.46 34.42
N ALA F 122 -37.98 38.09 35.36
CA ALA F 122 -38.17 38.40 36.77
C ALA F 122 -38.18 39.90 36.98
N LYS F 123 -37.41 40.59 36.14
CA LYS F 123 -37.28 42.02 36.20
C LYS F 123 -38.46 42.77 35.57
N GLY F 124 -38.83 42.43 34.34
CA GLY F 124 -40.03 43.01 33.75
C GLY F 124 -40.07 42.96 32.24
N ARG F 125 -38.96 42.58 31.62
CA ARG F 125 -38.82 42.61 30.17
C ARG F 125 -39.73 41.57 29.48
N LEU F 126 -40.21 41.91 28.30
CA LEU F 126 -41.24 41.10 27.70
C LEU F 126 -40.73 40.25 26.56
N LEU F 127 -41.32 39.07 26.40
CA LEU F 127 -40.91 38.15 25.37
C LEU F 127 -42.06 37.34 24.77
N VAL F 128 -42.40 37.60 23.52
CA VAL F 128 -43.47 36.86 22.91
C VAL F 128 -42.93 35.96 21.82
N LEU F 129 -43.50 34.78 21.73
CA LEU F 129 -43.01 33.73 20.88
C LEU F 129 -44.15 33.17 20.00
N ALA F 130 -43.96 33.19 18.68
CA ALA F 130 -45.00 32.75 17.73
C ALA F 130 -44.58 31.59 16.81
N ILE F 131 -45.53 30.72 16.51
CA ILE F 131 -45.33 29.57 15.61
C ILE F 131 -46.54 29.41 14.70
N GLY F 132 -46.32 28.92 13.48
CA GLY F 132 -47.37 28.85 12.48
C GLY F 132 -48.12 27.54 12.43
N PHE F 133 -49.23 27.53 11.69
CA PHE F 133 -49.94 26.28 11.45
C PHE F 133 -50.34 26.03 9.98
N GLU F 134 -49.98 24.86 9.46
CA GLU F 134 -50.46 24.49 8.15
C GLU F 134 -51.52 23.42 8.29
N GLU F 135 -52.51 23.44 7.41
CA GLU F 135 -53.58 22.43 7.42
C GLU F 135 -53.12 21.01 7.10
N GLY F 136 -53.61 20.03 7.86
CA GLY F 136 -53.24 18.66 7.62
C GLY F 136 -53.77 17.75 8.70
N LYS F 137 -52.87 17.31 9.56
CA LYS F 137 -53.19 16.39 10.64
C LYS F 137 -53.41 17.17 11.95
N GLU F 138 -53.98 16.52 12.96
CA GLU F 138 -54.27 17.13 14.28
C GLU F 138 -53.12 17.38 15.23
N ASN F 139 -53.16 18.54 15.88
CA ASN F 139 -52.24 18.78 16.96
C ASN F 139 -53.09 18.44 18.17
N PRO F 140 -52.80 17.28 18.79
CA PRO F 140 -53.58 16.74 19.91
C PRO F 140 -53.43 17.59 21.16
N ASN F 141 -52.47 18.48 21.15
CA ASN F 141 -52.28 19.41 22.27
C ASN F 141 -53.29 20.56 22.24
N LEU F 142 -54.01 20.71 21.13
CA LEU F 142 -55.02 21.77 20.99
C LEU F 142 -56.36 21.43 21.60
N ASP F 143 -56.72 20.16 21.53
CA ASP F 143 -57.97 19.69 22.13
C ASP F 143 -58.07 19.93 23.65
N PRO F 144 -56.98 19.74 24.43
CA PRO F 144 -57.09 20.01 25.88
C PRO F 144 -57.35 21.48 26.17
N ILE F 145 -57.29 22.28 25.12
CA ILE F 145 -57.61 23.68 25.17
C ILE F 145 -59.02 23.78 24.62
N LEU F 146 -59.25 23.01 23.55
CA LEU F 146 -60.54 22.97 22.90
C LEU F 146 -61.56 22.16 23.72
N GLU F 147 -61.06 21.25 24.54
CA GLU F 147 -61.88 20.58 25.55
C GLU F 147 -61.69 21.36 26.80
N GLY F 148 -60.68 22.23 26.77
CA GLY F 148 -60.36 23.06 27.90
C GLY F 148 -61.29 24.25 27.82
N ILE F 149 -61.97 24.38 26.69
CA ILE F 149 -62.98 25.42 26.60
C ILE F 149 -64.27 24.65 26.81
N GLN F 150 -64.19 23.34 26.62
CA GLN F 150 -65.31 22.44 26.86
C GLN F 150 -65.32 22.02 28.32
N LYS F 151 -64.71 22.83 29.17
CA LYS F 151 -64.60 22.52 30.58
C LYS F 151 -64.70 23.75 31.47
N LYS F 152 -65.29 23.55 32.64
CA LYS F 152 -65.31 24.55 33.67
C LYS F 152 -64.35 24.10 34.77
N GLN F 153 -64.27 22.79 34.95
CA GLN F 153 -63.33 22.21 35.91
C GLN F 153 -61.91 22.34 35.39
N ASN F 154 -60.96 21.99 36.26
CA ASN F 154 -59.57 21.82 35.87
C ASN F 154 -59.55 21.31 34.44
N PHE F 155 -59.06 22.16 33.54
CA PHE F 155 -59.13 21.83 32.14
C PHE F 155 -58.01 20.85 31.86
N LYS F 156 -58.10 20.16 30.74
CA LYS F 156 -57.12 19.13 30.42
C LYS F 156 -55.73 19.70 30.12
N GLU F 157 -54.71 18.94 30.51
CA GLU F 157 -53.33 19.38 30.45
C GLU F 157 -52.83 19.62 29.05
N VAL F 158 -51.91 20.56 28.93
CA VAL F 158 -51.27 20.81 27.65
C VAL F 158 -49.81 20.47 27.78
N ALA F 159 -49.31 19.65 26.87
CA ALA F 159 -47.91 19.27 26.83
C ALA F 159 -47.06 20.37 26.20
N LEU F 160 -46.78 21.41 26.99
CA LEU F 160 -46.05 22.58 26.49
C LEU F 160 -44.64 22.17 26.13
N ASP F 161 -44.12 21.18 26.84
CA ASP F 161 -42.80 20.65 26.53
C ASP F 161 -42.87 19.69 25.35
N ALA F 162 -44.08 19.41 24.89
CA ALA F 162 -44.23 18.50 23.77
C ALA F 162 -45.04 19.16 22.68
N PHE F 163 -45.27 20.46 22.84
CA PHE F 163 -46.04 21.19 21.87
C PHE F 163 -45.12 21.62 20.75
N LEU F 164 -44.02 22.23 21.15
CA LEU F 164 -43.08 22.75 20.18
C LEU F 164 -42.16 21.63 19.73
N PRO F 165 -41.63 21.74 18.50
CA PRO F 165 -40.64 20.83 17.92
C PRO F 165 -39.30 20.82 18.63
N LYS F 166 -38.61 19.69 18.58
CA LYS F 166 -37.23 19.68 19.03
C LYS F 166 -36.31 20.37 18.02
N SER F 167 -36.89 21.05 17.02
CA SER F 167 -36.10 21.70 15.98
C SER F 167 -36.30 23.20 16.00
N ILE F 168 -35.22 23.96 15.97
CA ILE F 168 -35.34 25.37 16.24
C ILE F 168 -34.60 26.36 15.33
N ASN F 169 -35.06 26.47 14.08
CA ASN F 169 -34.72 27.66 13.33
C ASN F 169 -35.80 28.70 13.58
N TYR F 170 -35.36 29.86 14.08
CA TYR F 170 -36.26 30.95 14.40
C TYR F 170 -35.80 32.26 13.75
N TYR F 171 -36.67 33.26 13.76
CA TYR F 171 -36.27 34.60 13.39
C TYR F 171 -36.41 35.43 14.65
N HIS F 172 -35.42 36.24 14.95
CA HIS F 172 -35.37 36.92 16.24
C HIS F 172 -35.07 38.41 16.16
N PHE F 173 -35.80 39.20 16.95
CA PHE F 173 -35.67 40.63 16.84
C PHE F 173 -36.30 41.41 18.01
N ASN F 174 -36.07 42.73 18.00
CA ASN F 174 -36.69 43.62 18.95
C ASN F 174 -37.95 44.18 18.35
N GLY F 175 -39.07 44.08 19.04
CA GLY F 175 -40.32 44.60 18.51
C GLY F 175 -41.29 45.20 19.50
N SER F 176 -42.57 45.14 19.15
CA SER F 176 -43.66 45.62 19.99
C SER F 176 -44.69 44.55 20.13
N LEU F 177 -45.68 44.80 20.97
CA LEU F 177 -46.85 43.95 21.03
C LEU F 177 -47.68 44.11 19.78
N THR F 178 -48.42 43.08 19.41
CA THR F 178 -49.22 43.19 18.19
C THR F 178 -50.62 43.64 18.58
N ALA F 179 -50.79 43.94 19.87
CA ALA F 179 -52.04 44.42 20.42
C ALA F 179 -51.79 45.58 21.40
N PRO F 180 -52.79 46.47 21.59
CA PRO F 180 -52.69 47.65 22.46
C PRO F 180 -52.18 47.40 23.88
N PRO F 181 -51.30 48.27 24.40
CA PRO F 181 -50.82 49.57 23.92
C PRO F 181 -49.68 49.46 22.92
N CYS F 182 -49.44 48.25 22.42
CA CYS F 182 -48.43 47.99 21.43
C CYS F 182 -47.04 48.35 21.94
N THR F 183 -46.81 48.01 23.21
CA THR F 183 -45.59 48.41 23.90
C THR F 183 -44.38 47.85 23.22
N GLU F 184 -43.37 48.69 23.03
CA GLU F 184 -42.15 48.22 22.39
C GLU F 184 -41.23 47.63 23.45
N GLY F 185 -40.08 47.14 23.01
CA GLY F 185 -39.08 46.55 23.90
C GLY F 185 -39.37 45.09 24.20
N VAL F 186 -40.07 44.44 23.27
CA VAL F 186 -40.43 43.04 23.40
C VAL F 186 -39.64 42.14 22.45
N ALA F 187 -38.96 41.15 23.01
CA ALA F 187 -38.12 40.23 22.27
C ALA F 187 -38.94 39.16 21.57
N TRP F 188 -38.92 39.24 20.25
CA TRP F 188 -39.67 38.34 19.41
C TRP F 188 -38.83 37.23 18.85
N PHE F 189 -39.30 36.01 19.03
CA PHE F 189 -38.72 34.88 18.34
C PHE F 189 -39.80 34.27 17.47
N VAL F 190 -39.56 34.30 16.18
CA VAL F 190 -40.51 33.84 15.17
C VAL F 190 -39.95 32.66 14.36
N ILE F 191 -40.72 31.58 14.32
CA ILE F 191 -40.29 30.29 13.76
C ILE F 191 -40.61 30.08 12.26
N GLU F 192 -39.69 29.43 11.55
CA GLU F 192 -39.72 29.21 10.10
C GLU F 192 -40.75 28.18 9.60
N GLU F 193 -41.13 27.25 10.47
CA GLU F 193 -42.01 26.12 10.15
C GLU F 193 -43.27 26.05 11.04
N PRO F 194 -44.39 25.63 10.45
CA PRO F 194 -45.68 25.53 11.13
C PRO F 194 -45.91 24.19 11.82
N LEU F 195 -46.74 24.15 12.85
CA LEU F 195 -47.19 22.86 13.33
C LEU F 195 -48.43 22.59 12.53
N GLU F 196 -48.75 21.34 12.31
CA GLU F 196 -49.86 21.11 11.44
C GLU F 196 -51.13 20.98 12.29
N VAL F 197 -52.24 21.43 11.72
CA VAL F 197 -53.55 21.35 12.34
C VAL F 197 -54.66 21.22 11.26
N SER F 198 -55.65 20.37 11.50
CA SER F 198 -56.68 20.09 10.50
C SER F 198 -57.66 21.24 10.21
N ALA F 199 -58.23 21.23 9.01
CA ALA F 199 -59.18 22.25 8.53
C ALA F 199 -60.54 22.22 9.21
N LYS F 200 -60.81 21.12 9.90
CA LYS F 200 -62.06 20.90 10.64
C LYS F 200 -62.12 21.64 11.98
N GLN F 201 -60.96 21.87 12.58
CA GLN F 201 -60.88 22.53 13.87
C GLN F 201 -61.00 24.01 13.62
N LEU F 202 -60.48 24.41 12.46
CA LEU F 202 -60.40 25.80 12.04
C LEU F 202 -61.67 26.64 12.13
N ALA F 203 -62.82 26.08 11.79
CA ALA F 203 -64.04 26.89 11.72
C ALA F 203 -64.61 27.40 13.06
N GLU F 204 -64.57 26.59 14.10
CA GLU F 204 -65.16 26.98 15.38
C GLU F 204 -64.28 27.91 16.16
N ILE F 205 -62.98 27.75 15.98
CA ILE F 205 -62.03 28.55 16.71
C ILE F 205 -62.11 29.92 16.09
N LYS F 206 -62.39 29.98 14.79
CA LYS F 206 -62.63 31.26 14.14
C LYS F 206 -63.94 31.80 14.67
N LYS F 207 -64.83 30.89 15.04
CA LYS F 207 -66.13 31.26 15.58
C LYS F 207 -66.03 31.43 17.10
N ARG F 208 -64.98 30.86 17.71
CA ARG F 208 -64.68 31.11 19.12
C ARG F 208 -63.80 32.34 19.24
N MET F 209 -63.47 32.92 18.10
CA MET F 209 -62.86 34.23 18.05
C MET F 209 -63.81 35.01 17.16
N LYS F 210 -65.02 34.43 17.09
CA LYS F 210 -66.24 35.02 16.57
C LYS F 210 -66.30 35.31 15.07
N ASN F 211 -65.57 34.53 14.29
CA ASN F 211 -65.46 34.74 12.84
C ASN F 211 -65.22 36.20 12.56
N SER F 212 -64.47 36.79 13.49
CA SER F 212 -64.01 38.15 13.40
C SER F 212 -62.50 37.99 13.37
N PRO F 213 -61.90 38.37 12.24
CA PRO F 213 -60.45 38.20 12.08
C PRO F 213 -59.67 38.98 13.12
N ASN F 214 -58.87 38.32 13.95
CA ASN F 214 -58.06 39.09 14.89
C ASN F 214 -56.57 39.18 14.52
N GLN F 215 -56.29 39.70 13.32
CA GLN F 215 -54.92 39.94 12.85
C GLN F 215 -54.61 41.45 12.61
N ARG F 216 -53.62 41.98 13.32
CA ARG F 216 -53.19 43.35 13.08
C ARG F 216 -52.49 43.56 11.75
N PRO F 217 -52.95 44.55 10.96
CA PRO F 217 -52.37 44.96 9.68
C PRO F 217 -50.95 45.46 9.83
N VAL F 218 -50.25 45.46 8.71
CA VAL F 218 -48.85 45.85 8.61
C VAL F 218 -48.50 47.29 8.96
N GLN F 219 -47.45 47.41 9.77
CA GLN F 219 -46.92 48.66 10.27
C GLN F 219 -45.92 49.24 9.29
N PRO F 220 -45.63 50.55 9.39
CA PRO F 220 -44.52 51.07 8.57
C PRO F 220 -43.26 50.41 9.06
N ASP F 221 -42.42 49.90 8.18
CA ASP F 221 -41.21 49.21 8.63
C ASP F 221 -39.96 50.10 8.56
N TYR F 222 -39.21 50.06 9.65
CA TYR F 222 -37.98 50.81 9.83
C TYR F 222 -36.64 49.99 9.97
N ASN F 223 -36.29 49.13 9.01
CA ASN F 223 -34.99 48.44 9.04
C ASN F 223 -34.70 47.58 10.28
N THR F 224 -35.56 46.63 10.59
CA THR F 224 -35.30 45.80 11.77
C THR F 224 -34.12 44.85 11.53
N VAL F 225 -33.13 44.88 12.41
CA VAL F 225 -32.03 43.95 12.31
C VAL F 225 -32.50 42.61 12.88
N ILE F 226 -32.65 41.65 11.98
CA ILE F 226 -33.17 40.33 12.30
C ILE F 226 -32.11 39.24 12.13
N ILE F 227 -32.07 38.32 13.09
CA ILE F 227 -31.20 37.16 13.03
C ILE F 227 -32.02 35.87 12.84
N LYS F 228 -31.47 34.91 12.10
CA LYS F 228 -32.06 33.57 11.99
C LYS F 228 -31.14 32.62 12.70
N SER F 229 -31.64 31.77 13.61
CA SER F 229 -30.68 30.98 14.34
C SER F 229 -31.15 29.65 14.88
N SER F 230 -30.28 29.03 15.69
CA SER F 230 -30.53 27.76 16.33
C SER F 230 -29.74 27.67 17.63
N ALA F 231 -30.21 26.84 18.56
CA ALA F 231 -29.58 26.67 19.88
C ALA F 231 -29.97 25.34 20.52
N GLU F 232 -29.72 25.18 21.82
CA GLU F 232 -30.16 23.96 22.51
C GLU F 232 -31.30 24.17 23.51
N THR F 233 -32.38 23.40 23.32
CA THR F 233 -33.64 23.52 24.05
C THR F 233 -34.06 22.42 25.06
N ARG F 234 -35.24 21.81 24.78
CA ARG F 234 -35.83 20.66 25.52
C ARG F 234 -35.46 19.27 24.99
N ASN G 7 63.61 -44.02 -20.58
CA ASN G 7 64.35 -45.03 -21.35
C ASN G 7 63.80 -46.46 -21.23
N THR G 8 62.92 -46.82 -22.16
CA THR G 8 62.39 -48.18 -22.30
C THR G 8 61.87 -48.32 -23.74
N LYS G 9 60.71 -48.95 -23.93
CA LYS G 9 60.10 -49.03 -25.25
C LYS G 9 58.61 -48.74 -25.30
N TRP G 10 57.95 -48.59 -24.15
CA TRP G 10 56.49 -48.44 -24.12
C TRP G 10 56.09 -47.08 -24.64
N ASP G 11 55.01 -47.02 -25.40
CA ASP G 11 54.63 -45.72 -25.95
C ASP G 11 53.15 -45.46 -26.01
N TYR G 12 52.82 -44.25 -26.48
CA TYR G 12 51.44 -43.78 -26.59
C TYR G 12 50.98 -43.92 -28.03
N LYS G 13 51.83 -44.47 -28.87
CA LYS G 13 51.49 -44.62 -30.26
C LYS G 13 50.55 -45.80 -30.33
N ASN G 14 49.68 -45.83 -31.34
CA ASN G 14 48.68 -46.89 -31.44
C ASN G 14 49.25 -48.27 -31.77
N LYS G 15 50.56 -48.50 -31.65
CA LYS G 15 51.06 -49.81 -32.03
C LYS G 15 51.40 -50.72 -30.87
N GLU G 16 52.58 -51.30 -30.90
CA GLU G 16 52.85 -52.48 -30.09
C GLU G 16 53.28 -52.12 -28.69
N ASN G 17 53.86 -50.95 -28.55
CA ASN G 17 54.28 -50.49 -27.24
C ASN G 17 53.20 -49.57 -26.70
N GLY G 18 52.08 -49.61 -27.42
CA GLY G 18 50.92 -48.82 -27.13
C GLY G 18 50.26 -49.14 -25.80
N PRO G 19 49.49 -48.18 -25.32
CA PRO G 19 48.91 -48.21 -23.98
C PRO G 19 48.02 -49.41 -23.72
N HIS G 20 47.32 -49.84 -24.74
CA HIS G 20 46.42 -50.97 -24.64
C HIS G 20 47.25 -52.19 -24.47
N ARG G 21 48.50 -52.06 -24.91
CA ARG G 21 49.44 -53.15 -24.87
C ARG G 21 50.65 -52.91 -24.00
N TRP G 22 50.55 -51.96 -23.08
CA TRP G 22 51.64 -51.72 -22.15
C TRP G 22 51.91 -52.91 -21.22
N ASP G 23 50.84 -53.63 -20.88
CA ASP G 23 50.94 -54.75 -19.97
C ASP G 23 51.77 -55.87 -20.55
N LYS G 24 51.78 -55.97 -21.88
CA LYS G 24 52.44 -57.06 -22.56
C LYS G 24 53.77 -56.60 -23.13
N LEU G 25 54.68 -56.18 -22.26
CA LEU G 25 56.03 -55.80 -22.68
C LEU G 25 57.04 -56.15 -21.61
N HIS G 26 56.75 -55.76 -20.39
CA HIS G 26 57.59 -56.08 -19.27
C HIS G 26 56.63 -56.58 -18.22
N LYS G 27 57.08 -57.32 -17.24
CA LYS G 27 56.12 -57.81 -16.27
C LYS G 27 55.92 -56.89 -15.08
N ASP G 28 56.73 -55.86 -14.92
CA ASP G 28 56.38 -54.86 -13.91
C ASP G 28 55.15 -54.10 -14.38
N PHE G 29 54.91 -54.12 -15.68
CA PHE G 29 53.84 -53.34 -16.26
C PHE G 29 52.54 -54.13 -16.37
N GLU G 30 52.43 -55.27 -15.71
CA GLU G 30 51.26 -56.11 -15.93
C GLU G 30 49.97 -55.52 -15.33
N VAL G 31 50.11 -54.70 -14.29
CA VAL G 31 48.93 -54.16 -13.61
C VAL G 31 48.19 -53.18 -14.53
N CYS G 32 48.88 -52.75 -15.57
CA CYS G 32 48.32 -51.91 -16.59
C CYS G 32 47.20 -52.60 -17.36
N LYS G 33 46.98 -53.88 -17.08
CA LYS G 33 45.86 -54.60 -17.68
C LYS G 33 44.92 -55.12 -16.62
N SER G 34 45.51 -55.57 -15.52
CA SER G 34 44.79 -56.25 -14.46
C SER G 34 44.20 -55.34 -13.39
N GLY G 35 44.60 -54.07 -13.37
CA GLY G 35 44.21 -53.17 -12.29
C GLY G 35 42.76 -52.80 -12.08
N LYS G 36 42.41 -52.70 -10.81
CA LYS G 36 41.06 -52.39 -10.34
C LYS G 36 40.98 -50.98 -9.75
N SER G 37 41.98 -50.18 -10.10
CA SER G 37 42.07 -48.78 -9.71
CA SER G 37 42.02 -48.77 -9.74
C SER G 37 42.89 -48.07 -10.76
N GLN G 38 42.53 -48.23 -12.02
CA GLN G 38 43.40 -47.76 -13.07
C GLN G 38 43.11 -46.33 -13.44
N SER G 39 44.18 -45.55 -13.55
CA SER G 39 44.09 -44.13 -13.82
C SER G 39 44.61 -43.85 -15.20
N PRO G 40 44.09 -42.82 -15.85
CA PRO G 40 43.10 -41.85 -15.38
C PRO G 40 41.66 -42.24 -15.74
N ILE G 41 40.70 -41.50 -15.20
CA ILE G 41 39.28 -41.71 -15.50
C ILE G 41 38.50 -40.41 -15.55
N ASN G 42 37.26 -40.48 -16.01
CA ASN G 42 36.38 -39.31 -15.99
C ASN G 42 35.64 -39.22 -14.67
N ILE G 43 35.90 -38.12 -13.99
CA ILE G 43 35.29 -37.88 -12.71
C ILE G 43 33.89 -37.35 -12.92
N GLU G 44 32.88 -38.20 -12.88
CA GLU G 44 31.51 -37.75 -13.14
C GLU G 44 30.53 -38.22 -12.06
N HIS G 45 30.91 -39.22 -11.30
CA HIS G 45 30.12 -39.60 -10.16
C HIS G 45 31.00 -39.55 -8.93
N TYR G 46 30.59 -38.75 -7.95
CA TYR G 46 31.40 -38.44 -6.79
C TYR G 46 30.56 -37.90 -5.63
N TYR G 47 31.19 -37.74 -4.48
CA TYR G 47 30.48 -37.33 -3.27
C TYR G 47 30.93 -35.96 -2.70
N HIS G 48 29.96 -35.08 -2.43
CA HIS G 48 30.27 -33.77 -1.85
C HIS G 48 30.53 -33.87 -0.38
N THR G 49 31.55 -33.19 0.11
CA THR G 49 31.80 -33.20 1.55
C THR G 49 32.40 -31.88 2.01
N GLN G 50 32.12 -31.49 3.25
CA GLN G 50 32.66 -30.26 3.80
C GLN G 50 33.67 -30.52 4.89
N ASP G 54 43.61 -32.82 7.03
CA ASP G 54 44.44 -33.41 5.99
C ASP G 54 45.40 -32.50 5.23
N LEU G 55 44.95 -32.01 4.07
CA LEU G 55 45.84 -31.43 3.05
C LEU G 55 46.25 -29.96 3.22
N GLN G 56 47.54 -29.70 3.08
CA GLN G 56 48.10 -28.36 3.04
C GLN G 56 49.40 -28.38 2.25
N PHE G 57 49.79 -27.22 1.71
CA PHE G 57 50.94 -27.14 0.83
C PHE G 57 52.06 -26.33 1.44
N LYS G 58 53.26 -26.91 1.45
CA LYS G 58 54.47 -26.20 1.85
C LYS G 58 55.39 -26.00 0.63
N TYR G 59 54.84 -25.38 -0.40
CA TYR G 59 55.58 -25.11 -1.62
C TYR G 59 56.45 -23.87 -1.44
N ALA G 60 57.48 -23.73 -2.27
CA ALA G 60 58.34 -22.57 -2.30
C ALA G 60 58.91 -22.40 -3.71
N ALA G 61 59.41 -21.20 -4.01
CA ALA G 61 60.08 -20.94 -5.28
C ALA G 61 61.32 -21.78 -5.41
N SER G 62 61.40 -22.63 -6.42
CA SER G 62 62.50 -23.59 -6.46
C SER G 62 63.16 -23.72 -7.82
N LYS G 63 64.48 -23.94 -7.77
CA LYS G 63 65.29 -24.21 -8.95
C LYS G 63 65.15 -25.68 -9.31
N PRO G 64 64.72 -25.94 -10.56
CA PRO G 64 64.59 -27.31 -11.06
C PRO G 64 65.91 -28.05 -11.01
N LYS G 65 65.90 -29.27 -10.51
CA LYS G 65 67.12 -30.04 -10.55
C LYS G 65 67.40 -30.39 -12.00
N ALA G 66 66.34 -30.59 -12.77
CA ALA G 66 66.50 -30.87 -14.19
C ALA G 66 65.23 -30.63 -14.98
N VAL G 67 65.40 -30.16 -16.21
CA VAL G 67 64.32 -30.09 -17.18
C VAL G 67 64.82 -30.84 -18.40
N PHE G 68 64.01 -31.76 -18.91
CA PHE G 68 64.46 -32.67 -19.95
C PHE G 68 63.29 -33.37 -20.60
N PHE G 69 63.47 -33.85 -21.81
CA PHE G 69 62.42 -34.65 -22.42
C PHE G 69 62.67 -36.13 -22.19
N THR G 70 61.67 -36.84 -21.66
CA THR G 70 61.74 -38.31 -21.52
C THR G 70 60.30 -38.87 -21.49
N HIS G 71 60.06 -40.05 -22.06
CA HIS G 71 58.74 -40.68 -22.07
C HIS G 71 57.59 -39.78 -22.60
N HIS G 72 57.81 -39.10 -23.72
CA HIS G 72 56.79 -38.28 -24.43
C HIS G 72 56.31 -36.97 -23.75
N THR G 73 56.93 -36.56 -22.63
CA THR G 73 56.55 -35.31 -21.92
C THR G 73 57.71 -34.51 -21.31
N LEU G 74 57.48 -33.22 -21.08
CA LEU G 74 58.47 -32.38 -20.42
C LEU G 74 58.24 -32.39 -18.91
N LYS G 75 59.32 -32.29 -18.14
CA LYS G 75 59.27 -32.48 -16.72
C LYS G 75 60.30 -31.65 -16.01
N ALA G 76 59.98 -31.21 -14.80
CA ALA G 76 60.96 -30.51 -14.00
C ALA G 76 61.20 -31.29 -12.73
N SER G 77 62.48 -31.49 -12.40
CA SER G 77 62.83 -32.27 -11.24
C SER G 77 63.17 -31.31 -10.12
N PHE G 78 63.10 -31.77 -8.90
CA PHE G 78 63.38 -30.89 -7.80
C PHE G 78 64.15 -31.56 -6.68
N GLU G 79 64.93 -30.74 -5.98
CA GLU G 79 65.51 -31.14 -4.72
C GLU G 79 64.31 -31.33 -3.81
N PRO G 80 64.47 -32.13 -2.76
CA PRO G 80 63.30 -32.37 -1.91
C PRO G 80 62.90 -31.17 -1.08
N THR G 81 62.68 -30.02 -1.71
CA THR G 81 62.35 -28.83 -0.93
C THR G 81 60.87 -28.39 -1.01
N ASN G 82 60.10 -28.92 -1.96
CA ASN G 82 58.69 -28.58 -2.07
C ASN G 82 57.82 -29.76 -1.68
N HIS G 83 56.91 -29.55 -0.74
CA HIS G 83 56.17 -30.67 -0.18
C HIS G 83 54.65 -30.52 -0.16
N ILE G 84 53.96 -31.65 -0.03
CA ILE G 84 52.51 -31.70 0.25
C ILE G 84 52.22 -32.54 1.49
N ASN G 85 51.39 -32.02 2.40
CA ASN G 85 51.05 -32.76 3.60
C ASN G 85 49.60 -33.24 3.57
N TYR G 86 49.37 -34.55 3.74
CA TYR G 86 48.01 -35.07 3.74
C TYR G 86 47.80 -36.18 4.78
N ARG G 87 46.84 -35.95 5.68
CA ARG G 87 46.52 -36.85 6.80
C ARG G 87 47.70 -37.15 7.75
N GLY G 88 48.65 -36.22 7.83
CA GLY G 88 49.78 -36.35 8.74
C GLY G 88 51.04 -37.03 8.20
N HIS G 89 51.14 -37.14 6.89
CA HIS G 89 52.30 -37.71 6.21
C HIS G 89 52.72 -36.73 5.12
N ASP G 90 53.98 -36.30 5.18
CA ASP G 90 54.54 -35.39 4.16
C ASP G 90 55.00 -36.09 2.89
N TYR G 91 54.51 -35.63 1.75
CA TYR G 91 54.99 -36.15 0.49
C TYR G 91 55.75 -35.01 -0.22
N VAL G 92 56.85 -35.32 -0.87
CA VAL G 92 57.73 -34.28 -1.41
C VAL G 92 57.66 -34.18 -2.92
N LEU G 93 57.59 -32.96 -3.44
CA LEU G 93 57.59 -32.85 -4.88
C LEU G 93 58.89 -33.37 -5.45
N ASP G 94 58.72 -34.31 -6.36
CA ASP G 94 59.77 -34.95 -7.13
C ASP G 94 59.89 -34.19 -8.43
N ASN G 95 58.76 -34.05 -9.08
CA ASN G 95 58.76 -33.47 -10.39
C ASN G 95 57.45 -32.86 -10.78
N VAL G 96 57.45 -32.11 -11.87
CA VAL G 96 56.21 -31.65 -12.45
C VAL G 96 56.28 -31.89 -13.93
N HIS G 97 55.32 -32.62 -14.43
CA HIS G 97 55.33 -33.06 -15.80
C HIS G 97 54.00 -32.81 -16.43
N PHE G 98 53.90 -33.09 -17.71
CA PHE G 98 52.77 -32.59 -18.43
C PHE G 98 52.09 -33.63 -19.24
N HIS G 99 50.81 -33.40 -19.53
CA HIS G 99 50.11 -34.32 -20.40
C HIS G 99 49.26 -33.60 -21.43
N ALA G 100 49.39 -34.05 -22.67
CA ALA G 100 48.65 -33.50 -23.79
C ALA G 100 48.10 -34.61 -24.65
N PRO G 101 46.75 -34.69 -24.73
CA PRO G 101 45.84 -33.80 -24.01
C PRO G 101 45.73 -34.15 -22.53
N MET G 102 44.94 -33.40 -21.77
CA MET G 102 44.72 -33.75 -20.39
C MET G 102 44.22 -35.19 -20.30
N GLU G 103 44.78 -35.93 -19.35
CA GLU G 103 44.50 -37.35 -19.16
C GLU G 103 43.18 -37.56 -18.41
N PHE G 104 42.99 -36.77 -17.37
CA PHE G 104 41.75 -36.78 -16.62
C PHE G 104 40.75 -35.82 -17.22
N LEU G 105 39.50 -36.25 -17.28
CA LEU G 105 38.42 -35.37 -17.71
C LEU G 105 37.57 -35.04 -16.52
N ILE G 106 37.19 -33.77 -16.40
CA ILE G 106 36.25 -33.41 -15.37
C ILE G 106 34.92 -33.26 -16.07
N ASN G 107 34.10 -34.29 -15.92
CA ASN G 107 32.86 -34.42 -16.63
C ASN G 107 33.01 -34.18 -18.13
N ASN G 108 33.87 -34.97 -18.73
CA ASN G 108 34.08 -34.99 -20.17
C ASN G 108 34.54 -33.75 -20.88
N LYS G 109 34.99 -32.74 -20.17
CA LYS G 109 35.63 -31.71 -20.92
C LYS G 109 37.09 -32.05 -20.74
N THR G 110 37.78 -32.06 -21.87
CA THR G 110 39.14 -32.51 -21.95
C THR G 110 39.90 -31.22 -22.03
N ARG G 111 41.05 -31.14 -21.38
CA ARG G 111 41.79 -29.91 -21.51
C ARG G 111 42.95 -30.20 -22.41
N PRO G 112 43.34 -29.21 -23.21
CA PRO G 112 44.45 -29.49 -24.10
C PRO G 112 45.78 -29.63 -23.34
N LEU G 113 45.75 -29.58 -22.01
CA LEU G 113 46.95 -29.80 -21.22
C LEU G 113 46.64 -29.97 -19.72
N SER G 114 47.38 -30.87 -19.06
CA SER G 114 47.33 -30.99 -17.61
C SER G 114 48.74 -31.07 -17.06
N ALA G 115 48.85 -31.11 -15.74
CA ALA G 115 50.16 -31.13 -15.11
C ALA G 115 50.08 -31.89 -13.81
N HIS G 116 51.09 -32.70 -13.54
CA HIS G 116 51.08 -33.55 -12.37
C HIS G 116 52.19 -33.20 -11.39
N PHE G 117 51.81 -32.95 -10.14
CA PHE G 117 52.80 -32.67 -9.12
C PHE G 117 53.03 -33.95 -8.33
N VAL G 118 54.21 -34.53 -8.50
CA VAL G 118 54.45 -35.86 -7.95
C VAL G 118 55.13 -35.76 -6.61
N HIS G 119 54.61 -36.52 -5.65
CA HIS G 119 55.15 -36.48 -4.31
C HIS G 119 55.45 -37.86 -3.77
N LYS G 120 56.32 -37.88 -2.76
CA LYS G 120 56.87 -39.11 -2.23
C LYS G 120 57.13 -39.08 -0.74
N ASP G 121 56.73 -40.12 -0.03
CA ASP G 121 57.13 -40.21 1.37
C ASP G 121 58.41 -41.01 1.42
N ALA G 122 58.94 -41.22 2.63
CA ALA G 122 60.18 -41.95 2.79
C ALA G 122 59.99 -43.40 2.40
N LYS G 123 58.79 -43.91 2.67
CA LYS G 123 58.48 -45.31 2.52
C LYS G 123 58.32 -45.67 1.06
N GLY G 124 57.53 -44.91 0.31
CA GLY G 124 57.46 -45.09 -1.12
C GLY G 124 56.13 -44.56 -1.58
N ARG G 125 55.29 -44.23 -0.61
CA ARG G 125 53.92 -43.86 -0.92
C ARG G 125 53.81 -42.54 -1.66
N LEU G 126 52.90 -42.50 -2.60
CA LEU G 126 52.75 -41.38 -3.49
C LEU G 126 51.55 -40.53 -3.22
N LEU G 127 51.70 -39.27 -3.54
CA LEU G 127 50.59 -38.36 -3.58
C LEU G 127 50.83 -37.60 -4.83
N VAL G 128 49.99 -37.83 -5.83
CA VAL G 128 50.16 -37.08 -7.05
C VAL G 128 48.98 -36.13 -7.23
N LEU G 129 49.31 -34.98 -7.79
CA LEU G 129 48.43 -33.86 -7.87
C LEU G 129 48.30 -33.39 -9.31
N ALA G 130 47.09 -33.36 -9.84
CA ALA G 130 46.88 -32.99 -11.25
C ALA G 130 46.05 -31.71 -11.34
N ILE G 131 46.40 -30.85 -12.29
CA ILE G 131 45.68 -29.61 -12.47
C ILE G 131 45.61 -29.35 -13.98
N GLY G 132 44.52 -28.74 -14.44
CA GLY G 132 44.30 -28.57 -15.86
C GLY G 132 44.74 -27.24 -16.44
N PHE G 133 44.85 -27.15 -17.77
CA PHE G 133 45.19 -25.90 -18.43
C PHE G 133 44.25 -25.51 -19.56
N GLU G 134 43.66 -24.32 -19.46
CA GLU G 134 42.97 -23.77 -20.63
C GLU G 134 43.72 -22.53 -21.07
N GLU G 135 43.78 -22.34 -22.38
CA GLU G 135 44.48 -21.24 -22.99
C GLU G 135 43.90 -19.85 -22.76
N GLY G 136 44.78 -18.89 -22.54
CA GLY G 136 44.41 -17.52 -22.31
C GLY G 136 45.63 -16.72 -22.68
N LYS G 137 46.35 -16.15 -21.73
CA LYS G 137 47.55 -15.42 -22.08
C LYS G 137 48.70 -16.19 -21.42
N GLU G 138 49.85 -15.56 -21.25
CA GLU G 138 50.99 -16.24 -20.67
C GLU G 138 50.89 -16.47 -19.16
N ASN G 139 51.18 -17.69 -18.73
CA ASN G 139 51.31 -18.01 -17.32
C ASN G 139 52.81 -17.99 -17.05
N PRO G 140 53.27 -16.95 -16.36
CA PRO G 140 54.69 -16.66 -16.16
C PRO G 140 55.47 -17.67 -15.35
N ASN G 141 54.81 -18.58 -14.65
CA ASN G 141 55.50 -19.59 -13.84
C ASN G 141 56.06 -20.68 -14.70
N LEU G 142 55.65 -20.66 -15.97
CA LEU G 142 56.10 -21.63 -16.94
C LEU G 142 57.46 -21.24 -17.50
N ASP G 143 57.73 -19.95 -17.54
CA ASP G 143 59.00 -19.48 -18.08
C ASP G 143 60.24 -20.10 -17.45
N PRO G 144 60.26 -20.30 -16.12
CA PRO G 144 61.51 -20.93 -15.68
C PRO G 144 61.62 -22.38 -16.15
N ILE G 145 60.51 -22.93 -16.60
CA ILE G 145 60.44 -24.31 -17.06
C ILE G 145 60.32 -24.47 -18.57
N LEU G 146 59.51 -23.61 -19.18
CA LEU G 146 59.22 -23.66 -20.59
C LEU G 146 60.43 -23.32 -21.47
N GLU G 147 61.43 -22.67 -20.90
CA GLU G 147 62.66 -22.41 -21.65
C GLU G 147 63.61 -23.56 -21.48
N GLY G 148 63.30 -24.45 -20.56
CA GLY G 148 64.15 -25.59 -20.28
C GLY G 148 63.98 -26.74 -21.26
N LYS G 152 69.47 -25.65 -22.73
CA LYS G 152 69.60 -26.90 -21.98
C LYS G 152 70.07 -26.70 -20.53
N GLN G 153 70.57 -25.51 -20.21
CA GLN G 153 71.02 -25.22 -18.84
C GLN G 153 70.40 -23.99 -18.21
N ASN G 154 71.07 -23.53 -17.15
CA ASN G 154 70.76 -22.32 -16.37
C ASN G 154 69.28 -22.01 -16.20
N PHE G 155 68.57 -22.93 -15.54
CA PHE G 155 67.14 -22.76 -15.28
C PHE G 155 66.92 -21.98 -13.99
N LYS G 156 66.20 -20.87 -14.11
CA LYS G 156 65.87 -20.03 -12.96
C LYS G 156 64.81 -20.65 -12.06
N GLU G 157 64.85 -20.31 -10.77
CA GLU G 157 64.00 -20.94 -9.77
C GLU G 157 62.51 -20.75 -10.11
N VAL G 158 61.67 -21.73 -9.75
CA VAL G 158 60.24 -21.60 -10.04
C VAL G 158 59.41 -21.41 -8.79
N ALA G 159 58.57 -20.39 -8.81
CA ALA G 159 57.72 -20.12 -7.67
C ALA G 159 56.54 -21.07 -7.58
N LEU G 160 56.79 -22.27 -7.09
CA LEU G 160 55.74 -23.28 -6.98
C LEU G 160 54.69 -22.84 -5.99
N ASP G 161 55.13 -21.99 -5.08
CA ASP G 161 54.27 -21.45 -4.03
C ASP G 161 53.29 -20.39 -4.52
N ALA G 162 53.37 -20.03 -5.78
CA ALA G 162 52.52 -19.00 -6.36
C ALA G 162 51.80 -19.59 -7.54
N PHE G 163 51.88 -20.92 -7.62
CA PHE G 163 51.41 -21.70 -8.75
C PHE G 163 49.93 -22.04 -8.66
N LEU G 164 49.55 -22.59 -7.52
CA LEU G 164 48.21 -23.07 -7.33
C LEU G 164 47.29 -21.94 -6.88
N PRO G 165 45.98 -22.08 -7.15
CA PRO G 165 44.99 -21.10 -6.70
C PRO G 165 45.00 -20.95 -5.19
N LYS G 166 44.63 -19.76 -4.71
CA LYS G 166 44.64 -19.52 -3.28
C LYS G 166 43.60 -20.43 -2.65
N SER G 167 42.52 -20.64 -3.39
CA SER G 167 41.45 -21.54 -2.99
C SER G 167 41.21 -22.57 -4.07
N ILE G 168 41.07 -23.82 -3.69
CA ILE G 168 40.95 -24.88 -4.69
C ILE G 168 39.84 -25.81 -4.30
N ASN G 169 38.90 -26.00 -5.21
CA ASN G 169 37.97 -27.10 -5.13
C ASN G 169 38.65 -28.30 -5.75
N TYR G 170 38.71 -29.43 -5.06
CA TYR G 170 39.39 -30.59 -5.65
C TYR G 170 38.54 -31.83 -5.74
N TYR G 171 38.97 -32.77 -6.58
CA TYR G 171 38.41 -34.12 -6.61
C TYR G 171 39.52 -35.07 -6.21
N HIS G 172 39.17 -35.99 -5.34
CA HIS G 172 40.16 -36.80 -4.69
C HIS G 172 39.81 -38.28 -4.68
N PHE G 173 40.78 -39.12 -4.97
CA PHE G 173 40.57 -40.57 -5.04
C PHE G 173 41.89 -41.32 -5.04
N ASN G 174 41.82 -42.63 -4.78
CA ASN G 174 42.99 -43.49 -4.90
C ASN G 174 42.91 -44.18 -6.22
N GLY G 175 43.98 -44.09 -6.99
CA GLY G 175 43.99 -44.66 -8.32
C GLY G 175 45.35 -45.25 -8.60
N SER G 176 45.76 -45.10 -9.86
CA SER G 176 47.03 -45.60 -10.32
C SER G 176 47.83 -44.46 -10.93
N LEU G 177 49.09 -44.72 -11.25
CA LEU G 177 49.87 -43.79 -12.03
C LEU G 177 49.33 -43.82 -13.45
N THR G 178 49.46 -42.72 -14.17
CA THR G 178 48.86 -42.67 -15.49
C THR G 178 49.84 -43.09 -16.56
N ALA G 179 51.01 -43.52 -16.14
CA ALA G 179 52.07 -43.98 -17.06
C ALA G 179 52.69 -45.25 -16.49
N PRO G 180 53.24 -46.14 -17.35
CA PRO G 180 53.87 -47.35 -16.85
C PRO G 180 54.90 -47.05 -15.78
N PRO G 181 54.95 -47.88 -14.72
CA PRO G 181 54.31 -49.17 -14.50
C PRO G 181 52.86 -49.20 -13.98
N CYS G 182 52.16 -48.08 -13.99
CA CYS G 182 50.74 -48.03 -13.61
C CYS G 182 50.42 -48.51 -12.18
N THR G 183 51.30 -48.12 -11.24
CA THR G 183 51.25 -48.48 -9.83
C THR G 183 50.02 -47.98 -9.10
N GLU G 184 49.32 -48.85 -8.39
CA GLU G 184 48.11 -48.40 -7.68
C GLU G 184 48.33 -47.90 -6.23
N GLY G 185 47.27 -47.35 -5.62
CA GLY G 185 47.35 -46.87 -4.26
C GLY G 185 47.97 -45.49 -4.26
N VAL G 186 47.76 -44.78 -5.36
CA VAL G 186 48.32 -43.47 -5.55
C VAL G 186 47.21 -42.43 -5.35
N ALA G 187 47.44 -41.47 -4.46
CA ALA G 187 46.43 -40.47 -4.17
C ALA G 187 46.32 -39.37 -5.20
N TRP G 188 45.20 -39.33 -5.90
CA TRP G 188 45.01 -38.28 -6.87
C TRP G 188 44.14 -37.21 -6.28
N PHE G 189 44.61 -35.98 -6.36
CA PHE G 189 43.76 -34.84 -6.10
C PHE G 189 43.67 -34.09 -7.41
N VAL G 190 42.48 -33.97 -7.94
CA VAL G 190 42.34 -33.31 -9.23
C VAL G 190 41.53 -32.04 -8.96
N ILE G 191 42.14 -30.91 -9.30
CA ILE G 191 41.60 -29.58 -8.99
C ILE G 191 40.71 -29.06 -10.11
N GLU G 192 39.60 -28.40 -9.74
CA GLU G 192 38.54 -27.94 -10.65
C GLU G 192 38.92 -26.74 -11.49
N GLU G 193 39.78 -25.90 -10.94
CA GLU G 193 40.08 -24.65 -11.58
C GLU G 193 41.24 -24.81 -12.53
N PRO G 194 41.10 -24.24 -13.75
CA PRO G 194 42.13 -24.30 -14.79
C PRO G 194 43.11 -23.12 -14.71
N LEU G 195 44.35 -23.39 -15.10
CA LEU G 195 45.41 -22.39 -15.25
C LEU G 195 45.61 -21.89 -16.70
N GLU G 196 46.32 -20.78 -16.82
CA GLU G 196 46.52 -20.03 -18.07
C GLU G 196 47.63 -20.45 -19.03
N VAL G 197 47.37 -20.39 -20.33
CA VAL G 197 48.45 -20.61 -21.30
C VAL G 197 48.26 -19.88 -22.64
N SER G 198 49.26 -19.08 -23.01
CA SER G 198 49.17 -18.29 -24.23
C SER G 198 49.37 -19.12 -25.47
N ALA G 199 48.91 -18.61 -26.61
CA ALA G 199 49.15 -19.26 -27.88
C ALA G 199 50.63 -19.08 -28.16
N LYS G 200 51.20 -18.11 -27.44
CA LYS G 200 52.62 -17.84 -27.49
C LYS G 200 53.36 -18.90 -26.65
N GLN G 201 52.72 -19.40 -25.57
CA GLN G 201 53.33 -20.47 -24.75
C GLN G 201 52.93 -21.92 -25.03
N LEU G 202 51.67 -22.20 -25.33
CA LEU G 202 51.24 -23.58 -25.57
C LEU G 202 52.04 -24.25 -26.67
N ALA G 203 52.22 -23.54 -27.77
CA ALA G 203 52.97 -24.07 -28.90
C ALA G 203 54.43 -24.16 -28.47
N GLU G 204 54.81 -23.23 -27.59
CA GLU G 204 56.19 -23.08 -27.12
C GLU G 204 56.54 -24.25 -26.22
N ILE G 205 55.55 -24.80 -25.51
CA ILE G 205 55.82 -25.97 -24.70
C ILE G 205 55.69 -27.32 -25.42
N LYS G 206 54.68 -27.53 -26.26
CA LYS G 206 54.60 -28.79 -27.00
C LYS G 206 55.62 -28.95 -28.12
N LYS G 207 56.60 -28.04 -28.17
CA LYS G 207 57.66 -28.17 -29.14
C LYS G 207 58.65 -29.12 -28.50
N ARG G 208 58.50 -29.27 -27.19
CA ARG G 208 59.28 -30.21 -26.40
C ARG G 208 58.62 -31.59 -26.27
N MET G 209 57.47 -31.80 -26.91
CA MET G 209 56.89 -33.14 -26.92
C MET G 209 56.68 -33.77 -28.29
N LYS G 210 57.38 -33.27 -29.29
CA LYS G 210 57.57 -34.06 -30.50
C LYS G 210 56.32 -34.42 -31.30
N ASN G 211 55.32 -33.55 -31.31
CA ASN G 211 54.05 -33.84 -31.99
C ASN G 211 53.49 -35.23 -31.69
N SER G 212 53.75 -35.71 -30.47
CA SER G 212 53.21 -36.98 -29.99
C SER G 212 52.40 -36.74 -28.71
N PRO G 213 51.09 -37.04 -28.75
CA PRO G 213 50.15 -36.85 -27.64
C PRO G 213 50.53 -37.71 -26.43
N ASN G 214 50.83 -37.15 -25.26
CA ASN G 214 51.17 -38.04 -24.16
C ASN G 214 50.00 -38.23 -23.18
N GLN G 215 48.85 -38.63 -23.69
CA GLN G 215 47.75 -38.83 -22.80
C GLN G 215 47.38 -40.27 -22.76
N ARG G 216 47.47 -40.88 -21.59
CA ARG G 216 46.93 -42.23 -21.48
C ARG G 216 45.43 -42.13 -21.59
N PRO G 217 44.83 -42.98 -22.42
CA PRO G 217 43.37 -42.91 -22.56
C PRO G 217 42.69 -43.16 -21.22
N VAL G 218 41.45 -42.73 -21.13
CA VAL G 218 40.74 -42.88 -19.88
C VAL G 218 40.60 -44.35 -19.54
N GLN G 219 40.94 -44.69 -18.30
CA GLN G 219 40.90 -46.06 -17.82
C GLN G 219 39.55 -46.50 -17.29
N PRO G 220 39.37 -47.82 -17.12
CA PRO G 220 38.14 -48.33 -16.52
C PRO G 220 37.92 -47.87 -15.07
N ASP G 221 36.69 -47.45 -14.80
CA ASP G 221 36.28 -47.07 -13.47
C ASP G 221 35.61 -48.28 -12.88
N TYR G 222 36.07 -48.64 -11.68
CA TYR G 222 35.42 -49.68 -10.92
C TYR G 222 34.73 -49.00 -9.76
N ASN G 223 33.85 -48.06 -10.12
CA ASN G 223 33.03 -47.33 -9.20
C ASN G 223 33.90 -46.63 -8.21
N THR G 224 34.81 -45.81 -8.67
CA THR G 224 35.69 -45.14 -7.74
C THR G 224 34.98 -44.12 -6.87
N VAL G 225 35.15 -44.26 -5.57
CA VAL G 225 34.61 -43.28 -4.65
C VAL G 225 35.50 -42.05 -4.79
N ILE G 226 34.92 -40.97 -5.31
CA ILE G 226 35.61 -39.70 -5.51
C ILE G 226 34.93 -38.63 -4.62
N ILE G 227 35.70 -37.80 -3.91
CA ILE G 227 35.10 -36.72 -3.13
C ILE G 227 35.46 -35.34 -3.69
N LYS G 228 34.53 -34.39 -3.58
CA LYS G 228 34.85 -33.01 -3.90
C LYS G 228 34.86 -32.26 -2.60
N SER G 229 35.93 -31.51 -2.40
CA SER G 229 36.19 -30.77 -1.18
C SER G 229 37.06 -29.61 -1.63
N SER G 230 37.65 -28.88 -0.69
CA SER G 230 38.44 -27.71 -1.06
C SER G 230 39.60 -27.45 -0.12
N ALA G 231 40.58 -26.66 -0.55
CA ALA G 231 41.66 -26.38 0.39
C ALA G 231 42.43 -25.10 0.22
N GLU G 232 43.39 -24.96 1.13
CA GLU G 232 44.25 -23.81 1.21
C GLU G 232 45.64 -24.19 0.83
N THR G 233 46.23 -23.43 -0.07
CA THR G 233 47.55 -23.76 -0.56
C THR G 233 48.51 -23.07 0.39
N ARG G 234 48.16 -21.85 0.73
CA ARG G 234 48.93 -21.08 1.70
C ARG G 234 48.08 -20.56 2.85
N TRP H 10 43.62 -73.25 2.91
CA TRP H 10 43.99 -72.00 3.55
C TRP H 10 43.10 -71.67 4.75
N ASP H 11 43.71 -71.19 5.84
CA ASP H 11 42.94 -70.84 7.04
C ASP H 11 43.42 -69.58 7.75
N TYR H 12 42.79 -69.28 8.89
CA TYR H 12 43.03 -68.03 9.60
C TYR H 12 43.94 -68.14 10.85
N LYS H 13 44.47 -69.31 11.18
CA LYS H 13 45.32 -69.37 12.37
C LYS H 13 46.67 -68.76 12.00
N ASN H 14 47.34 -68.11 12.95
CA ASN H 14 48.62 -67.48 12.66
C ASN H 14 49.71 -68.58 12.60
N LYS H 15 49.33 -69.72 12.05
CA LYS H 15 50.13 -70.93 11.99
C LYS H 15 50.52 -71.32 10.58
N GLU H 16 49.67 -72.17 10.00
CA GLU H 16 49.97 -72.89 8.77
C GLU H 16 49.70 -72.17 7.45
N ASN H 17 48.44 -72.12 7.03
CA ASN H 17 48.07 -71.45 5.78
C ASN H 17 47.61 -70.06 6.12
N GLY H 18 48.21 -69.51 7.17
CA GLY H 18 47.74 -68.26 7.69
C GLY H 18 47.78 -67.13 6.70
N PRO H 19 46.99 -66.09 6.97
CA PRO H 19 46.80 -64.90 6.15
C PRO H 19 48.14 -64.24 5.89
N HIS H 20 49.07 -64.43 6.83
CA HIS H 20 50.40 -63.88 6.71
C HIS H 20 51.10 -64.57 5.57
N ARG H 21 50.64 -65.79 5.27
CA ARG H 21 51.15 -66.59 4.17
C ARG H 21 50.08 -66.98 3.15
N TRP H 22 48.97 -66.26 3.09
CA TRP H 22 47.99 -66.55 2.05
C TRP H 22 48.54 -66.31 0.67
N ASP H 23 49.43 -65.33 0.61
CA ASP H 23 50.13 -64.89 -0.60
C ASP H 23 51.15 -65.86 -1.22
N LYS H 24 51.83 -66.61 -0.36
CA LYS H 24 52.95 -67.41 -0.81
C LYS H 24 52.50 -68.83 -0.98
N LEU H 25 51.24 -69.04 -1.32
CA LEU H 25 50.76 -70.40 -1.53
C LEU H 25 50.48 -70.64 -3.00
N HIS H 26 49.82 -69.68 -3.62
CA HIS H 26 49.51 -69.77 -5.02
C HIS H 26 49.92 -68.47 -5.67
N LYS H 27 49.98 -68.45 -6.99
CA LYS H 27 50.26 -67.22 -7.70
C LYS H 27 48.95 -66.54 -8.04
N ASP H 28 47.84 -67.25 -7.83
CA ASP H 28 46.49 -66.69 -7.99
C ASP H 28 46.09 -65.71 -6.89
N PHE H 29 46.74 -65.88 -5.74
CA PHE H 29 46.50 -65.10 -4.52
C PHE H 29 47.49 -63.96 -4.49
N GLU H 30 47.93 -63.58 -5.68
CA GLU H 30 48.98 -62.60 -5.85
C GLU H 30 48.58 -61.25 -5.31
N VAL H 31 47.29 -60.94 -5.39
CA VAL H 31 46.79 -59.65 -4.96
C VAL H 31 46.62 -59.47 -3.46
N CYS H 32 46.56 -60.56 -2.69
CA CYS H 32 46.36 -60.46 -1.25
C CYS H 32 47.47 -59.72 -0.48
N LYS H 33 48.60 -59.50 -1.14
CA LYS H 33 49.72 -58.80 -0.52
C LYS H 33 50.09 -57.60 -1.34
N SER H 34 49.96 -57.76 -2.65
CA SER H 34 50.40 -56.77 -3.62
C SER H 34 49.33 -55.73 -3.85
N GLY H 35 48.11 -56.04 -3.43
CA GLY H 35 46.98 -55.15 -3.60
C GLY H 35 47.11 -53.92 -2.72
N LYS H 36 46.66 -52.80 -3.25
CA LYS H 36 46.76 -51.52 -2.55
C LYS H 36 45.42 -51.16 -1.91
N SER H 37 44.38 -51.91 -2.28
CA SER H 37 43.02 -51.70 -1.78
C SER H 37 42.49 -52.97 -1.13
N GLN H 38 43.26 -53.50 -0.20
CA GLN H 38 42.95 -54.78 0.40
C GLN H 38 42.11 -54.56 1.64
N SER H 39 41.12 -55.42 1.79
CA SER H 39 40.16 -55.37 2.87
C SER H 39 40.34 -56.56 3.79
N PRO H 40 39.94 -56.42 5.06
CA PRO H 40 39.23 -55.31 5.69
C PRO H 40 40.14 -54.29 6.30
N ILE H 41 39.54 -53.17 6.72
CA ILE H 41 40.24 -52.08 7.39
C ILE H 41 39.40 -51.36 8.46
N ASN H 42 40.07 -50.53 9.26
CA ASN H 42 39.38 -49.71 10.26
C ASN H 42 38.96 -48.38 9.68
N ILE H 43 37.67 -48.16 9.73
CA ILE H 43 37.07 -46.94 9.22
C ILE H 43 37.26 -45.84 10.28
N GLU H 44 38.25 -44.97 10.05
CA GLU H 44 38.64 -43.97 11.03
C GLU H 44 38.78 -42.58 10.40
N HIS H 45 38.97 -42.53 9.09
CA HIS H 45 38.97 -41.25 8.41
C HIS H 45 37.92 -41.41 7.35
N TYR H 46 37.08 -40.38 7.23
CA TYR H 46 35.75 -40.46 6.65
C TYR H 46 35.33 -39.13 6.05
N TYR H 47 34.53 -39.17 4.99
CA TYR H 47 34.03 -37.94 4.38
C TYR H 47 32.49 -37.88 4.48
N HIS H 48 31.98 -36.83 5.10
CA HIS H 48 30.55 -36.72 5.29
C HIS H 48 29.93 -36.19 4.04
N THR H 49 28.77 -36.73 3.67
CA THR H 49 28.13 -36.30 2.43
C THR H 49 26.64 -36.35 2.35
N GLN H 50 26.14 -36.01 1.16
CA GLN H 50 24.71 -36.01 0.89
C GLN H 50 24.23 -37.45 0.89
N ASP H 51 22.99 -37.64 0.48
CA ASP H 51 22.36 -38.93 0.64
C ASP H 51 21.94 -39.50 -0.68
N LYS H 52 22.02 -38.68 -1.74
CA LYS H 52 21.71 -39.21 -3.05
C LYS H 52 22.73 -40.28 -3.32
N ALA H 53 22.37 -41.51 -2.97
CA ALA H 53 23.24 -42.66 -3.12
C ALA H 53 23.02 -43.40 -4.41
N ASP H 54 21.89 -43.17 -5.06
CA ASP H 54 21.51 -43.88 -6.28
C ASP H 54 21.35 -45.37 -5.99
N LEU H 55 21.26 -45.70 -4.70
CA LEU H 55 21.14 -47.07 -4.19
C LEU H 55 19.67 -47.49 -4.01
N GLN H 56 19.22 -48.53 -4.72
CA GLN H 56 17.85 -49.04 -4.59
C GLN H 56 17.77 -50.57 -4.46
N PHE H 57 16.74 -51.10 -3.81
CA PHE H 57 16.60 -52.55 -3.58
C PHE H 57 15.43 -53.22 -4.29
N LYS H 58 15.71 -54.32 -4.98
CA LYS H 58 14.65 -55.15 -5.54
C LYS H 58 14.60 -56.50 -4.83
N TYR H 59 14.46 -56.48 -3.51
CA TYR H 59 14.48 -57.71 -2.72
C TYR H 59 13.19 -58.51 -2.61
N ALA H 60 13.35 -59.80 -2.34
CA ALA H 60 12.25 -60.74 -2.08
C ALA H 60 12.72 -61.91 -1.22
N ALA H 61 11.76 -62.60 -0.61
CA ALA H 61 11.99 -63.84 0.12
C ALA H 61 12.45 -64.93 -0.82
N SER H 62 13.58 -65.55 -0.56
CA SER H 62 14.14 -66.48 -1.52
C SER H 62 14.54 -67.80 -0.89
N LYS H 63 14.39 -68.87 -1.67
CA LYS H 63 14.90 -70.20 -1.31
C LYS H 63 16.38 -70.40 -1.65
N PRO H 64 17.19 -70.80 -0.66
CA PRO H 64 18.61 -71.15 -0.84
C PRO H 64 18.72 -72.26 -1.85
N LYS H 65 19.68 -72.20 -2.77
CA LYS H 65 19.83 -73.34 -3.65
C LYS H 65 20.36 -74.48 -2.80
N ALA H 66 21.23 -74.11 -1.87
CA ALA H 66 21.83 -75.04 -0.93
C ALA H 66 22.41 -74.22 0.21
N VAL H 67 22.52 -74.83 1.39
CA VAL H 67 23.25 -74.20 2.47
C VAL H 67 24.36 -75.14 2.97
N PHE H 68 25.55 -74.59 3.19
CA PHE H 68 26.73 -75.39 3.52
C PHE H 68 27.90 -74.58 4.11
N PHE H 69 28.79 -75.27 4.83
CA PHE H 69 30.03 -74.67 5.34
C PHE H 69 31.17 -74.94 4.36
N THR H 70 31.89 -73.90 3.96
CA THR H 70 33.06 -74.10 3.12
C THR H 70 34.03 -72.98 3.39
N HIS H 71 35.30 -73.31 3.43
CA HIS H 71 36.34 -72.31 3.58
C HIS H 71 36.05 -71.31 4.71
N HIS H 72 35.76 -71.91 5.87
CA HIS H 72 35.64 -71.27 7.19
C HIS H 72 34.42 -70.40 7.51
N THR H 73 33.40 -70.43 6.67
CA THR H 73 32.22 -69.62 6.92
C THR H 73 30.92 -70.33 6.60
N LEU H 74 29.84 -69.84 7.18
CA LEU H 74 28.52 -70.36 6.88
C LEU H 74 27.94 -69.55 5.71
N LYS H 75 27.25 -70.20 4.76
CA LYS H 75 26.81 -69.43 3.59
C LYS H 75 25.55 -69.97 2.92
N ALA H 76 24.75 -69.07 2.37
CA ALA H 76 23.56 -69.44 1.62
C ALA H 76 23.63 -68.94 0.20
N SER H 77 23.27 -69.82 -0.72
CA SER H 77 23.31 -69.49 -2.14
C SER H 77 21.92 -69.15 -2.63
N PHE H 78 21.83 -68.40 -3.72
CA PHE H 78 20.52 -68.02 -4.20
C PHE H 78 20.31 -68.04 -5.67
N GLU H 79 19.10 -68.38 -6.06
CA GLU H 79 18.73 -68.16 -7.42
C GLU H 79 18.70 -66.65 -7.58
N PRO H 80 18.94 -66.16 -8.80
CA PRO H 80 19.05 -64.73 -9.11
C PRO H 80 17.76 -63.90 -9.10
N THR H 81 16.98 -63.89 -8.02
CA THR H 81 15.71 -63.17 -8.05
C THR H 81 15.85 -61.83 -7.34
N ASN H 82 16.98 -61.64 -6.68
CA ASN H 82 17.19 -60.42 -5.92
C ASN H 82 18.25 -59.54 -6.60
N HIS H 83 17.93 -58.27 -6.80
CA HIS H 83 18.80 -57.34 -7.54
C HIS H 83 19.17 -56.16 -6.64
N ILE H 84 20.27 -55.47 -6.95
CA ILE H 84 20.52 -54.16 -6.35
C ILE H 84 20.99 -53.17 -7.43
N ASN H 85 20.40 -51.99 -7.47
CA ASN H 85 20.82 -50.99 -8.43
C ASN H 85 21.55 -49.82 -7.80
N TYR H 86 22.77 -49.55 -8.28
CA TYR H 86 23.56 -48.43 -7.77
C TYR H 86 24.22 -47.68 -8.91
N ARG H 87 23.86 -46.39 -8.99
CA ARG H 87 24.29 -45.49 -10.04
C ARG H 87 23.93 -46.00 -11.43
N GLY H 88 22.82 -46.74 -11.52
CA GLY H 88 22.30 -47.21 -12.79
C GLY H 88 22.75 -48.57 -13.27
N HIS H 89 23.16 -49.43 -12.34
CA HIS H 89 23.66 -50.76 -12.67
C HIS H 89 22.96 -51.83 -11.83
N ASP H 90 22.35 -52.82 -12.47
CA ASP H 90 21.73 -53.88 -11.71
C ASP H 90 22.81 -54.84 -11.23
N TYR H 91 22.88 -55.03 -9.92
CA TYR H 91 23.76 -56.03 -9.35
C TYR H 91 22.87 -57.14 -8.82
N VAL H 92 23.24 -58.39 -8.97
CA VAL H 92 22.33 -59.46 -8.55
C VAL H 92 22.87 -60.17 -7.31
N LEU H 93 22.00 -60.39 -6.35
CA LEU H 93 22.42 -61.10 -5.17
C LEU H 93 22.79 -62.53 -5.55
N ASP H 94 24.03 -62.88 -5.25
CA ASP H 94 24.53 -64.22 -5.49
C ASP H 94 24.43 -65.04 -4.19
N ASN H 95 24.98 -64.53 -3.09
CA ASN H 95 24.96 -65.29 -1.86
C ASN H 95 25.08 -64.40 -0.65
N VAL H 96 24.91 -65.02 0.51
CA VAL H 96 25.24 -64.38 1.77
C VAL H 96 26.01 -65.34 2.63
N HIS H 97 27.14 -64.88 3.13
CA HIS H 97 27.97 -65.70 3.95
C HIS H 97 28.28 -64.83 5.13
N PHE H 98 28.96 -65.39 6.12
CA PHE H 98 29.14 -64.78 7.44
C PHE H 98 30.56 -64.74 7.86
N HIS H 99 30.83 -63.85 8.79
CA HIS H 99 32.15 -63.77 9.38
C HIS H 99 31.96 -63.59 10.86
N ALA H 100 32.73 -64.31 11.65
CA ALA H 100 32.68 -64.14 13.09
C ALA H 100 34.11 -64.14 13.63
N PRO H 101 34.58 -63.00 14.18
CA PRO H 101 33.82 -61.76 14.30
C PRO H 101 33.60 -61.01 12.98
N MET H 102 32.87 -59.90 13.08
CA MET H 102 32.67 -58.99 11.97
C MET H 102 34.03 -58.54 11.47
N GLU H 103 34.21 -58.54 10.15
CA GLU H 103 35.51 -58.25 9.52
C GLU H 103 35.92 -56.78 9.45
N PHE H 104 35.00 -55.88 9.09
CA PHE H 104 35.32 -54.45 9.05
C PHE H 104 35.08 -53.73 10.38
N LEU H 105 36.04 -52.93 10.79
CA LEU H 105 35.95 -52.18 12.03
C LEU H 105 35.76 -50.70 11.82
N ILE H 106 34.84 -50.15 12.60
CA ILE H 106 34.51 -48.75 12.53
C ILE H 106 35.06 -48.00 13.73
N ASN H 107 36.09 -47.19 13.48
CA ASN H 107 36.85 -46.53 14.54
C ASN H 107 37.15 -47.60 15.57
N ASN H 108 37.69 -48.69 15.03
CA ASN H 108 38.11 -49.89 15.75
C ASN H 108 37.05 -50.74 16.47
N LYS H 109 35.77 -50.62 16.15
CA LYS H 109 34.83 -51.54 16.77
C LYS H 109 34.32 -52.70 15.95
N THR H 110 34.40 -53.88 16.55
CA THR H 110 34.07 -55.16 15.93
C THR H 110 32.80 -55.74 16.56
N ARG H 111 32.00 -56.39 15.74
CA ARG H 111 30.82 -57.09 16.17
C ARG H 111 31.12 -58.58 16.14
N PRO H 112 30.51 -59.34 17.06
CA PRO H 112 30.81 -60.77 17.15
C PRO H 112 30.29 -61.58 15.97
N LEU H 113 29.75 -60.92 14.96
CA LEU H 113 29.29 -61.61 13.75
C LEU H 113 28.98 -60.61 12.68
N SER H 114 29.24 -60.99 11.43
CA SER H 114 28.80 -60.24 10.27
C SER H 114 28.24 -61.18 9.21
N ALA H 115 27.75 -60.61 8.12
CA ALA H 115 27.21 -61.38 6.99
C ALA H 115 27.47 -60.63 5.71
N HIS H 116 27.84 -61.32 4.65
CA HIS H 116 28.19 -60.62 3.42
C HIS H 116 27.32 -60.95 2.20
N PHE H 117 26.72 -59.92 1.64
CA PHE H 117 25.83 -60.06 0.49
C PHE H 117 26.51 -59.69 -0.82
N VAL H 118 26.78 -60.72 -1.61
CA VAL H 118 27.62 -60.60 -2.79
C VAL H 118 26.81 -60.44 -4.08
N HIS H 119 27.16 -59.45 -4.89
CA HIS H 119 26.43 -59.18 -6.11
C HIS H 119 27.33 -59.04 -7.30
N LYS H 120 26.76 -59.20 -8.49
CA LYS H 120 27.56 -59.06 -9.72
C LYS H 120 26.73 -58.43 -10.83
N ASP H 121 27.32 -57.44 -11.50
CA ASP H 121 26.65 -56.79 -12.64
C ASP H 121 27.00 -57.45 -13.97
N ALA H 122 26.45 -56.89 -15.05
CA ALA H 122 26.58 -57.49 -16.37
C ALA H 122 28.04 -57.58 -16.84
N LYS H 123 28.83 -56.55 -16.54
CA LYS H 123 30.22 -56.54 -16.95
C LYS H 123 31.14 -57.27 -15.97
N GLY H 124 30.61 -57.73 -14.83
CA GLY H 124 31.39 -58.52 -13.89
C GLY H 124 31.81 -57.90 -12.55
N ARG H 125 31.50 -56.62 -12.36
CA ARG H 125 31.96 -55.82 -11.24
C ARG H 125 31.33 -56.30 -9.91
N LEU H 126 32.06 -56.20 -8.81
CA LEU H 126 31.58 -56.74 -7.53
C LEU H 126 31.08 -55.72 -6.54
N LEU H 127 30.08 -56.15 -5.78
CA LEU H 127 29.48 -55.36 -4.71
C LEU H 127 29.19 -56.23 -3.52
N VAL H 128 29.89 -55.99 -2.43
CA VAL H 128 29.59 -56.82 -1.29
C VAL H 128 28.97 -55.99 -0.21
N LEU H 129 28.07 -56.63 0.49
CA LEU H 129 27.26 -55.95 1.46
C LEU H 129 27.42 -56.60 2.82
N ALA H 130 27.90 -55.80 3.78
CA ALA H 130 28.24 -56.25 5.13
C ALA H 130 27.42 -55.55 6.21
N ILE H 131 27.00 -56.29 7.24
CA ILE H 131 26.23 -55.72 8.35
C ILE H 131 26.60 -56.36 9.71
N GLY H 132 26.50 -55.60 10.79
CA GLY H 132 26.93 -56.12 12.07
C GLY H 132 25.82 -56.80 12.80
N PHE H 133 26.17 -57.58 13.82
CA PHE H 133 25.23 -58.23 14.72
C PHE H 133 25.67 -57.96 16.14
N GLU H 134 24.80 -57.47 17.00
CA GLU H 134 25.21 -57.52 18.39
C GLU H 134 24.31 -58.55 19.08
N GLU H 135 24.85 -59.21 20.11
CA GLU H 135 24.11 -60.21 20.83
C GLU H 135 22.89 -59.54 21.48
N GLY H 136 21.75 -60.18 21.42
CA GLY H 136 20.55 -59.58 21.96
C GLY H 136 19.36 -60.46 21.70
N LYS H 137 18.54 -60.08 20.74
CA LYS H 137 17.33 -60.83 20.45
C LYS H 137 17.55 -61.77 19.26
N GLU H 138 16.69 -62.77 19.12
CA GLU H 138 16.80 -63.73 18.04
C GLU H 138 16.41 -63.05 16.76
N ASN H 139 17.20 -63.24 15.70
CA ASN H 139 16.85 -62.71 14.40
C ASN H 139 16.23 -63.84 13.60
N PRO H 140 14.92 -63.75 13.35
CA PRO H 140 14.10 -64.78 12.70
C PRO H 140 14.52 -64.98 11.26
N ASN H 141 15.36 -64.10 10.77
CA ASN H 141 15.89 -64.21 9.44
C ASN H 141 17.01 -65.24 9.41
N LEU H 142 17.49 -65.57 10.59
CA LEU H 142 18.53 -66.56 10.78
C LEU H 142 17.85 -67.91 10.85
N ASP H 143 16.62 -67.92 11.35
CA ASP H 143 15.87 -69.16 11.49
C ASP H 143 15.74 -69.96 10.20
N PRO H 144 15.53 -69.29 9.04
CA PRO H 144 15.47 -70.17 7.86
C PRO H 144 16.81 -70.86 7.52
N ILE H 145 17.90 -70.45 8.19
CA ILE H 145 19.21 -70.99 7.86
C ILE H 145 19.78 -72.07 8.79
N LEU H 146 19.75 -71.87 10.11
CA LEU H 146 20.29 -72.90 10.98
C LEU H 146 19.43 -74.14 11.08
N GLU H 147 18.14 -74.04 10.77
CA GLU H 147 17.37 -75.27 10.73
C GLU H 147 17.38 -75.72 9.28
N GLY H 148 17.80 -74.81 8.42
CA GLY H 148 17.83 -75.07 7.00
C GLY H 148 19.08 -75.83 6.61
N ILE H 149 19.97 -76.04 7.58
CA ILE H 149 21.26 -76.67 7.34
C ILE H 149 21.28 -78.16 7.64
N GLN H 150 20.24 -78.65 8.29
CA GLN H 150 20.18 -80.06 8.65
C GLN H 150 19.71 -80.95 7.52
N LYS H 151 19.38 -80.34 6.39
CA LYS H 151 18.92 -81.05 5.21
C LYS H 151 19.30 -80.26 3.98
N LYS H 152 19.43 -80.88 2.82
CA LYS H 152 19.68 -80.08 1.63
C LYS H 152 18.44 -79.93 0.74
N GLN H 153 17.25 -80.21 1.27
CA GLN H 153 16.05 -79.93 0.48
C GLN H 153 14.95 -79.28 1.30
N ASN H 154 14.06 -78.61 0.57
CA ASN H 154 12.98 -77.84 1.14
C ASN H 154 13.55 -76.87 2.18
N PHE H 155 14.28 -75.86 1.70
CA PHE H 155 14.83 -74.78 2.53
C PHE H 155 13.76 -73.69 2.68
N LYS H 156 13.39 -73.29 3.89
CA LYS H 156 12.41 -72.21 3.99
C LYS H 156 12.99 -70.86 3.60
N GLU H 157 12.11 -70.00 3.09
CA GLU H 157 12.43 -68.70 2.52
C GLU H 157 13.12 -67.80 3.55
N VAL H 158 13.97 -66.91 3.06
CA VAL H 158 14.60 -65.94 3.93
C VAL H 158 14.12 -64.53 3.62
N ALA H 159 13.70 -63.81 4.65
CA ALA H 159 13.20 -62.44 4.49
C ALA H 159 14.30 -61.39 4.31
N LEU H 160 14.81 -61.31 3.09
CA LEU H 160 15.88 -60.39 2.72
C LEU H 160 15.33 -58.96 2.84
N ASP H 161 14.04 -58.86 2.59
CA ASP H 161 13.32 -57.62 2.71
C ASP H 161 13.03 -57.26 4.17
N ALA H 162 13.33 -58.17 5.07
CA ALA H 162 13.05 -57.94 6.48
C ALA H 162 14.30 -58.11 7.27
N PHE H 163 15.40 -58.18 6.56
CA PHE H 163 16.69 -58.43 7.16
C PHE H 163 17.32 -57.15 7.70
N LEU H 164 17.45 -56.20 6.79
CA LEU H 164 18.16 -54.97 7.03
C LEU H 164 17.27 -53.92 7.66
N PRO H 165 17.89 -52.93 8.34
CA PRO H 165 17.14 -51.83 8.94
C PRO H 165 16.37 -51.09 7.85
N LYS H 166 15.25 -50.48 8.15
CA LYS H 166 14.58 -49.78 7.08
C LYS H 166 15.44 -48.63 6.67
N SER H 167 16.14 -48.07 7.66
CA SER H 167 16.99 -46.91 7.44
C SER H 167 18.41 -47.19 7.84
N ILE H 168 19.34 -46.78 7.00
CA ILE H 168 20.72 -47.09 7.23
C ILE H 168 21.67 -45.93 6.99
N ASN H 169 22.54 -45.67 7.95
CA ASN H 169 23.78 -44.93 7.63
C ASN H 169 24.84 -45.99 7.28
N TYR H 170 25.51 -45.81 6.14
CA TYR H 170 26.50 -46.77 5.64
C TYR H 170 27.83 -46.11 5.37
N TYR H 171 28.86 -46.93 5.19
CA TYR H 171 30.14 -46.46 4.69
C TYR H 171 30.51 -47.05 3.32
N HIS H 172 31.06 -46.20 2.47
CA HIS H 172 31.26 -46.59 1.10
C HIS H 172 32.68 -46.23 0.67
N PHE H 173 33.34 -47.19 0.01
CA PHE H 173 34.74 -47.08 -0.40
C PHE H 173 35.07 -48.23 -1.33
N ASN H 174 36.20 -48.16 -2.02
CA ASN H 174 36.65 -49.31 -2.85
C ASN H 174 37.69 -50.15 -2.13
N GLY H 175 37.46 -51.46 -2.10
CA GLY H 175 38.38 -52.35 -1.41
C GLY H 175 38.55 -53.66 -2.14
N SER H 176 38.83 -54.70 -1.38
CA SER H 176 39.04 -56.02 -1.93
C SER H 176 38.09 -57.00 -1.28
N LEU H 177 38.12 -58.23 -1.76
CA LEU H 177 37.47 -59.32 -1.07
C LEU H 177 38.26 -59.58 0.19
N THR H 178 37.63 -60.11 1.22
CA THR H 178 38.33 -60.34 2.46
C THR H 178 38.81 -61.77 2.59
N ALA H 179 38.66 -62.56 1.55
CA ALA H 179 39.14 -63.92 1.55
C ALA H 179 39.78 -64.25 0.19
N PRO H 180 40.76 -65.18 0.16
CA PRO H 180 41.43 -65.61 -1.08
C PRO H 180 40.49 -66.11 -2.19
N PRO H 181 40.71 -65.69 -3.46
CA PRO H 181 41.81 -64.97 -4.12
C PRO H 181 41.88 -63.42 -4.00
N CYS H 182 41.10 -62.83 -3.11
CA CYS H 182 41.25 -61.41 -2.75
C CYS H 182 41.16 -60.43 -3.90
N THR H 183 40.26 -60.70 -4.84
CA THR H 183 40.19 -59.85 -6.00
C THR H 183 39.79 -58.43 -5.60
N GLU H 184 40.52 -57.45 -6.11
CA GLU H 184 40.21 -56.07 -5.80
C GLU H 184 39.24 -55.38 -6.75
N GLY H 185 38.95 -54.11 -6.46
CA GLY H 185 38.03 -53.33 -7.26
C GLY H 185 36.63 -53.60 -6.78
N VAL H 186 36.51 -53.84 -5.48
CA VAL H 186 35.23 -54.21 -4.93
C VAL H 186 34.59 -53.05 -4.21
N ALA H 187 33.37 -52.75 -4.61
CA ALA H 187 32.63 -51.69 -3.95
C ALA H 187 32.00 -52.25 -2.68
N TRP H 188 32.49 -51.73 -1.57
CA TRP H 188 31.99 -52.12 -0.28
C TRP H 188 31.06 -51.05 0.28
N PHE H 189 29.87 -51.48 0.66
CA PHE H 189 28.97 -50.69 1.49
C PHE H 189 28.80 -51.41 2.81
N VAL H 190 29.20 -50.77 3.89
CA VAL H 190 29.13 -51.36 5.24
C VAL H 190 28.24 -50.63 6.27
N ILE H 191 27.27 -51.34 6.80
CA ILE H 191 26.29 -50.76 7.69
C ILE H 191 26.74 -50.77 9.14
N GLU H 192 26.59 -49.62 9.77
CA GLU H 192 27.01 -49.41 11.14
C GLU H 192 26.03 -50.09 12.05
N GLU H 193 24.84 -50.35 11.53
CA GLU H 193 23.84 -50.84 12.42
C GLU H 193 23.88 -52.32 12.55
N PRO H 194 23.88 -52.78 13.80
CA PRO H 194 23.93 -54.19 14.07
C PRO H 194 22.53 -54.68 14.09
N LEU H 195 22.35 -55.90 13.63
CA LEU H 195 21.07 -56.50 13.74
C LEU H 195 21.04 -57.25 15.02
N GLU H 196 19.93 -57.94 15.21
CA GLU H 196 19.64 -58.67 16.41
C GLU H 196 20.19 -60.06 16.25
N VAL H 197 20.81 -60.62 17.29
CA VAL H 197 21.20 -62.02 17.26
C VAL H 197 21.25 -62.54 18.68
N SER H 198 20.62 -63.68 18.91
CA SER H 198 20.51 -64.23 20.27
C SER H 198 21.79 -64.83 20.78
N ALA H 199 21.86 -64.99 22.09
CA ALA H 199 23.02 -65.61 22.70
C ALA H 199 23.11 -67.10 22.36
N LYS H 200 21.97 -67.73 22.08
CA LYS H 200 21.98 -69.13 21.65
C LYS H 200 22.31 -69.27 20.18
N GLN H 201 22.00 -68.27 19.36
CA GLN H 201 22.32 -68.44 17.95
C GLN H 201 23.78 -68.15 17.78
N LEU H 202 24.24 -67.11 18.44
CA LEU H 202 25.63 -66.69 18.36
C LEU H 202 26.52 -67.89 18.75
N ALA H 203 26.09 -68.61 19.79
CA ALA H 203 26.87 -69.73 20.30
C ALA H 203 26.92 -70.91 19.33
N GLU H 204 25.79 -71.15 18.66
CA GLU H 204 25.63 -72.31 17.79
C GLU H 204 26.27 -72.18 16.40
N ILE H 205 26.40 -70.95 15.92
CA ILE H 205 26.94 -70.72 14.58
C ILE H 205 28.41 -71.03 14.60
N LYS H 206 29.07 -70.75 15.72
CA LYS H 206 30.50 -71.01 15.76
C LYS H 206 30.72 -72.51 15.71
N LYS H 207 29.70 -73.27 16.09
CA LYS H 207 29.80 -74.71 16.00
C LYS H 207 29.60 -75.08 14.54
N ARG H 208 28.99 -74.19 13.77
CA ARG H 208 28.90 -74.36 12.34
C ARG H 208 30.14 -73.74 11.72
N MET H 209 30.96 -73.12 12.57
CA MET H 209 32.25 -72.57 12.15
C MET H 209 33.38 -73.12 12.98
N LYS H 210 33.06 -74.20 13.69
CA LYS H 210 34.01 -75.04 14.41
C LYS H 210 34.61 -74.18 15.50
N ASN H 211 33.84 -73.20 15.95
CA ASN H 211 34.30 -72.22 16.93
C ASN H 211 35.67 -71.69 16.58
N SER H 212 35.87 -71.61 15.26
CA SER H 212 37.09 -71.13 14.63
C SER H 212 36.83 -69.87 13.83
N PRO H 213 37.48 -68.77 14.22
CA PRO H 213 37.39 -67.39 13.71
C PRO H 213 37.82 -67.12 12.27
N ASN H 214 36.87 -66.75 11.39
CA ASN H 214 37.20 -66.35 10.02
C ASN H 214 37.08 -64.84 9.84
N GLN H 215 37.83 -64.15 10.64
CA GLN H 215 37.90 -62.71 10.62
C GLN H 215 39.23 -62.41 9.99
N ARG H 216 39.21 -61.83 8.79
CA ARG H 216 40.47 -61.42 8.22
C ARG H 216 41.00 -60.18 8.95
N PRO H 217 42.30 -60.22 9.30
CA PRO H 217 42.98 -59.08 9.92
C PRO H 217 43.01 -57.85 9.05
N VAL H 218 43.17 -56.70 9.69
CA VAL H 218 43.23 -55.44 8.99
C VAL H 218 44.45 -55.40 8.09
N GLN H 219 44.22 -55.05 6.84
CA GLN H 219 45.29 -54.98 5.86
C GLN H 219 45.91 -53.59 5.93
N PRO H 220 47.06 -53.37 5.26
CA PRO H 220 47.65 -52.02 5.30
C PRO H 220 46.72 -50.98 4.71
N ASP H 221 46.63 -49.82 5.36
CA ASP H 221 45.77 -48.77 4.85
C ASP H 221 46.63 -47.79 4.04
N TYR H 222 46.21 -47.57 2.79
CA TYR H 222 46.85 -46.60 1.90
C TYR H 222 45.92 -45.41 1.75
N ASN H 223 45.53 -44.88 2.89
CA ASN H 223 44.71 -43.68 2.96
C ASN H 223 43.50 -43.93 2.11
N THR H 224 42.76 -44.98 2.42
CA THR H 224 41.61 -45.32 1.62
C THR H 224 40.53 -44.25 1.81
N VAL H 225 40.08 -43.72 0.69
CA VAL H 225 39.03 -42.72 0.64
C VAL H 225 37.63 -43.33 0.87
N ILE H 226 37.03 -43.00 2.02
CA ILE H 226 35.72 -43.49 2.40
C ILE H 226 34.69 -42.38 2.61
N ILE H 227 33.47 -42.56 2.13
CA ILE H 227 32.41 -41.56 2.39
C ILE H 227 31.38 -42.14 3.33
N LYS H 228 30.80 -41.29 4.16
CA LYS H 228 29.69 -41.71 5.02
C LYS H 228 28.38 -41.13 4.52
N SER H 229 27.38 -41.98 4.34
CA SER H 229 26.11 -41.55 3.81
C SER H 229 25.00 -42.44 4.34
N SER H 230 23.80 -42.27 3.79
CA SER H 230 22.64 -43.00 4.26
C SER H 230 21.62 -43.28 3.16
N ALA H 231 20.76 -44.26 3.39
CA ALA H 231 19.68 -44.62 2.47
C ALA H 231 18.52 -45.43 3.09
N GLU H 232 17.57 -45.81 2.22
CA GLU H 232 16.38 -46.57 2.58
C GLU H 232 16.44 -47.98 2.00
N THR H 233 16.24 -48.98 2.84
CA THR H 233 16.40 -50.38 2.42
C THR H 233 15.13 -51.02 1.87
N ARG H 234 14.03 -50.74 2.55
CA ARG H 234 12.72 -51.21 2.10
C ARG H 234 11.85 -49.99 1.93
#